data_1J1Z
#
_entry.id   1J1Z
#
_cell.length_a   229.33
_cell.length_b   229.33
_cell.length_c   159.26
_cell.angle_alpha   90
_cell.angle_beta   90
_cell.angle_gamma   120
#
_symmetry.space_group_name_H-M   'H 3'
#
loop_
_entity.id
_entity.type
_entity.pdbx_description
1 polymer 'Argininosuccinate Synthetase'
2 non-polymer "ADENOSINE-5'-TRIPHOSPHATE"
3 non-polymer CITRULLINE
4 non-polymer 'ASPARTIC ACID'
5 water water
#
_entity_poly.entity_id   1
_entity_poly.type   'polypeptide(L)'
_entity_poly.pdbx_seq_one_letter_code
;MKIVLAYSGGLDTSIILKWLKETYRAEVIAFTADIGQGEEVEEAREKALRTGASKAIALDLKEEFVRDFVFPMMRAGAVY
EGYYLLGTSIARPLIAKHLVRIAEEEGAEAIAHGATGKGNDQVRFELTAYALKPDIKVIAPWREWSFQGRKEMIAYAEAH
GIPVPVTQEKPYSMDANLLHISYEGGVLEDPWAEPPKGMFRMTQDPEEAPDAPEYVEVEFFEGDPVAVNGERLSPAALLQ
RLNEIGGRHGVGRVDIVENRFVGMKSRGVYETPGGTILYHARRAVESLTLDREVLHQRDMLSPKYAELVYYGFWYAPERE
ALQAYFDHVARSVTGVARLKLYKGNVYVVGRKAPKSLYRQDLVSFDEAGGYDQKDAEGFIKIQALRLRVRALVEREGHGA
;
_entity_poly.pdbx_strand_id   A,B,C,D
#
# COMPACT_ATOMS: atom_id res chain seq x y z
N MET A 1 -22.50 36.74 -23.97
CA MET A 1 -21.68 35.67 -23.33
C MET A 1 -20.30 36.18 -22.94
N LYS A 2 -19.83 35.76 -21.77
CA LYS A 2 -18.52 36.15 -21.28
C LYS A 2 -17.66 34.92 -21.04
N ILE A 3 -16.39 34.99 -21.41
CA ILE A 3 -15.49 33.88 -21.21
C ILE A 3 -14.23 34.38 -20.51
N VAL A 4 -13.84 33.71 -19.44
CA VAL A 4 -12.63 34.06 -18.70
C VAL A 4 -11.50 33.19 -19.22
N LEU A 5 -10.54 33.82 -19.87
CA LEU A 5 -9.40 33.11 -20.43
C LEU A 5 -8.13 33.17 -19.59
N ALA A 6 -7.50 32.01 -19.41
CA ALA A 6 -6.25 31.93 -18.68
C ALA A 6 -5.28 32.40 -19.75
N TYR A 7 -4.89 33.67 -19.67
CA TYR A 7 -4.02 34.29 -20.66
C TYR A 7 -2.58 34.42 -20.17
N SER A 8 -1.69 33.68 -20.81
CA SER A 8 -0.27 33.70 -20.44
C SER A 8 0.50 34.79 -21.19
N GLY A 9 -0.19 35.46 -22.13
CA GLY A 9 0.44 36.53 -22.88
C GLY A 9 1.21 36.11 -24.11
N GLY A 10 1.34 34.81 -24.33
CA GLY A 10 2.08 34.32 -25.47
C GLY A 10 1.32 34.34 -26.79
N LEU A 11 1.94 33.82 -27.85
CA LEU A 11 1.32 33.78 -29.17
C LEU A 11 0.02 32.97 -29.16
N ASP A 12 0.11 31.71 -28.75
CA ASP A 12 -1.07 30.84 -28.72
C ASP A 12 -2.26 31.36 -27.92
N THR A 13 -2.06 31.83 -26.69
CA THR A 13 -3.20 32.33 -25.94
C THR A 13 -3.75 33.63 -26.52
N SER A 14 -2.93 34.35 -27.27
CA SER A 14 -3.37 35.59 -27.90
C SER A 14 -4.25 35.20 -29.10
N ILE A 15 -3.83 34.16 -29.80
CA ILE A 15 -4.58 33.62 -30.92
C ILE A 15 -5.92 33.13 -30.37
N ILE A 16 -5.86 32.50 -29.20
CA ILE A 16 -7.05 31.97 -28.54
C ILE A 16 -8.01 33.08 -28.14
N LEU A 17 -7.47 34.22 -27.73
CA LEU A 17 -8.32 35.33 -27.32
C LEU A 17 -9.13 35.74 -28.55
N LYS A 18 -8.47 35.88 -29.70
CA LYS A 18 -9.16 36.27 -30.93
C LYS A 18 -10.18 35.21 -31.31
N TRP A 19 -9.71 33.98 -31.44
CA TRP A 19 -10.55 32.85 -31.81
C TRP A 19 -11.82 32.74 -30.95
N LEU A 20 -11.69 32.99 -29.65
CA LEU A 20 -12.84 32.91 -28.74
C LEU A 20 -13.85 34.00 -29.04
N LYS A 21 -13.37 35.21 -29.31
CA LYS A 21 -14.27 36.31 -29.61
C LYS A 21 -15.14 35.95 -30.81
N GLU A 22 -14.50 35.64 -31.93
CA GLU A 22 -15.23 35.31 -33.15
C GLU A 22 -16.08 34.04 -33.08
N THR A 23 -15.49 32.94 -32.63
CA THR A 23 -16.20 31.67 -32.56
C THR A 23 -17.40 31.65 -31.60
N TYR A 24 -17.28 32.36 -30.50
CA TYR A 24 -18.36 32.39 -29.52
C TYR A 24 -19.06 33.74 -29.47
N ARG A 25 -18.56 34.70 -30.22
CA ARG A 25 -19.16 36.04 -30.23
C ARG A 25 -19.25 36.41 -28.76
N ALA A 26 -18.16 36.17 -28.07
CA ALA A 26 -18.11 36.43 -26.65
C ALA A 26 -17.17 37.53 -26.24
N GLU A 27 -17.43 38.01 -25.03
CA GLU A 27 -16.62 39.05 -24.42
C GLU A 27 -15.58 38.24 -23.64
N VAL A 28 -14.29 38.48 -23.92
CA VAL A 28 -13.25 37.73 -23.23
C VAL A 28 -12.53 38.50 -22.12
N ILE A 29 -12.61 37.96 -20.91
CA ILE A 29 -11.95 38.55 -19.77
C ILE A 29 -10.68 37.76 -19.58
N ALA A 30 -9.54 38.41 -19.79
CA ALA A 30 -8.23 37.78 -19.66
C ALA A 30 -7.71 37.78 -18.23
N PHE A 31 -7.19 36.65 -17.81
CA PHE A 31 -6.62 36.53 -16.48
C PHE A 31 -5.21 36.00 -16.59
N THR A 32 -4.26 36.78 -16.08
CA THR A 32 -2.87 36.39 -16.11
C THR A 32 -2.42 36.37 -14.66
N ALA A 33 -1.79 35.27 -14.26
CA ALA A 33 -1.32 35.14 -12.89
C ALA A 33 0.20 35.22 -12.83
N ASP A 34 0.69 35.88 -11.79
CA ASP A 34 2.13 35.96 -11.60
C ASP A 34 2.44 34.91 -10.53
N ILE A 35 3.07 33.82 -10.95
CA ILE A 35 3.42 32.75 -10.03
C ILE A 35 4.93 32.50 -10.10
N GLY A 36 5.68 33.51 -10.53
CA GLY A 36 7.13 33.38 -10.61
C GLY A 36 7.72 33.01 -11.96
N GLN A 37 6.99 33.25 -13.05
CA GLN A 37 7.48 32.92 -14.38
C GLN A 37 8.62 33.86 -14.72
N GLY A 38 8.79 34.90 -13.92
CA GLY A 38 9.83 35.87 -14.17
C GLY A 38 9.43 36.71 -15.36
N GLU A 39 8.27 37.33 -15.29
CA GLU A 39 7.78 38.17 -16.38
C GLU A 39 6.86 39.23 -15.86
N GLU A 40 6.90 40.40 -16.48
CA GLU A 40 6.04 41.48 -16.05
C GLU A 40 4.62 41.17 -16.47
N VAL A 41 3.87 40.56 -15.57
CA VAL A 41 2.50 40.20 -15.86
C VAL A 41 1.68 41.38 -16.37
N GLU A 42 2.00 42.59 -15.90
CA GLU A 42 1.26 43.76 -16.37
C GLU A 42 1.40 43.94 -17.88
N GLU A 43 2.49 43.46 -18.45
CA GLU A 43 2.68 43.58 -19.89
C GLU A 43 1.74 42.64 -20.63
N ALA A 44 1.46 41.48 -20.03
CA ALA A 44 0.57 40.52 -20.64
C ALA A 44 -0.85 41.06 -20.50
N ARG A 45 -1.11 41.73 -19.39
CA ARG A 45 -2.45 42.30 -19.16
C ARG A 45 -2.75 43.43 -20.15
N GLU A 46 -1.71 44.10 -20.63
CA GLU A 46 -1.88 45.19 -21.58
C GLU A 46 -2.01 44.60 -22.98
N LYS A 47 -1.22 43.59 -23.26
CA LYS A 47 -1.28 42.92 -24.55
C LYS A 47 -2.66 42.32 -24.76
N ALA A 48 -3.25 41.82 -23.68
CA ALA A 48 -4.58 41.22 -23.75
C ALA A 48 -5.59 42.26 -24.20
N LEU A 49 -5.47 43.48 -23.65
CA LEU A 49 -6.39 44.54 -24.02
C LEU A 49 -6.20 44.91 -25.47
N ARG A 50 -4.95 44.93 -25.92
CA ARG A 50 -4.64 45.25 -27.31
C ARG A 50 -5.18 44.15 -28.20
N THR A 51 -5.13 42.92 -27.69
CA THR A 51 -5.59 41.77 -28.46
C THR A 51 -7.11 41.71 -28.53
N GLY A 52 -7.79 42.49 -27.69
CA GLY A 52 -9.24 42.51 -27.73
C GLY A 52 -10.00 42.13 -26.48
N ALA A 53 -9.31 41.89 -25.37
CA ALA A 53 -10.00 41.53 -24.14
C ALA A 53 -10.90 42.69 -23.71
N SER A 54 -12.10 42.36 -23.22
CA SER A 54 -13.01 43.41 -22.78
C SER A 54 -12.52 43.84 -21.40
N LYS A 55 -11.72 42.99 -20.78
CA LYS A 55 -11.18 43.28 -19.46
C LYS A 55 -9.98 42.39 -19.24
N ALA A 56 -8.95 42.94 -18.61
CA ALA A 56 -7.74 42.19 -18.36
C ALA A 56 -7.41 42.25 -16.88
N ILE A 57 -7.16 41.08 -16.28
CA ILE A 57 -6.82 41.00 -14.86
C ILE A 57 -5.49 40.31 -14.66
N ALA A 58 -4.66 40.88 -13.79
CA ALA A 58 -3.36 40.33 -13.48
C ALA A 58 -3.22 40.34 -11.96
N LEU A 59 -2.77 39.23 -11.40
CA LEU A 59 -2.61 39.14 -9.95
C LEU A 59 -1.30 38.51 -9.54
N ASP A 60 -0.78 38.97 -8.41
CA ASP A 60 0.46 38.46 -7.85
C ASP A 60 0.01 37.31 -6.97
N LEU A 61 0.23 36.08 -7.42
CA LEU A 61 -0.20 34.92 -6.63
C LEU A 61 0.96 34.10 -6.11
N LYS A 62 2.16 34.67 -6.10
CA LYS A 62 3.34 33.95 -5.64
C LYS A 62 3.22 33.43 -4.21
N GLU A 63 2.79 34.29 -3.28
CA GLU A 63 2.65 33.90 -1.89
C GLU A 63 1.59 32.81 -1.74
N GLU A 64 0.41 33.00 -2.33
CA GLU A 64 -0.65 31.99 -2.23
C GLU A 64 -0.17 30.67 -2.85
N PHE A 65 0.58 30.78 -3.95
CA PHE A 65 1.11 29.60 -4.63
C PHE A 65 1.98 28.74 -3.71
N VAL A 66 2.99 29.35 -3.11
CA VAL A 66 3.90 28.62 -2.22
C VAL A 66 3.23 28.18 -0.92
N ARG A 67 2.49 29.09 -0.31
CA ARG A 67 1.83 28.81 0.95
C ARG A 67 0.73 27.75 0.89
N ASP A 68 -0.22 27.90 -0.05
CA ASP A 68 -1.34 26.97 -0.16
C ASP A 68 -1.24 25.80 -1.14
N PHE A 69 -0.18 25.74 -1.94
CA PHE A 69 -0.06 24.64 -2.88
C PHE A 69 1.28 23.94 -2.78
N VAL A 70 2.36 24.70 -2.95
CA VAL A 70 3.69 24.12 -2.88
C VAL A 70 4.00 23.53 -1.48
N PHE A 71 3.82 24.31 -0.42
CA PHE A 71 4.12 23.80 0.93
C PHE A 71 3.34 22.55 1.31
N PRO A 72 2.02 22.52 1.09
CA PRO A 72 1.20 21.35 1.43
C PRO A 72 1.68 20.11 0.67
N MET A 73 2.10 20.32 -0.58
CA MET A 73 2.58 19.21 -1.40
C MET A 73 3.92 18.68 -0.88
N MET A 74 4.80 19.59 -0.51
CA MET A 74 6.12 19.20 -0.01
C MET A 74 6.04 18.43 1.30
N ARG A 75 5.06 18.78 2.15
CA ARG A 75 4.89 18.08 3.42
C ARG A 75 4.67 16.62 3.13
N ALA A 76 4.05 16.33 1.99
CA ALA A 76 3.77 14.97 1.60
C ALA A 76 5.00 14.24 1.04
N GLY A 77 6.07 14.96 0.79
CA GLY A 77 7.27 14.35 0.24
C GLY A 77 6.95 13.82 -1.15
N ALA A 78 6.08 14.53 -1.86
CA ALA A 78 5.62 14.12 -3.19
C ALA A 78 6.65 14.16 -4.32
N VAL A 79 6.89 12.99 -4.91
CA VAL A 79 7.80 12.86 -6.03
C VAL A 79 7.11 11.95 -7.05
N TYR A 80 6.92 12.43 -8.26
CA TYR A 80 6.28 11.62 -9.28
C TYR A 80 7.32 10.81 -10.05
N GLU A 81 7.05 9.51 -10.16
CA GLU A 81 7.90 8.55 -10.86
C GLU A 81 9.40 8.72 -10.60
N GLY A 82 9.77 8.75 -9.32
CA GLY A 82 11.18 8.84 -8.95
C GLY A 82 11.90 10.18 -9.04
N TYR A 83 11.42 11.13 -9.82
CA TYR A 83 12.15 12.40 -9.90
C TYR A 83 11.38 13.70 -10.00
N TYR A 84 10.28 13.70 -10.74
CA TYR A 84 9.50 14.92 -10.94
C TYR A 84 8.94 15.52 -9.65
N LEU A 85 9.41 16.70 -9.29
CA LEU A 85 8.96 17.41 -8.10
C LEU A 85 7.67 18.17 -8.31
N LEU A 86 7.04 17.90 -9.45
CA LEU A 86 5.73 18.48 -9.81
C LEU A 86 5.59 19.98 -9.93
N GLY A 87 6.66 20.67 -10.36
CA GLY A 87 6.61 22.12 -10.52
C GLY A 87 5.41 22.69 -11.25
N THR A 88 5.07 22.13 -12.40
CA THR A 88 3.91 22.64 -13.16
C THR A 88 2.62 22.09 -12.56
N SER A 89 2.64 20.82 -12.20
CA SER A 89 1.50 20.14 -11.63
C SER A 89 0.74 20.91 -10.51
N ILE A 90 1.44 21.37 -9.47
CA ILE A 90 0.76 22.11 -8.38
C ILE A 90 0.37 23.54 -8.71
N ALA A 91 0.89 24.09 -9.80
CA ALA A 91 0.56 25.46 -10.18
C ALA A 91 -0.79 25.59 -10.90
N ARG A 92 -1.11 24.62 -11.74
CA ARG A 92 -2.35 24.66 -12.50
C ARG A 92 -3.64 24.81 -11.68
N PRO A 93 -3.79 24.05 -10.57
CA PRO A 93 -4.99 24.15 -9.75
C PRO A 93 -5.24 25.57 -9.26
N LEU A 94 -4.15 26.27 -8.95
CA LEU A 94 -4.19 27.64 -8.46
C LEU A 94 -4.80 28.56 -9.51
N ILE A 95 -4.26 28.49 -10.72
CA ILE A 95 -4.78 29.31 -11.82
C ILE A 95 -6.23 28.97 -12.09
N ALA A 96 -6.57 27.69 -12.13
CA ALA A 96 -7.95 27.28 -12.40
C ALA A 96 -8.89 27.81 -11.33
N LYS A 97 -8.42 27.83 -10.09
CA LYS A 97 -9.21 28.34 -8.97
C LYS A 97 -9.59 29.79 -9.21
N HIS A 98 -8.63 30.62 -9.59
CA HIS A 98 -8.93 32.03 -9.83
C HIS A 98 -9.82 32.24 -11.06
N LEU A 99 -9.68 31.38 -12.07
CA LEU A 99 -10.50 31.49 -13.28
C LEU A 99 -11.96 31.36 -12.89
N VAL A 100 -12.28 30.31 -12.14
CA VAL A 100 -13.64 30.06 -11.68
C VAL A 100 -14.18 31.20 -10.82
N ARG A 101 -13.36 31.70 -9.90
CA ARG A 101 -13.77 32.80 -9.03
C ARG A 101 -14.06 34.06 -9.85
N ILE A 102 -13.15 34.37 -10.77
CA ILE A 102 -13.29 35.54 -11.63
C ILE A 102 -14.51 35.37 -12.51
N ALA A 103 -14.72 34.16 -13.00
CA ALA A 103 -15.87 33.87 -13.84
C ALA A 103 -17.13 34.15 -13.02
N GLU A 104 -17.08 33.76 -11.75
CA GLU A 104 -18.19 33.95 -10.83
C GLU A 104 -18.48 35.43 -10.60
N GLU A 105 -17.42 36.20 -10.37
CA GLU A 105 -17.55 37.63 -10.13
C GLU A 105 -18.01 38.41 -11.36
N GLU A 106 -17.52 38.02 -12.54
CA GLU A 106 -17.86 38.73 -13.77
C GLU A 106 -19.14 38.29 -14.46
N GLY A 107 -19.81 37.28 -13.93
CA GLY A 107 -21.02 36.79 -14.57
C GLY A 107 -20.68 36.09 -15.87
N ALA A 108 -19.57 35.38 -15.89
CA ALA A 108 -19.15 34.65 -17.08
C ALA A 108 -19.60 33.19 -16.96
N GLU A 109 -20.20 32.66 -18.01
CA GLU A 109 -20.69 31.28 -17.97
C GLU A 109 -19.61 30.25 -18.32
N ALA A 110 -18.52 30.71 -18.93
CA ALA A 110 -17.44 29.80 -19.30
C ALA A 110 -16.03 30.30 -19.03
N ILE A 111 -15.08 29.39 -19.09
CA ILE A 111 -13.68 29.71 -18.89
C ILE A 111 -12.94 28.99 -20.00
N ALA A 112 -11.74 29.45 -20.30
CA ALA A 112 -10.95 28.83 -21.36
C ALA A 112 -9.47 28.79 -20.99
N HIS A 113 -8.77 27.80 -21.53
CA HIS A 113 -7.35 27.67 -21.28
C HIS A 113 -6.74 27.21 -22.60
N GLY A 114 -5.42 27.37 -22.73
CA GLY A 114 -4.77 26.96 -23.96
C GLY A 114 -3.93 25.70 -23.85
N ALA A 115 -4.32 24.78 -22.96
CA ALA A 115 -3.56 23.53 -22.84
C ALA A 115 -4.00 22.65 -24.00
N THR A 116 -3.08 21.90 -24.59
CA THR A 116 -3.43 21.04 -25.72
C THR A 116 -4.18 19.80 -25.26
N GLY A 117 -4.75 19.08 -26.23
CA GLY A 117 -5.52 17.89 -25.92
C GLY A 117 -4.68 16.65 -25.65
N LYS A 118 -3.36 16.76 -25.74
CA LYS A 118 -2.52 15.60 -25.48
C LYS A 118 -1.67 15.69 -24.22
N GLY A 119 -1.88 16.75 -23.44
CA GLY A 119 -1.10 16.92 -22.23
C GLY A 119 -1.88 16.73 -20.95
N ASN A 120 -1.21 16.99 -19.83
CA ASN A 120 -1.79 16.86 -18.50
C ASN A 120 -2.46 18.16 -18.05
N ASP A 121 -1.96 19.30 -18.52
CA ASP A 121 -2.51 20.58 -18.09
C ASP A 121 -3.99 20.76 -18.30
N GLN A 122 -4.51 20.22 -19.41
CA GLN A 122 -5.95 20.32 -19.69
C GLN A 122 -6.74 19.62 -18.58
N VAL A 123 -6.24 18.48 -18.10
CA VAL A 123 -6.92 17.73 -17.05
C VAL A 123 -6.89 18.48 -15.71
N ARG A 124 -5.75 19.08 -15.37
CA ARG A 124 -5.61 19.82 -14.13
C ARG A 124 -6.57 21.02 -14.09
N PHE A 125 -6.58 21.79 -15.18
CA PHE A 125 -7.46 22.95 -15.26
C PHE A 125 -8.93 22.58 -15.14
N GLU A 126 -9.35 21.57 -15.89
CA GLU A 126 -10.74 21.17 -15.89
C GLU A 126 -11.23 20.40 -14.68
N LEU A 127 -10.41 19.47 -14.17
CA LEU A 127 -10.81 18.76 -12.98
C LEU A 127 -10.97 19.80 -11.88
N THR A 128 -10.08 20.79 -11.84
CA THR A 128 -10.19 21.83 -10.82
C THR A 128 -11.46 22.64 -11.00
N ALA A 129 -11.67 23.13 -12.23
CA ALA A 129 -12.84 23.92 -12.54
C ALA A 129 -14.13 23.19 -12.22
N TYR A 130 -14.26 21.95 -12.69
CA TYR A 130 -15.45 21.15 -12.44
C TYR A 130 -15.68 20.85 -10.96
N ALA A 131 -14.59 20.63 -10.22
CA ALA A 131 -14.69 20.31 -8.79
C ALA A 131 -15.17 21.51 -7.96
N LEU A 132 -14.76 22.71 -8.38
CA LEU A 132 -15.11 23.96 -7.69
C LEU A 132 -16.46 24.53 -8.13
N LYS A 133 -16.81 24.34 -9.40
CA LYS A 133 -18.08 24.83 -9.93
C LYS A 133 -18.56 23.80 -10.93
N PRO A 134 -19.30 22.78 -10.47
CA PRO A 134 -19.84 21.69 -11.29
C PRO A 134 -20.51 22.02 -12.62
N ASP A 135 -21.22 23.14 -12.72
CA ASP A 135 -21.87 23.46 -13.98
C ASP A 135 -21.20 24.57 -14.80
N ILE A 136 -19.94 24.87 -14.49
CA ILE A 136 -19.17 25.87 -15.22
C ILE A 136 -18.99 25.24 -16.60
N LYS A 137 -18.81 26.06 -17.62
CA LYS A 137 -18.61 25.54 -18.98
C LYS A 137 -17.13 25.75 -19.28
N VAL A 138 -16.49 24.76 -19.91
CA VAL A 138 -15.08 24.88 -20.23
C VAL A 138 -14.82 24.79 -21.73
N ILE A 139 -13.97 25.67 -22.23
CA ILE A 139 -13.62 25.71 -23.63
C ILE A 139 -12.12 25.54 -23.80
N ALA A 140 -11.72 24.45 -24.46
CA ALA A 140 -10.32 24.18 -24.73
C ALA A 140 -10.14 24.25 -26.24
N PRO A 141 -9.84 25.46 -26.77
CA PRO A 141 -9.66 25.65 -28.22
C PRO A 141 -8.82 24.60 -28.94
N TRP A 142 -7.75 24.14 -28.31
CA TRP A 142 -6.90 23.14 -28.96
C TRP A 142 -7.69 21.89 -29.33
N ARG A 143 -8.81 21.65 -28.65
CA ARG A 143 -9.64 20.48 -28.92
C ARG A 143 -10.86 20.85 -29.77
N GLU A 144 -10.99 22.13 -30.13
CA GLU A 144 -12.14 22.59 -30.91
C GLU A 144 -11.87 23.16 -32.29
N TRP A 145 -10.70 23.78 -32.48
CA TRP A 145 -10.40 24.38 -33.78
C TRP A 145 -9.86 23.36 -34.78
N SER A 146 -9.49 23.82 -35.96
CA SER A 146 -8.99 22.89 -36.97
C SER A 146 -7.69 23.31 -37.66
N PHE A 147 -6.93 24.20 -37.03
CA PHE A 147 -5.66 24.64 -37.60
C PHE A 147 -4.91 23.37 -37.97
N GLN A 148 -4.37 23.32 -39.18
CA GLN A 148 -3.67 22.12 -39.62
C GLN A 148 -2.18 22.07 -39.27
N GLY A 149 -1.64 23.17 -38.75
CA GLY A 149 -0.23 23.22 -38.41
C GLY A 149 0.20 24.60 -37.93
N ARG A 150 1.47 24.71 -37.52
CA ARG A 150 2.01 25.99 -37.03
C ARG A 150 1.83 27.11 -38.06
N LYS A 151 2.21 26.81 -39.30
CA LYS A 151 2.12 27.76 -40.41
C LYS A 151 0.74 28.43 -40.41
N GLU A 152 -0.31 27.60 -40.43
CA GLU A 152 -1.68 28.09 -40.43
C GLU A 152 -2.00 28.98 -39.23
N MET A 153 -1.42 28.67 -38.08
CA MET A 153 -1.66 29.47 -36.88
C MET A 153 -0.91 30.80 -36.99
N ILE A 154 0.30 30.75 -37.54
CA ILE A 154 1.07 31.97 -37.71
C ILE A 154 0.30 32.91 -38.67
N ALA A 155 -0.30 32.34 -39.71
CA ALA A 155 -1.05 33.15 -40.67
C ALA A 155 -2.27 33.80 -40.01
N TYR A 156 -2.97 33.03 -39.17
CA TYR A 156 -4.15 33.54 -38.48
C TYR A 156 -3.78 34.70 -37.57
N ALA A 157 -2.66 34.55 -36.86
CA ALA A 157 -2.19 35.59 -35.94
C ALA A 157 -1.81 36.86 -36.71
N GLU A 158 -1.03 36.68 -37.77
CA GLU A 158 -0.60 37.82 -38.58
C GLU A 158 -1.84 38.55 -39.08
N ALA A 159 -2.77 37.80 -39.65
CA ALA A 159 -4.01 38.35 -40.18
C ALA A 159 -4.78 39.11 -39.13
N HIS A 160 -4.52 38.82 -37.86
CA HIS A 160 -5.22 39.49 -36.78
C HIS A 160 -4.35 40.54 -36.10
N GLY A 161 -3.17 40.78 -36.66
CA GLY A 161 -2.28 41.76 -36.10
C GLY A 161 -1.60 41.33 -34.82
N ILE A 162 -1.42 40.02 -34.63
CA ILE A 162 -0.76 39.52 -33.44
C ILE A 162 0.71 39.25 -33.73
N PRO A 163 1.62 39.88 -32.98
CA PRO A 163 3.05 39.66 -33.22
C PRO A 163 3.37 38.17 -33.22
N VAL A 164 4.18 37.73 -34.19
CA VAL A 164 4.51 36.32 -34.36
C VAL A 164 6.00 36.02 -34.23
N PRO A 165 6.63 36.41 -33.11
CA PRO A 165 8.06 36.19 -32.87
C PRO A 165 8.66 35.00 -33.62
N PRO A 171 13.15 25.45 -30.10
CA PRO A 171 13.25 24.01 -30.42
C PRO A 171 12.64 23.15 -29.30
N TYR A 172 11.91 23.80 -28.40
CA TYR A 172 11.27 23.10 -27.29
C TYR A 172 10.30 24.05 -26.58
N SER A 173 9.42 23.47 -25.77
CA SER A 173 8.42 24.20 -25.00
C SER A 173 8.87 24.44 -23.55
N MET A 174 8.35 25.48 -22.92
CA MET A 174 8.70 25.81 -21.55
C MET A 174 7.52 26.25 -20.69
N ASP A 175 7.62 25.99 -19.39
CA ASP A 175 6.63 26.43 -18.41
C ASP A 175 7.41 26.76 -17.15
N ALA A 176 7.38 28.03 -16.77
CA ALA A 176 8.14 28.49 -15.62
C ALA A 176 7.33 29.16 -14.52
N ASN A 177 7.75 28.90 -13.29
CA ASN A 177 7.13 29.48 -12.12
C ASN A 177 8.14 29.44 -10.96
N LEU A 178 7.73 29.96 -9.81
CA LEU A 178 8.59 30.03 -8.65
C LEU A 178 9.19 28.70 -8.20
N LEU A 179 8.57 27.58 -8.56
CA LEU A 179 9.09 26.27 -8.16
C LEU A 179 10.06 25.63 -9.13
N HIS A 180 9.84 25.80 -10.42
CA HIS A 180 10.75 25.20 -11.38
C HIS A 180 10.53 25.74 -12.78
N ILE A 181 11.29 25.20 -13.73
CA ILE A 181 11.12 25.53 -15.12
C ILE A 181 11.12 24.18 -15.81
N SER A 182 10.08 23.95 -16.62
CA SER A 182 9.94 22.71 -17.36
C SER A 182 10.35 22.90 -18.81
N TYR A 183 10.91 21.85 -19.40
CA TYR A 183 11.31 21.89 -20.80
C TYR A 183 10.94 20.55 -21.44
N GLU A 184 10.23 20.62 -22.58
CA GLU A 184 9.83 19.41 -23.30
C GLU A 184 9.32 19.73 -24.69
N GLY A 185 9.34 18.73 -25.57
CA GLY A 185 8.88 18.92 -26.92
C GLY A 185 10.03 19.24 -27.85
N GLY A 186 9.73 19.31 -29.15
CA GLY A 186 10.76 19.61 -30.12
C GLY A 186 11.97 18.72 -30.03
N VAL A 187 13.14 19.34 -29.93
CA VAL A 187 14.41 18.63 -29.85
C VAL A 187 14.49 17.67 -28.66
N LEU A 188 13.71 17.93 -27.62
CA LEU A 188 13.72 17.09 -26.44
C LEU A 188 12.95 15.78 -26.61
N GLU A 189 12.20 15.66 -27.71
CA GLU A 189 11.40 14.47 -27.98
C GLU A 189 12.18 13.19 -28.23
N ASP A 190 13.47 13.28 -28.52
CA ASP A 190 14.29 12.08 -28.71
C ASP A 190 14.97 11.79 -27.37
N PRO A 191 14.43 10.84 -26.59
CA PRO A 191 14.98 10.48 -25.28
C PRO A 191 16.42 10.01 -25.25
N TRP A 192 17.02 9.82 -26.41
CA TRP A 192 18.41 9.37 -26.46
C TRP A 192 19.28 10.60 -26.68
N ALA A 193 18.65 11.74 -26.90
CA ALA A 193 19.37 12.98 -27.14
C ALA A 193 19.46 13.88 -25.91
N GLU A 194 20.70 14.20 -25.50
CA GLU A 194 20.92 15.07 -24.34
C GLU A 194 20.37 16.46 -24.65
N PRO A 195 19.84 17.18 -23.64
CA PRO A 195 19.30 18.51 -23.89
C PRO A 195 20.41 19.40 -24.46
N PRO A 196 20.06 20.39 -25.29
CA PRO A 196 21.10 21.25 -25.85
C PRO A 196 21.74 22.19 -24.81
N LYS A 197 23.03 22.48 -25.02
CA LYS A 197 23.76 23.36 -24.13
C LYS A 197 23.10 24.73 -24.14
N GLY A 198 23.00 25.34 -22.95
CA GLY A 198 22.39 26.66 -22.86
C GLY A 198 20.89 26.71 -22.60
N MET A 199 20.22 25.56 -22.70
CA MET A 199 18.77 25.53 -22.49
C MET A 199 18.33 26.01 -21.12
N PHE A 200 19.04 25.58 -20.08
CA PHE A 200 18.67 25.96 -18.71
C PHE A 200 18.75 27.45 -18.43
N ARG A 201 17.78 27.96 -17.70
CA ARG A 201 17.71 29.38 -17.40
C ARG A 201 17.73 29.69 -15.91
N MET A 202 17.03 28.87 -15.15
CA MET A 202 16.92 29.09 -13.71
C MET A 202 18.15 28.64 -12.94
N THR A 203 18.84 27.63 -13.44
CA THR A 203 20.03 27.15 -12.76
C THR A 203 21.26 27.35 -13.63
N GLN A 204 22.37 27.56 -12.95
CA GLN A 204 23.68 27.75 -13.55
C GLN A 204 24.24 26.40 -13.98
N ASP A 205 24.95 26.36 -15.10
CA ASP A 205 25.55 25.10 -15.56
C ASP A 205 26.52 24.65 -14.47
N PRO A 206 26.39 23.40 -13.99
CA PRO A 206 27.27 22.89 -12.94
C PRO A 206 28.75 23.07 -13.30
N GLU A 207 29.05 23.02 -14.58
CA GLU A 207 30.42 23.16 -15.03
C GLU A 207 30.89 24.61 -14.86
N GLU A 208 29.93 25.52 -14.66
CA GLU A 208 30.21 26.94 -14.46
C GLU A 208 29.93 27.40 -13.02
N ALA A 209 29.47 26.48 -12.19
CA ALA A 209 29.16 26.80 -10.80
C ALA A 209 30.42 27.17 -10.01
N PRO A 210 30.26 27.84 -8.85
CA PRO A 210 31.38 28.26 -8.00
C PRO A 210 32.38 27.15 -7.67
N ASP A 211 33.65 27.51 -7.58
CA ASP A 211 34.68 26.53 -7.26
C ASP A 211 34.70 26.18 -5.79
N ALA A 212 33.95 26.93 -4.98
CA ALA A 212 33.90 26.66 -3.55
C ALA A 212 32.49 26.23 -3.17
N PRO A 213 32.37 25.20 -2.34
CA PRO A 213 31.04 24.75 -1.93
C PRO A 213 30.43 25.82 -1.03
N GLU A 214 29.10 25.85 -0.95
CA GLU A 214 28.41 26.82 -0.11
C GLU A 214 27.50 26.09 0.86
N TYR A 215 27.54 26.51 2.11
CA TYR A 215 26.70 25.91 3.14
C TYR A 215 25.45 26.74 3.29
N VAL A 216 24.34 26.08 3.57
CA VAL A 216 23.08 26.76 3.77
C VAL A 216 22.31 26.00 4.84
N GLU A 217 21.59 26.75 5.68
CA GLU A 217 20.79 26.16 6.72
C GLU A 217 19.34 26.49 6.50
N VAL A 218 18.49 25.48 6.63
CA VAL A 218 17.06 25.70 6.44
C VAL A 218 16.32 25.23 7.68
N GLU A 219 15.54 26.14 8.26
CA GLU A 219 14.76 25.85 9.45
C GLU A 219 13.32 25.51 9.11
N PHE A 220 12.78 24.49 9.77
CA PHE A 220 11.41 24.06 9.57
C PHE A 220 10.63 24.21 10.86
N PHE A 221 9.38 24.62 10.75
CA PHE A 221 8.54 24.72 11.92
C PHE A 221 7.25 24.00 11.61
N GLU A 222 6.92 22.99 12.41
CA GLU A 222 5.71 22.20 12.21
C GLU A 222 5.45 21.87 10.76
N GLY A 223 6.47 21.39 10.06
CA GLY A 223 6.31 20.99 8.67
C GLY A 223 6.62 21.95 7.53
N ASP A 224 6.76 23.24 7.81
CA ASP A 224 7.07 24.16 6.72
C ASP A 224 8.34 24.92 6.98
N PRO A 225 9.13 25.19 5.93
CA PRO A 225 10.39 25.92 6.10
C PRO A 225 10.05 27.37 6.41
N VAL A 226 10.66 27.92 7.45
CA VAL A 226 10.38 29.29 7.86
C VAL A 226 11.59 30.21 7.87
N ALA A 227 12.79 29.65 7.69
CA ALA A 227 13.99 30.47 7.69
C ALA A 227 15.11 29.89 6.84
N VAL A 228 15.97 30.78 6.34
CA VAL A 228 17.12 30.38 5.55
C VAL A 228 18.33 31.12 6.11
N ASN A 229 19.32 30.35 6.54
CA ASN A 229 20.53 30.92 7.13
C ASN A 229 20.18 31.87 8.26
N GLY A 230 19.19 31.50 9.06
CA GLY A 230 18.81 32.33 10.19
C GLY A 230 17.90 33.49 9.88
N GLU A 231 17.56 33.70 8.61
CA GLU A 231 16.67 34.81 8.28
C GLU A 231 15.26 34.26 8.03
N ARG A 232 14.30 34.74 8.80
CA ARG A 232 12.93 34.29 8.61
C ARG A 232 12.40 34.92 7.32
N LEU A 233 11.74 34.12 6.50
CA LEU A 233 11.19 34.59 5.23
C LEU A 233 9.82 34.00 4.95
N SER A 234 8.96 34.79 4.32
CA SER A 234 7.61 34.34 3.97
C SER A 234 7.78 33.21 2.95
N PRO A 235 6.74 32.37 2.80
CA PRO A 235 6.79 31.25 1.86
C PRO A 235 7.41 31.60 0.50
N ALA A 236 6.85 32.56 -0.20
CA ALA A 236 7.37 32.94 -1.52
C ALA A 236 8.79 33.51 -1.47
N ALA A 237 9.08 34.31 -0.46
CA ALA A 237 10.43 34.88 -0.35
C ALA A 237 11.43 33.78 -0.05
N LEU A 238 11.02 32.78 0.72
CA LEU A 238 11.92 31.69 1.07
C LEU A 238 12.26 30.81 -0.13
N LEU A 239 11.26 30.43 -0.93
CA LEU A 239 11.51 29.60 -2.10
C LEU A 239 12.46 30.34 -3.05
N GLN A 240 12.21 31.63 -3.19
CA GLN A 240 13.02 32.51 -4.04
C GLN A 240 14.47 32.53 -3.61
N ARG A 241 14.69 32.71 -2.30
CA ARG A 241 16.05 32.76 -1.77
C ARG A 241 16.77 31.47 -2.08
N LEU A 242 16.10 30.34 -1.83
CA LEU A 242 16.69 29.04 -2.09
C LEU A 242 16.89 28.77 -3.57
N ASN A 243 16.10 29.42 -4.42
CA ASN A 243 16.28 29.26 -5.86
C ASN A 243 17.58 29.97 -6.23
N GLU A 244 17.81 31.13 -5.63
CA GLU A 244 19.02 31.92 -5.86
C GLU A 244 20.25 31.14 -5.41
N ILE A 245 20.20 30.63 -4.19
CA ILE A 245 21.32 29.87 -3.63
C ILE A 245 21.52 28.54 -4.37
N GLY A 246 20.45 27.77 -4.54
CA GLY A 246 20.60 26.52 -5.26
C GLY A 246 20.92 26.76 -6.74
N GLY A 247 20.31 27.79 -7.31
CA GLY A 247 20.53 28.10 -8.71
C GLY A 247 21.98 28.37 -9.06
N ARG A 248 22.63 29.24 -8.30
CA ARG A 248 24.03 29.59 -8.54
C ARG A 248 24.89 28.33 -8.64
N HIS A 249 24.52 27.28 -7.90
CA HIS A 249 25.30 26.05 -7.94
C HIS A 249 24.81 24.96 -8.90
N GLY A 250 23.84 25.31 -9.75
CA GLY A 250 23.32 24.34 -10.70
C GLY A 250 22.57 23.16 -10.11
N VAL A 251 22.00 23.35 -8.93
CA VAL A 251 21.25 22.28 -8.25
C VAL A 251 19.83 22.05 -8.76
N GLY A 252 19.36 20.80 -8.71
CA GLY A 252 18.00 20.48 -9.08
C GLY A 252 17.63 20.15 -10.52
N ARG A 253 18.55 19.59 -11.29
CA ARG A 253 18.28 19.26 -12.67
C ARG A 253 17.88 17.80 -12.82
N VAL A 254 16.79 17.55 -13.53
CA VAL A 254 16.29 16.19 -13.76
C VAL A 254 15.91 16.00 -15.23
N ASP A 255 16.14 14.80 -15.75
CA ASP A 255 15.86 14.46 -17.15
C ASP A 255 15.14 13.11 -17.13
N ILE A 256 13.85 13.10 -17.45
CA ILE A 256 13.09 11.85 -17.40
C ILE A 256 12.05 11.65 -18.52
N VAL A 257 11.74 10.39 -18.78
CA VAL A 257 10.69 10.05 -19.72
C VAL A 257 9.57 9.64 -18.76
N GLU A 258 8.54 10.48 -18.68
CA GLU A 258 7.41 10.26 -17.79
C GLU A 258 6.15 9.73 -18.45
N ASN A 259 5.21 9.24 -17.64
CA ASN A 259 3.95 8.73 -18.15
C ASN A 259 2.85 9.76 -17.92
N ARG A 260 2.32 10.32 -19.00
CA ARG A 260 1.25 11.30 -18.87
C ARG A 260 -0.04 10.59 -18.48
N PHE A 261 -0.95 11.32 -17.86
CA PHE A 261 -2.22 10.78 -17.45
C PHE A 261 -3.02 10.29 -18.67
N VAL A 262 -2.94 11.01 -19.79
CA VAL A 262 -3.68 10.61 -20.97
C VAL A 262 -3.10 9.41 -21.72
N GLY A 263 -2.09 8.75 -21.15
CA GLY A 263 -1.57 7.54 -21.78
C GLY A 263 -0.25 7.41 -22.52
N MET A 264 0.37 8.48 -22.97
CA MET A 264 1.63 8.32 -23.70
C MET A 264 2.84 8.79 -22.89
N LYS A 265 4.00 8.23 -23.19
CA LYS A 265 5.22 8.63 -22.50
C LYS A 265 5.72 9.94 -23.08
N SER A 266 6.36 10.77 -22.26
CA SER A 266 6.86 12.06 -22.68
C SER A 266 8.21 12.35 -22.03
N ARG A 267 9.15 12.91 -22.80
CA ARG A 267 10.47 13.23 -22.28
C ARG A 267 10.47 14.65 -21.74
N GLY A 268 10.71 14.78 -20.43
CA GLY A 268 10.73 16.10 -19.81
C GLY A 268 12.00 16.38 -19.02
N VAL A 269 12.41 17.65 -19.05
CA VAL A 269 13.61 18.10 -18.35
C VAL A 269 13.17 19.19 -17.36
N TYR A 270 13.61 19.08 -16.11
CA TYR A 270 13.21 20.04 -15.10
C TYR A 270 14.31 20.56 -14.21
N GLU A 271 14.21 21.83 -13.83
CA GLU A 271 15.18 22.42 -12.92
C GLU A 271 14.38 22.98 -11.74
N THR A 272 14.68 22.47 -10.55
CA THR A 272 13.98 22.84 -9.31
C THR A 272 15.03 23.09 -8.23
N PRO A 273 15.87 24.12 -8.40
CA PRO A 273 16.91 24.41 -7.39
C PRO A 273 16.43 24.53 -5.94
N GLY A 274 15.54 25.48 -5.67
CA GLY A 274 15.05 25.68 -4.32
C GLY A 274 14.29 24.49 -3.76
N GLY A 275 13.42 23.91 -4.59
CA GLY A 275 12.64 22.77 -4.14
C GLY A 275 13.49 21.53 -3.87
N THR A 276 14.58 21.38 -4.62
CA THR A 276 15.45 20.24 -4.45
C THR A 276 16.15 20.35 -3.09
N ILE A 277 16.62 21.55 -2.77
CA ILE A 277 17.27 21.78 -1.50
C ILE A 277 16.24 21.48 -0.41
N LEU A 278 15.01 21.96 -0.58
CA LEU A 278 13.95 21.75 0.40
C LEU A 278 13.60 20.28 0.59
N TYR A 279 13.67 19.50 -0.48
CA TYR A 279 13.38 18.07 -0.41
C TYR A 279 14.34 17.37 0.55
N HIS A 280 15.63 17.64 0.38
CA HIS A 280 16.64 17.02 1.24
C HIS A 280 16.70 17.64 2.63
N ALA A 281 16.38 18.92 2.72
CA ALA A 281 16.39 19.62 4.01
C ALA A 281 15.28 19.04 4.89
N ARG A 282 14.11 18.84 4.29
CA ARG A 282 12.97 18.27 5.00
C ARG A 282 13.26 16.87 5.49
N ARG A 283 13.73 16.01 4.60
CA ARG A 283 14.02 14.64 5.01
C ARG A 283 15.10 14.62 6.09
N ALA A 284 16.01 15.59 6.06
CA ALA A 284 17.07 15.67 7.07
C ALA A 284 16.46 15.93 8.45
N VAL A 285 15.55 16.89 8.53
CA VAL A 285 14.89 17.22 9.79
C VAL A 285 13.99 16.05 10.23
N GLU A 286 13.29 15.45 9.27
CA GLU A 286 12.41 14.32 9.57
C GLU A 286 13.22 13.14 10.16
N SER A 287 14.48 13.00 9.75
CA SER A 287 15.31 11.90 10.24
C SER A 287 15.58 11.96 11.75
N LEU A 288 15.33 13.11 12.36
CA LEU A 288 15.52 13.27 13.80
C LEU A 288 14.17 13.34 14.53
N THR A 289 13.16 13.88 13.84
CA THR A 289 11.85 14.09 14.43
C THR A 289 10.72 13.10 14.15
N LEU A 290 10.85 12.28 13.11
CA LEU A 290 9.79 11.34 12.80
C LEU A 290 10.08 9.95 13.33
N ASP A 291 9.03 9.25 13.77
CA ASP A 291 9.16 7.90 14.26
C ASP A 291 9.37 6.98 13.07
N ARG A 292 10.10 5.91 13.27
CA ARG A 292 10.40 4.94 12.22
C ARG A 292 9.18 4.41 11.46
N GLU A 293 8.22 3.85 12.19
CA GLU A 293 7.04 3.30 11.53
C GLU A 293 6.24 4.39 10.84
N VAL A 294 6.18 5.57 11.45
CA VAL A 294 5.47 6.68 10.84
C VAL A 294 6.15 7.03 9.51
N LEU A 295 7.47 7.16 9.54
CA LEU A 295 8.22 7.48 8.33
C LEU A 295 7.97 6.47 7.23
N HIS A 296 8.11 5.18 7.54
CA HIS A 296 7.92 4.14 6.55
C HIS A 296 6.52 4.14 5.93
N GLN A 297 5.49 4.39 6.74
CA GLN A 297 4.13 4.44 6.22
C GLN A 297 3.96 5.64 5.30
N ARG A 298 4.46 6.77 5.76
CA ARG A 298 4.40 8.02 5.01
C ARG A 298 5.03 7.84 3.62
N ASP A 299 6.24 7.30 3.58
CA ASP A 299 6.92 7.10 2.31
C ASP A 299 6.19 6.16 1.35
N MET A 300 5.43 5.22 1.88
CA MET A 300 4.71 4.33 0.97
C MET A 300 3.46 4.97 0.40
N LEU A 301 3.05 6.10 0.96
CA LEU A 301 1.86 6.80 0.48
C LEU A 301 2.22 7.99 -0.40
N SER A 302 3.43 8.51 -0.24
CA SER A 302 3.88 9.65 -1.03
C SER A 302 3.65 9.48 -2.53
N PRO A 303 4.12 8.36 -3.11
CA PRO A 303 3.94 8.12 -4.56
C PRO A 303 2.50 8.28 -5.04
N LYS A 304 1.55 7.76 -4.25
CA LYS A 304 0.15 7.87 -4.61
C LYS A 304 -0.25 9.33 -4.66
N TYR A 305 0.14 10.07 -3.62
CA TYR A 305 -0.16 11.49 -3.54
C TYR A 305 0.43 12.19 -4.78
N ALA A 306 1.66 11.83 -5.11
CA ALA A 306 2.33 12.42 -6.28
C ALA A 306 1.51 12.29 -7.55
N GLU A 307 1.01 11.09 -7.83
CA GLU A 307 0.23 10.90 -9.05
C GLU A 307 -1.08 11.67 -9.00
N LEU A 308 -1.64 11.83 -7.81
CA LEU A 308 -2.88 12.58 -7.68
C LEU A 308 -2.60 14.01 -8.13
N VAL A 309 -1.51 14.59 -7.66
CA VAL A 309 -1.14 15.94 -8.05
C VAL A 309 -0.86 16.03 -9.54
N TYR A 310 -0.06 15.07 -10.02
CA TYR A 310 0.32 15.01 -11.42
C TYR A 310 -0.91 14.91 -12.35
N TYR A 311 -1.83 14.02 -12.00
CA TYR A 311 -3.05 13.81 -12.79
C TYR A 311 -3.99 15.01 -12.76
N GLY A 312 -3.94 15.78 -11.68
CA GLY A 312 -4.81 16.94 -11.59
C GLY A 312 -5.85 16.86 -10.50
N PHE A 313 -5.80 15.83 -9.67
CA PHE A 313 -6.77 15.71 -8.59
C PHE A 313 -6.29 16.44 -7.36
N TRP A 314 -6.27 17.77 -7.43
CA TRP A 314 -5.85 18.57 -6.29
C TRP A 314 -7.05 18.83 -5.40
N TYR A 315 -8.10 19.40 -5.97
CA TYR A 315 -9.32 19.65 -5.21
C TYR A 315 -10.20 18.40 -5.37
N ALA A 316 -9.68 17.30 -4.83
CA ALA A 316 -10.35 16.01 -4.87
C ALA A 316 -10.32 15.44 -3.46
N PRO A 317 -11.39 14.75 -3.04
CA PRO A 317 -11.45 14.18 -1.70
C PRO A 317 -10.33 13.20 -1.33
N GLU A 318 -9.85 12.42 -2.30
CA GLU A 318 -8.76 11.46 -2.04
C GLU A 318 -7.48 12.19 -1.64
N ARG A 319 -7.20 13.28 -2.34
CA ARG A 319 -6.00 14.07 -2.09
C ARG A 319 -6.13 14.80 -0.75
N GLU A 320 -7.32 15.36 -0.49
CA GLU A 320 -7.57 16.05 0.77
C GLU A 320 -7.44 15.08 1.95
N ALA A 321 -7.87 13.84 1.74
CA ALA A 321 -7.80 12.82 2.78
C ALA A 321 -6.35 12.48 3.09
N LEU A 322 -5.57 12.19 2.04
CA LEU A 322 -4.17 11.88 2.25
C LEU A 322 -3.49 13.08 2.90
N GLN A 323 -3.94 14.28 2.54
CA GLN A 323 -3.37 15.49 3.11
C GLN A 323 -3.52 15.52 4.62
N ALA A 324 -4.64 14.99 5.13
CA ALA A 324 -4.88 14.98 6.56
C ALA A 324 -3.79 14.15 7.23
N TYR A 325 -3.43 13.03 6.60
CA TYR A 325 -2.39 12.15 7.13
C TYR A 325 -1.04 12.85 7.10
N PHE A 326 -0.67 13.36 5.93
CA PHE A 326 0.63 14.03 5.78
C PHE A 326 0.82 15.23 6.70
N ASP A 327 -0.21 16.07 6.82
CA ASP A 327 -0.14 17.26 7.67
C ASP A 327 0.05 16.87 9.14
N HIS A 328 -0.63 15.79 9.54
CA HIS A 328 -0.52 15.29 10.91
C HIS A 328 0.94 14.94 11.15
N VAL A 329 1.50 14.13 10.26
CA VAL A 329 2.89 13.70 10.35
C VAL A 329 3.86 14.86 10.32
N ALA A 330 3.65 15.79 9.40
CA ALA A 330 4.54 16.94 9.24
C ALA A 330 4.58 17.91 10.41
N ARG A 331 3.54 17.91 11.25
CA ARG A 331 3.50 18.83 12.39
C ARG A 331 4.69 18.62 13.33
N SER A 332 5.27 17.43 13.31
CA SER A 332 6.41 17.13 14.15
C SER A 332 7.73 17.57 13.53
N VAL A 333 7.71 17.94 12.26
CA VAL A 333 8.92 18.35 11.55
C VAL A 333 9.36 19.76 11.89
N THR A 334 10.07 19.86 13.01
CA THR A 334 10.59 21.13 13.54
C THR A 334 12.07 20.96 13.85
N GLY A 335 12.90 21.76 13.20
CA GLY A 335 14.34 21.68 13.41
C GLY A 335 15.09 22.40 12.31
N VAL A 336 16.39 22.12 12.20
CA VAL A 336 17.21 22.77 11.19
C VAL A 336 18.05 21.76 10.40
N ALA A 337 18.08 21.93 9.09
CA ALA A 337 18.86 21.08 8.21
C ALA A 337 20.03 21.91 7.70
N ARG A 338 21.23 21.33 7.67
CA ARG A 338 22.39 22.05 7.16
C ARG A 338 22.88 21.29 5.94
N LEU A 339 22.93 21.99 4.81
CA LEU A 339 23.36 21.37 3.56
C LEU A 339 24.59 22.02 2.92
N LYS A 340 25.27 21.24 2.09
CA LYS A 340 26.46 21.69 1.40
C LYS A 340 26.19 21.62 -0.10
N LEU A 341 26.29 22.76 -0.78
CA LEU A 341 26.03 22.81 -2.22
C LEU A 341 27.33 22.92 -2.99
N TYR A 342 27.50 22.05 -3.98
CA TYR A 342 28.70 22.05 -4.82
C TYR A 342 28.43 21.48 -6.20
N LYS A 343 28.73 22.30 -7.20
CA LYS A 343 28.57 21.95 -8.61
C LYS A 343 27.46 20.94 -8.97
N GLY A 344 26.22 21.40 -8.88
CA GLY A 344 25.06 20.60 -9.22
C GLY A 344 24.50 19.68 -8.16
N ASN A 345 25.26 19.45 -7.10
CA ASN A 345 24.87 18.55 -6.04
C ASN A 345 24.47 19.20 -4.72
N VAL A 346 23.60 18.51 -3.99
CA VAL A 346 23.14 18.96 -2.67
C VAL A 346 23.50 17.87 -1.66
N TYR A 347 24.28 18.22 -0.65
CA TYR A 347 24.68 17.25 0.36
C TYR A 347 24.23 17.64 1.77
N VAL A 348 23.56 16.72 2.44
CA VAL A 348 23.14 16.98 3.82
C VAL A 348 24.41 16.73 4.61
N VAL A 349 24.78 17.67 5.47
CA VAL A 349 25.99 17.50 6.27
C VAL A 349 25.71 17.63 7.75
N GLY A 350 24.48 18.05 8.08
CA GLY A 350 24.09 18.18 9.47
C GLY A 350 22.61 18.45 9.66
N ARG A 351 22.11 18.13 10.84
CA ARG A 351 20.72 18.37 11.20
C ARG A 351 20.56 18.38 12.72
N LYS A 352 19.61 19.17 13.20
CA LYS A 352 19.34 19.26 14.63
C LYS A 352 17.86 19.59 14.81
N ALA A 353 17.33 19.26 15.99
CA ALA A 353 15.92 19.50 16.31
C ALA A 353 15.71 19.61 17.81
N PRO A 354 14.80 20.50 18.23
CA PRO A 354 14.48 20.73 19.64
C PRO A 354 13.95 19.46 20.31
N LYS A 355 13.26 18.64 19.54
CA LYS A 355 12.70 17.39 20.05
C LYS A 355 13.18 16.18 19.26
N SER A 356 14.47 16.16 18.97
CA SER A 356 15.08 15.05 18.23
C SER A 356 14.87 13.76 18.99
N LEU A 357 14.68 12.67 18.24
CA LEU A 357 14.46 11.35 18.85
C LEU A 357 15.77 10.57 18.88
N TYR A 358 16.86 11.20 18.44
CA TYR A 358 18.17 10.56 18.44
C TYR A 358 18.82 10.63 19.82
N ARG A 359 19.40 9.51 20.26
CA ARG A 359 20.10 9.46 21.55
C ARG A 359 21.45 8.77 21.37
N GLN A 360 22.52 9.54 21.48
CA GLN A 360 23.85 8.95 21.32
C GLN A 360 23.96 7.85 22.38
N ASP A 361 23.11 7.97 23.39
CA ASP A 361 22.99 7.06 24.51
C ASP A 361 22.88 5.61 24.05
N LEU A 362 22.02 5.40 23.06
CA LEU A 362 21.74 4.06 22.54
C LEU A 362 22.67 3.46 21.49
N VAL A 363 23.61 4.23 20.96
CA VAL A 363 24.52 3.71 19.94
C VAL A 363 25.96 3.60 20.40
N SER A 364 26.37 4.52 21.27
CA SER A 364 27.73 4.54 21.77
C SER A 364 27.96 3.37 22.71
N PHE A 365 29.20 2.91 22.78
CA PHE A 365 29.52 1.82 23.68
C PHE A 365 30.23 2.43 24.88
N GLY A 370 18.59 3.73 28.76
CA GLY A 370 19.37 2.47 28.88
C GLY A 370 19.05 1.48 27.78
N TYR A 371 19.89 0.45 27.66
CA TYR A 371 19.70 -0.58 26.66
C TYR A 371 20.43 -1.84 27.13
N ASP A 372 19.85 -3.01 26.90
CA ASP A 372 20.47 -4.26 27.30
C ASP A 372 20.56 -5.19 26.09
N GLN A 373 21.78 -5.52 25.69
CA GLN A 373 22.01 -6.39 24.53
C GLN A 373 21.31 -7.73 24.66
N LYS A 374 21.13 -8.19 25.90
CA LYS A 374 20.46 -9.47 26.11
C LYS A 374 19.03 -9.44 25.57
N ASP A 375 18.41 -8.25 25.57
CA ASP A 375 17.04 -8.13 25.06
C ASP A 375 17.00 -8.52 23.59
N ALA A 376 18.02 -8.11 22.84
CA ALA A 376 18.10 -8.40 21.41
C ALA A 376 17.98 -9.89 21.09
N GLU A 377 18.49 -10.75 21.95
CA GLU A 377 18.41 -12.17 21.68
C GLU A 377 16.95 -12.61 21.67
N GLY A 378 16.19 -12.12 22.65
CA GLY A 378 14.78 -12.46 22.74
C GLY A 378 14.04 -11.94 21.53
N PHE A 379 14.36 -10.71 21.14
CA PHE A 379 13.75 -10.07 19.97
C PHE A 379 13.99 -10.98 18.75
N ILE A 380 15.26 -11.32 18.53
CA ILE A 380 15.61 -12.16 17.39
C ILE A 380 14.93 -13.53 17.45
N LYS A 381 14.92 -14.15 18.63
CA LYS A 381 14.29 -15.46 18.79
C LYS A 381 12.81 -15.45 18.40
N ILE A 382 12.09 -14.44 18.88
CA ILE A 382 10.65 -14.33 18.58
C ILE A 382 10.42 -13.98 17.11
N GLN A 383 11.25 -13.10 16.57
CA GLN A 383 11.11 -12.71 15.18
C GLN A 383 11.38 -13.92 14.29
N ALA A 384 12.26 -14.80 14.74
CA ALA A 384 12.63 -15.98 13.95
C ALA A 384 11.65 -17.15 14.04
N LEU A 385 10.83 -17.19 15.08
CA LEU A 385 9.92 -18.29 15.27
C LEU A 385 9.20 -18.76 13.99
N ARG A 386 8.43 -17.89 13.35
CA ARG A 386 7.71 -18.31 12.15
C ARG A 386 8.62 -18.80 11.04
N LEU A 387 9.85 -18.27 10.97
CA LEU A 387 10.79 -18.72 9.95
C LEU A 387 11.27 -20.14 10.27
N ARG A 388 11.50 -20.42 11.55
CA ARG A 388 11.96 -21.75 11.93
C ARG A 388 10.87 -22.79 11.72
N VAL A 389 9.62 -22.43 12.04
CA VAL A 389 8.49 -23.33 11.86
C VAL A 389 8.37 -23.65 10.37
N ARG A 390 8.48 -22.63 9.53
CA ARG A 390 8.40 -22.79 8.08
C ARG A 390 9.47 -23.78 7.61
N ALA A 391 10.68 -23.64 8.17
CA ALA A 391 11.80 -24.52 7.80
C ALA A 391 11.54 -25.95 8.27
N LEU A 392 11.15 -26.11 9.53
CA LEU A 392 10.87 -27.45 10.06
C LEU A 392 9.82 -28.14 9.19
N VAL A 393 8.80 -27.40 8.78
CA VAL A 393 7.77 -27.99 7.94
C VAL A 393 8.34 -28.40 6.59
N GLU A 394 9.21 -27.58 6.02
CA GLU A 394 9.82 -27.96 4.75
C GLU A 394 10.65 -29.21 5.00
N ARG A 395 11.31 -29.22 6.17
CA ARG A 395 12.14 -30.33 6.63
C ARG A 395 13.53 -30.36 6.01
N MET B 1 32.82 -30.27 20.65
CA MET B 1 31.87 -29.29 20.05
C MET B 1 32.61 -28.48 19.02
N LYS B 2 31.97 -28.28 17.87
CA LYS B 2 32.53 -27.49 16.78
C LYS B 2 31.70 -26.23 16.59
N ILE B 3 32.38 -25.10 16.40
CA ILE B 3 31.71 -23.83 16.19
C ILE B 3 32.26 -23.17 14.94
N VAL B 4 31.38 -22.81 14.01
CA VAL B 4 31.82 -22.14 12.80
C VAL B 4 31.69 -20.63 13.01
N LEU B 5 32.83 -19.94 13.02
CA LEU B 5 32.86 -18.51 13.25
C LEU B 5 33.02 -17.67 11.99
N ALA B 6 32.18 -16.64 11.86
CA ALA B 6 32.29 -15.72 10.74
C ALA B 6 33.50 -14.91 11.21
N TYR B 7 34.62 -15.13 10.55
CA TYR B 7 35.87 -14.47 10.92
C TYR B 7 36.32 -13.44 9.91
N SER B 8 36.25 -12.17 10.29
CA SER B 8 36.66 -11.11 9.39
C SER B 8 38.16 -10.91 9.42
N GLY B 9 38.81 -11.43 10.47
CA GLY B 9 40.26 -11.30 10.57
C GLY B 9 40.76 -10.19 11.49
N GLY B 10 39.87 -9.30 11.92
CA GLY B 10 40.28 -8.20 12.79
C GLY B 10 40.56 -8.61 14.23
N LEU B 11 40.74 -7.62 15.10
CA LEU B 11 41.01 -7.86 16.51
C LEU B 11 39.84 -8.54 17.25
N ASP B 12 38.65 -7.99 17.11
CA ASP B 12 37.49 -8.54 17.80
C ASP B 12 37.14 -10.00 17.42
N THR B 13 37.10 -10.33 16.13
CA THR B 13 36.77 -11.72 15.79
C THR B 13 37.89 -12.67 16.19
N SER B 14 39.11 -12.14 16.30
CA SER B 14 40.25 -12.97 16.75
C SER B 14 40.06 -13.24 18.24
N ILE B 15 39.73 -12.19 19.00
CA ILE B 15 39.48 -12.31 20.44
C ILE B 15 38.34 -13.31 20.62
N ILE B 16 37.33 -13.20 19.77
CA ILE B 16 36.18 -14.08 19.83
C ILE B 16 36.56 -15.54 19.59
N LEU B 17 37.46 -15.76 18.63
CA LEU B 17 37.90 -17.12 18.34
C LEU B 17 38.49 -17.76 19.60
N LYS B 18 39.39 -17.04 20.27
CA LYS B 18 39.99 -17.55 21.50
C LYS B 18 38.91 -17.74 22.58
N TRP B 19 38.06 -16.72 22.72
CA TRP B 19 36.97 -16.72 23.71
C TRP B 19 36.07 -17.95 23.56
N LEU B 20 35.69 -18.26 22.32
CA LEU B 20 34.82 -19.39 22.02
C LEU B 20 35.43 -20.73 22.42
N LYS B 21 36.70 -20.92 22.08
CA LYS B 21 37.37 -22.18 22.39
C LYS B 21 37.30 -22.50 23.87
N GLU B 22 37.71 -21.55 24.70
CA GLU B 22 37.72 -21.75 26.14
C GLU B 22 36.34 -21.72 26.80
N THR B 23 35.51 -20.78 26.40
CA THR B 23 34.19 -20.67 27.00
C THR B 23 33.33 -21.88 26.70
N TYR B 24 33.39 -22.36 25.47
CA TYR B 24 32.59 -23.50 25.07
C TYR B 24 33.35 -24.83 24.98
N ARG B 25 34.64 -24.81 25.30
CA ARG B 25 35.45 -26.04 25.24
C ARG B 25 35.17 -26.70 23.89
N ALA B 26 35.39 -25.93 22.82
CA ALA B 26 35.13 -26.44 21.49
C ALA B 26 36.19 -26.01 20.50
N GLU B 27 36.21 -26.65 19.32
CA GLU B 27 37.16 -26.26 18.30
C GLU B 27 36.43 -25.29 17.39
N VAL B 28 37.15 -24.29 16.89
CA VAL B 28 36.56 -23.29 16.04
C VAL B 28 37.01 -23.37 14.59
N ILE B 29 36.04 -23.39 13.68
CA ILE B 29 36.29 -23.41 12.25
C ILE B 29 36.02 -21.97 11.80
N ALA B 30 37.07 -21.28 11.37
CA ALA B 30 36.94 -19.91 10.92
C ALA B 30 36.54 -19.83 9.45
N PHE B 31 35.66 -18.90 9.13
CA PHE B 31 35.21 -18.70 7.76
C PHE B 31 35.29 -17.22 7.40
N THR B 32 36.14 -16.90 6.43
CA THR B 32 36.30 -15.52 5.98
C THR B 32 35.79 -15.45 4.55
N ALA B 33 34.89 -14.51 4.29
CA ALA B 33 34.35 -14.38 2.95
C ALA B 33 34.95 -13.16 2.26
N ASP B 34 35.30 -13.33 1.00
CA ASP B 34 35.81 -12.21 0.23
C ASP B 34 34.59 -11.69 -0.52
N ILE B 35 34.07 -10.53 -0.10
CA ILE B 35 32.92 -9.95 -0.76
C ILE B 35 33.30 -8.57 -1.28
N GLY B 36 34.59 -8.38 -1.48
CA GLY B 36 35.10 -7.10 -1.98
C GLY B 36 35.50 -6.08 -0.92
N GLN B 37 35.90 -6.54 0.27
CA GLN B 37 36.30 -5.62 1.34
C GLN B 37 37.62 -4.95 1.00
N GLY B 38 38.33 -5.50 0.02
CA GLY B 38 39.60 -4.92 -0.36
C GLY B 38 40.72 -5.35 0.58
N GLU B 39 40.76 -6.64 0.88
CA GLU B 39 41.77 -7.22 1.75
C GLU B 39 42.07 -8.64 1.32
N GLU B 40 43.20 -9.15 1.76
CA GLU B 40 43.58 -10.50 1.38
C GLU B 40 42.95 -11.48 2.36
N VAL B 41 41.96 -12.25 1.90
CA VAL B 41 41.30 -13.20 2.78
C VAL B 41 42.21 -14.36 3.20
N GLU B 42 43.25 -14.64 2.41
CA GLU B 42 44.17 -15.72 2.76
C GLU B 42 44.96 -15.32 3.99
N GLU B 43 45.13 -14.01 4.18
CA GLU B 43 45.85 -13.52 5.35
C GLU B 43 44.98 -13.69 6.59
N ALA B 44 43.67 -13.53 6.42
CA ALA B 44 42.75 -13.70 7.54
C ALA B 44 42.70 -15.19 7.82
N ARG B 45 42.66 -15.99 6.76
CA ARG B 45 42.61 -17.44 6.89
C ARG B 45 43.81 -17.94 7.68
N GLU B 46 45.00 -17.46 7.30
CA GLU B 46 46.23 -17.87 7.96
C GLU B 46 46.28 -17.37 9.42
N LYS B 47 45.80 -16.15 9.65
CA LYS B 47 45.78 -15.59 10.99
C LYS B 47 44.80 -16.39 11.87
N ALA B 48 43.72 -16.89 11.28
CA ALA B 48 42.75 -17.66 12.03
C ALA B 48 43.41 -18.91 12.58
N LEU B 49 44.23 -19.57 11.74
CA LEU B 49 44.93 -20.77 12.14
C LEU B 49 45.92 -20.43 13.25
N ARG B 50 46.61 -19.32 13.10
CA ARG B 50 47.58 -18.89 14.09
C ARG B 50 46.88 -18.55 15.40
N THR B 51 45.63 -18.10 15.29
CA THR B 51 44.88 -17.73 16.48
C THR B 51 44.32 -18.97 17.17
N GLY B 52 44.30 -20.10 16.46
CA GLY B 52 43.81 -21.32 17.07
C GLY B 52 42.68 -22.10 16.41
N ALA B 53 42.23 -21.66 15.25
CA ALA B 53 41.14 -22.37 14.57
C ALA B 53 41.62 -23.75 14.15
N SER B 54 40.78 -24.77 14.32
CA SER B 54 41.16 -26.13 13.92
C SER B 54 41.10 -26.23 12.41
N LYS B 55 40.44 -25.26 11.78
CA LYS B 55 40.31 -25.21 10.34
C LYS B 55 39.92 -23.80 9.96
N ALA B 56 40.48 -23.29 8.87
CA ALA B 56 40.17 -21.96 8.40
C ALA B 56 39.81 -22.03 6.92
N ILE B 57 38.64 -21.47 6.57
CA ILE B 57 38.15 -21.47 5.21
C ILE B 57 37.97 -20.03 4.73
N ALA B 58 38.37 -19.79 3.48
CA ALA B 58 38.27 -18.48 2.86
C ALA B 58 37.74 -18.71 1.46
N LEU B 59 36.68 -18.01 1.09
CA LEU B 59 36.07 -18.17 -0.22
C LEU B 59 35.87 -16.85 -0.94
N ASP B 60 36.02 -16.87 -2.26
CA ASP B 60 35.80 -15.68 -3.05
C ASP B 60 34.33 -15.72 -3.40
N LEU B 61 33.54 -14.87 -2.74
CA LEU B 61 32.11 -14.86 -2.98
C LEU B 61 31.63 -13.60 -3.69
N LYS B 62 32.56 -12.91 -4.35
CA LYS B 62 32.21 -11.68 -5.04
C LYS B 62 31.15 -11.87 -6.11
N GLU B 63 31.28 -12.91 -6.94
CA GLU B 63 30.31 -13.15 -8.00
C GLU B 63 28.95 -13.56 -7.43
N GLU B 64 28.95 -14.48 -6.46
CA GLU B 64 27.68 -14.92 -5.86
C GLU B 64 26.99 -13.73 -5.19
N PHE B 65 27.79 -12.89 -4.53
CA PHE B 65 27.26 -11.71 -3.85
C PHE B 65 26.50 -10.80 -4.81
N VAL B 66 27.15 -10.36 -5.87
CA VAL B 66 26.52 -9.47 -6.84
C VAL B 66 25.40 -10.15 -7.61
N ARG B 67 25.65 -11.37 -8.07
CA ARG B 67 24.68 -12.11 -8.84
C ARG B 67 23.43 -12.52 -8.06
N ASP B 68 23.63 -13.14 -6.90
CA ASP B 68 22.50 -13.64 -6.12
C ASP B 68 21.90 -12.77 -5.02
N PHE B 69 22.55 -11.66 -4.69
CA PHE B 69 22.02 -10.78 -3.65
C PHE B 69 21.85 -9.34 -4.10
N VAL B 70 22.92 -8.75 -4.62
CA VAL B 70 22.87 -7.36 -5.06
C VAL B 70 21.89 -7.15 -6.23
N PHE B 71 22.05 -7.91 -7.31
CA PHE B 71 21.17 -7.76 -8.47
C PHE B 71 19.68 -7.97 -8.15
N PRO B 72 19.33 -9.08 -7.49
CA PRO B 72 17.91 -9.30 -7.16
C PRO B 72 17.33 -8.12 -6.37
N MET B 73 18.11 -7.59 -5.43
CA MET B 73 17.68 -6.44 -4.64
C MET B 73 17.50 -5.19 -5.49
N MET B 74 18.44 -4.95 -6.40
CA MET B 74 18.38 -3.78 -7.28
C MET B 74 17.18 -3.81 -8.20
N ARG B 75 16.77 -5.00 -8.63
CA ARG B 75 15.62 -5.15 -9.51
C ARG B 75 14.38 -4.59 -8.85
N ALA B 76 14.33 -4.67 -7.52
CA ALA B 76 13.19 -4.18 -6.76
C ALA B 76 13.24 -2.68 -6.50
N GLY B 77 14.36 -2.05 -6.86
CA GLY B 77 14.50 -0.62 -6.64
C GLY B 77 14.59 -0.31 -5.16
N ALA B 78 15.14 -1.24 -4.40
CA ALA B 78 15.25 -1.11 -2.95
C ALA B 78 16.05 0.08 -2.43
N VAL B 79 15.38 0.94 -1.68
CA VAL B 79 16.02 2.09 -1.07
C VAL B 79 15.41 2.26 0.33
N TYR B 80 16.26 2.20 1.35
CA TYR B 80 15.80 2.33 2.73
C TYR B 80 15.77 3.78 3.18
N GLU B 81 14.62 4.19 3.69
CA GLU B 81 14.40 5.55 4.19
C GLU B 81 14.96 6.66 3.29
N GLY B 82 14.58 6.61 2.02
CA GLY B 82 14.99 7.62 1.06
C GLY B 82 16.39 7.62 0.49
N TYR B 83 17.37 7.04 1.17
CA TYR B 83 18.72 7.12 0.63
C TYR B 83 19.64 5.90 0.74
N TYR B 84 19.44 5.06 1.75
CA TYR B 84 20.34 3.92 1.93
C TYR B 84 20.16 2.80 0.93
N LEU B 85 21.19 2.59 0.12
CA LEU B 85 21.18 1.55 -0.90
C LEU B 85 21.43 0.15 -0.37
N LEU B 86 21.41 0.01 0.95
CA LEU B 86 21.56 -1.28 1.62
C LEU B 86 22.86 -2.04 1.40
N GLY B 87 23.96 -1.32 1.24
CA GLY B 87 25.25 -1.96 1.01
C GLY B 87 25.64 -3.06 1.97
N THR B 88 25.51 -2.83 3.27
CA THR B 88 25.87 -3.86 4.25
C THR B 88 24.75 -4.88 4.40
N SER B 89 23.52 -4.39 4.38
CA SER B 89 22.33 -5.23 4.54
C SER B 89 22.28 -6.49 3.66
N ILE B 90 22.46 -6.35 2.33
CA ILE B 90 22.40 -7.53 1.43
C ILE B 90 23.59 -8.47 1.48
N ALA B 91 24.67 -8.06 2.13
CA ALA B 91 25.87 -8.90 2.23
C ALA B 91 25.78 -9.91 3.37
N ARG B 92 25.19 -9.50 4.47
CA ARG B 92 25.07 -10.36 5.65
C ARG B 92 24.43 -11.74 5.43
N PRO B 93 23.30 -11.82 4.71
CA PRO B 93 22.62 -13.09 4.44
C PRO B 93 23.53 -14.09 3.73
N LEU B 94 24.33 -13.56 2.80
CA LEU B 94 25.27 -14.36 2.02
C LEU B 94 26.25 -15.06 2.97
N ILE B 95 26.85 -14.28 3.87
CA ILE B 95 27.81 -14.83 4.82
C ILE B 95 27.18 -15.89 5.72
N ALA B 96 26.02 -15.58 6.28
CA ALA B 96 25.32 -16.52 7.17
C ALA B 96 24.93 -17.79 6.42
N LYS B 97 24.62 -17.66 5.13
CA LYS B 97 24.26 -18.81 4.33
C LYS B 97 25.43 -19.79 4.33
N HIS B 98 26.64 -19.29 4.08
CA HIS B 98 27.81 -20.15 4.06
C HIS B 98 28.17 -20.69 5.44
N LEU B 99 27.97 -19.89 6.48
CA LEU B 99 28.25 -20.33 7.85
C LEU B 99 27.44 -21.58 8.16
N VAL B 100 26.17 -21.56 7.75
CA VAL B 100 25.28 -22.69 8.01
C VAL B 100 25.65 -23.90 7.14
N ARG B 101 26.10 -23.65 5.91
CA ARG B 101 26.49 -24.75 5.03
C ARG B 101 27.74 -25.42 5.57
N ILE B 102 28.71 -24.61 6.00
CA ILE B 102 29.96 -25.11 6.53
C ILE B 102 29.73 -25.88 7.84
N ALA B 103 28.79 -25.40 8.65
CA ALA B 103 28.46 -26.07 9.91
C ALA B 103 27.94 -27.47 9.62
N GLU B 104 27.10 -27.58 8.59
CA GLU B 104 26.52 -28.87 8.21
C GLU B 104 27.58 -29.80 7.63
N GLU B 105 28.47 -29.24 6.81
CA GLU B 105 29.53 -30.03 6.22
C GLU B 105 30.55 -30.49 7.27
N GLU B 106 30.76 -29.65 8.30
CA GLU B 106 31.74 -29.97 9.34
C GLU B 106 31.17 -30.71 10.55
N GLY B 107 29.85 -30.78 10.63
CA GLY B 107 29.24 -31.45 11.76
C GLY B 107 29.30 -30.56 12.98
N ALA B 108 29.21 -29.25 12.78
CA ALA B 108 29.25 -28.29 13.89
C ALA B 108 27.82 -27.95 14.31
N GLU B 109 27.56 -28.00 15.61
CA GLU B 109 26.23 -27.71 16.12
C GLU B 109 25.94 -26.22 16.22
N ALA B 110 27.00 -25.41 16.24
CA ALA B 110 26.82 -23.97 16.37
C ALA B 110 27.63 -23.09 15.44
N ILE B 111 27.18 -21.84 15.30
CA ILE B 111 27.87 -20.85 14.49
C ILE B 111 27.97 -19.61 15.36
N ALA B 112 28.93 -18.74 15.05
CA ALA B 112 29.12 -17.53 15.81
C ALA B 112 29.49 -16.35 14.92
N HIS B 113 29.24 -15.15 15.41
CA HIS B 113 29.56 -13.93 14.68
C HIS B 113 29.87 -12.85 15.72
N GLY B 114 30.56 -11.81 15.31
CA GLY B 114 30.91 -10.74 16.23
C GLY B 114 30.10 -9.46 16.10
N ALA B 115 28.86 -9.56 15.62
CA ALA B 115 28.02 -8.37 15.51
C ALA B 115 27.59 -8.02 16.94
N THR B 116 27.47 -6.73 17.27
CA THR B 116 27.07 -6.36 18.63
C THR B 116 25.59 -6.53 18.87
N GLY B 117 25.21 -6.46 20.15
CA GLY B 117 23.82 -6.61 20.54
C GLY B 117 22.99 -5.37 20.29
N LYS B 118 23.61 -4.29 19.81
CA LYS B 118 22.82 -3.09 19.57
C LYS B 118 22.72 -2.68 18.11
N GLY B 119 23.15 -3.55 17.22
CA GLY B 119 23.10 -3.25 15.80
C GLY B 119 22.10 -4.07 15.02
N ASN B 120 22.14 -3.92 13.69
CA ASN B 120 21.27 -4.63 12.77
C ASN B 120 21.86 -5.94 12.28
N ASP B 121 23.19 -5.99 12.15
CA ASP B 121 23.86 -7.19 11.64
C ASP B 121 23.56 -8.48 12.41
N GLN B 122 23.41 -8.39 13.72
CA GLN B 122 23.09 -9.58 14.52
C GLN B 122 21.79 -10.20 14.02
N VAL B 123 20.81 -9.37 13.72
CA VAL B 123 19.52 -9.85 13.25
C VAL B 123 19.61 -10.49 11.88
N ARG B 124 20.39 -9.88 10.99
CA ARG B 124 20.55 -10.41 9.64
C ARG B 124 21.20 -11.79 9.70
N PHE B 125 22.27 -11.90 10.49
CA PHE B 125 22.97 -13.16 10.64
C PHE B 125 22.11 -14.26 11.23
N GLU B 126 21.43 -13.93 12.33
CA GLU B 126 20.61 -14.92 13.01
C GLU B 126 19.30 -15.30 12.32
N LEU B 127 18.60 -14.32 11.77
CA LEU B 127 17.36 -14.65 11.06
C LEU B 127 17.72 -15.54 9.87
N THR B 128 18.86 -15.27 9.24
CA THR B 128 19.30 -16.08 8.10
C THR B 128 19.57 -17.51 8.54
N ALA B 129 20.39 -17.64 9.59
CA ALA B 129 20.76 -18.93 10.14
C ALA B 129 19.57 -19.76 10.54
N TYR B 130 18.68 -19.19 11.36
CA TYR B 130 17.50 -19.90 11.83
C TYR B 130 16.56 -20.27 10.69
N ALA B 131 16.49 -19.41 9.66
CA ALA B 131 15.63 -19.67 8.52
C ALA B 131 16.11 -20.88 7.73
N LEU B 132 17.42 -20.98 7.53
CA LEU B 132 18.01 -22.08 6.76
C LEU B 132 18.20 -23.38 7.55
N LYS B 133 18.52 -23.25 8.82
CA LYS B 133 18.74 -24.42 9.67
C LYS B 133 18.17 -24.04 11.05
N PRO B 134 16.87 -24.32 11.27
CA PRO B 134 16.15 -24.03 12.51
C PRO B 134 16.71 -24.62 13.80
N ASP B 135 17.45 -25.71 13.70
CA ASP B 135 18.02 -26.34 14.90
C ASP B 135 19.44 -25.86 15.18
N ILE B 136 19.92 -24.91 14.39
CA ILE B 136 21.26 -24.39 14.59
C ILE B 136 21.37 -23.57 15.87
N LYS B 137 22.51 -23.69 16.54
CA LYS B 137 22.75 -22.92 17.75
C LYS B 137 23.58 -21.71 17.34
N VAL B 138 23.18 -20.53 17.81
CA VAL B 138 23.89 -19.30 17.49
C VAL B 138 24.54 -18.72 18.73
N ILE B 139 25.80 -18.31 18.57
CA ILE B 139 26.54 -17.70 19.67
C ILE B 139 27.03 -16.33 19.29
N ALA B 140 26.54 -15.31 20.01
CA ALA B 140 26.94 -13.94 19.78
C ALA B 140 27.67 -13.47 21.05
N PRO B 141 28.99 -13.62 21.09
CA PRO B 141 29.78 -13.23 22.26
C PRO B 141 29.48 -11.83 22.84
N TRP B 142 29.19 -10.85 21.98
CA TRP B 142 28.90 -9.51 22.48
C TRP B 142 27.69 -9.47 23.41
N ARG B 143 26.79 -10.43 23.25
CA ARG B 143 25.61 -10.51 24.11
C ARG B 143 25.83 -11.51 25.26
N GLU B 144 27.00 -12.14 25.31
CA GLU B 144 27.28 -13.17 26.31
C GLU B 144 28.48 -12.98 27.24
N TRP B 145 29.56 -12.41 26.72
CA TRP B 145 30.76 -12.26 27.52
C TRP B 145 30.71 -11.21 28.61
N SER B 146 31.75 -11.21 29.44
CA SER B 146 31.81 -10.28 30.55
C SER B 146 32.85 -9.18 30.42
N PHE B 147 33.43 -9.03 29.23
CA PHE B 147 34.42 -7.97 29.03
C PHE B 147 33.73 -6.68 29.41
N GLN B 148 34.42 -5.87 30.21
CA GLN B 148 33.89 -4.58 30.63
C GLN B 148 34.80 -3.50 30.05
N GLY B 149 34.57 -3.12 28.81
CA GLY B 149 35.40 -2.08 28.21
C GLY B 149 36.41 -2.57 27.20
N ARG B 150 36.93 -1.63 26.42
CA ARG B 150 37.91 -1.94 25.39
C ARG B 150 39.31 -2.25 25.92
N LYS B 151 39.65 -1.64 27.04
CA LYS B 151 40.96 -1.85 27.65
C LYS B 151 41.15 -3.30 28.07
N GLU B 152 40.12 -3.89 28.67
CA GLU B 152 40.21 -5.29 29.09
C GLU B 152 40.30 -6.18 27.86
N MET B 153 39.71 -5.74 26.75
CA MET B 153 39.74 -6.52 25.52
C MET B 153 41.16 -6.56 24.95
N ILE B 154 41.83 -5.42 24.94
CA ILE B 154 43.21 -5.38 24.45
C ILE B 154 44.09 -6.27 25.31
N ALA B 155 43.91 -6.19 26.62
CA ALA B 155 44.72 -6.99 27.55
C ALA B 155 44.53 -8.48 27.31
N TYR B 156 43.28 -8.88 27.06
CA TYR B 156 42.94 -10.27 26.79
C TYR B 156 43.65 -10.75 25.53
N ALA B 157 43.60 -9.93 24.49
CA ALA B 157 44.24 -10.26 23.21
C ALA B 157 45.75 -10.32 23.37
N GLU B 158 46.34 -9.26 23.89
CA GLU B 158 47.79 -9.23 24.08
C GLU B 158 48.19 -10.46 24.87
N ALA B 159 47.40 -10.79 25.89
CA ALA B 159 47.69 -11.96 26.71
C ALA B 159 47.61 -13.24 25.89
N HIS B 160 46.83 -13.22 24.80
CA HIS B 160 46.69 -14.42 23.97
C HIS B 160 47.50 -14.40 22.69
N GLY B 161 48.47 -13.49 22.63
CA GLY B 161 49.32 -13.40 21.46
C GLY B 161 48.68 -12.80 20.23
N ILE B 162 47.49 -12.22 20.39
CA ILE B 162 46.78 -11.59 19.28
C ILE B 162 47.30 -10.18 19.12
N PRO B 163 47.74 -9.80 17.92
CA PRO B 163 48.24 -8.43 17.76
C PRO B 163 47.15 -7.39 17.98
N VAL B 164 47.54 -6.25 18.52
CA VAL B 164 46.61 -5.16 18.79
C VAL B 164 47.04 -3.94 18.01
N PRO B 165 46.10 -3.08 17.62
CA PRO B 165 46.49 -1.88 16.88
C PRO B 165 47.66 -1.17 17.54
N PRO B 171 38.02 6.45 15.33
CA PRO B 171 37.41 7.75 14.94
C PRO B 171 35.98 7.46 14.50
N TYR B 172 35.79 6.26 13.95
CA TYR B 172 34.50 5.78 13.45
C TYR B 172 34.69 4.34 12.99
N SER B 173 33.59 3.62 12.82
CA SER B 173 33.60 2.22 12.38
C SER B 173 33.33 2.16 10.87
N MET B 174 33.80 1.09 10.20
CA MET B 174 33.61 0.94 8.76
C MET B 174 33.24 -0.48 8.36
N ASP B 175 32.54 -0.59 7.24
CA ASP B 175 32.19 -1.88 6.67
C ASP B 175 32.26 -1.67 5.16
N ALA B 176 33.14 -2.42 4.51
CA ALA B 176 33.33 -2.28 3.07
C ALA B 176 33.15 -3.58 2.32
N ASN B 177 32.54 -3.49 1.15
CA ASN B 177 32.36 -4.63 0.26
C ASN B 177 32.16 -4.07 -1.14
N LEU B 178 31.94 -4.95 -2.12
CA LEU B 178 31.77 -4.52 -3.51
C LEU B 178 30.70 -3.47 -3.78
N LEU B 179 29.66 -3.43 -2.95
CA LEU B 179 28.58 -2.47 -3.16
C LEU B 179 28.80 -1.10 -2.53
N HIS B 180 29.45 -1.05 -1.38
CA HIS B 180 29.70 0.25 -0.74
C HIS B 180 30.70 0.18 0.41
N ILE B 181 30.77 1.27 1.13
CA ILE B 181 31.58 1.36 2.33
C ILE B 181 30.73 2.18 3.28
N SER B 182 30.51 1.64 4.46
CA SER B 182 29.72 2.31 5.47
C SER B 182 30.60 2.89 6.57
N TYR B 183 30.23 4.08 7.04
CA TYR B 183 30.95 4.75 8.11
C TYR B 183 29.96 5.19 9.17
N GLU B 184 30.20 4.80 10.41
CA GLU B 184 29.34 5.19 11.53
C GLU B 184 30.06 5.01 12.85
N GLY B 185 29.57 5.71 13.88
CA GLY B 185 30.19 5.64 15.19
C GLY B 185 31.22 6.75 15.35
N GLY B 186 31.83 6.82 16.53
CA GLY B 186 32.82 7.83 16.79
C GLY B 186 32.31 9.24 16.61
N VAL B 187 33.10 10.05 15.91
CA VAL B 187 32.76 11.44 15.65
C VAL B 187 31.50 11.62 14.80
N LEU B 188 31.10 10.57 14.10
CA LEU B 188 29.91 10.64 13.25
C LEU B 188 28.63 10.59 14.08
N GLU B 189 28.77 10.22 15.35
CA GLU B 189 27.63 10.10 16.26
C GLU B 189 26.94 11.43 16.54
N ASP B 190 27.56 12.52 16.13
CA ASP B 190 26.95 13.84 16.29
C ASP B 190 26.34 14.23 14.93
N PRO B 191 25.02 14.09 14.79
CA PRO B 191 24.32 14.41 13.54
C PRO B 191 24.46 15.83 13.02
N TRP B 192 25.00 16.72 13.83
CA TRP B 192 25.19 18.10 13.40
C TRP B 192 26.60 18.33 12.85
N ALA B 193 27.49 17.38 13.07
CA ALA B 193 28.87 17.51 12.60
C ALA B 193 29.10 16.86 11.24
N GLU B 194 29.66 17.63 10.31
CA GLU B 194 29.96 17.11 8.97
C GLU B 194 31.05 16.03 9.16
N PRO B 195 31.05 14.98 8.33
CA PRO B 195 32.08 13.94 8.48
C PRO B 195 33.45 14.58 8.26
N PRO B 196 34.50 14.05 8.90
CA PRO B 196 35.87 14.58 8.75
C PRO B 196 36.45 14.50 7.35
N LYS B 197 37.33 15.43 7.03
CA LYS B 197 37.97 15.47 5.72
C LYS B 197 38.75 14.19 5.46
N GLY B 198 38.73 13.74 4.21
CA GLY B 198 39.46 12.55 3.85
C GLY B 198 38.90 11.23 4.34
N MET B 199 37.71 11.25 4.93
CA MET B 199 37.14 10.00 5.43
C MET B 199 36.86 8.99 4.32
N PHE B 200 36.26 9.46 3.22
CA PHE B 200 35.91 8.58 2.11
C PHE B 200 37.09 7.90 1.46
N ARG B 201 36.91 6.62 1.17
CA ARG B 201 37.97 5.81 0.58
C ARG B 201 37.65 5.32 -0.84
N MET B 202 36.43 4.86 -1.03
CA MET B 202 35.98 4.32 -2.31
C MET B 202 35.70 5.38 -3.37
N THR B 203 35.42 6.60 -2.93
CA THR B 203 35.12 7.68 -3.86
C THR B 203 36.03 8.88 -3.63
N GLN B 204 36.38 9.55 -4.73
CA GLN B 204 37.22 10.74 -4.68
C GLN B 204 36.34 11.95 -4.35
N ASP B 205 36.83 12.85 -3.51
CA ASP B 205 36.04 14.04 -3.17
C ASP B 205 35.69 14.78 -4.45
N PRO B 206 34.44 15.28 -4.56
CA PRO B 206 34.05 16.00 -5.76
C PRO B 206 34.99 17.16 -6.09
N GLU B 207 35.54 17.77 -5.05
CA GLU B 207 36.46 18.90 -5.23
C GLU B 207 37.67 18.46 -6.02
N GLU B 208 38.04 17.19 -5.89
CA GLU B 208 39.21 16.66 -6.59
C GLU B 208 38.87 15.91 -7.87
N ALA B 209 37.58 15.64 -8.08
CA ALA B 209 37.14 14.92 -9.27
C ALA B 209 37.46 15.72 -10.54
N PRO B 210 37.54 15.03 -11.69
CA PRO B 210 37.84 15.65 -12.99
C PRO B 210 36.91 16.81 -13.31
N ASP B 211 37.44 17.84 -13.97
CA ASP B 211 36.64 18.99 -14.35
C ASP B 211 35.87 18.64 -15.61
N ALA B 212 36.17 17.48 -16.17
CA ALA B 212 35.49 17.03 -17.38
C ALA B 212 34.50 15.93 -17.08
N PRO B 213 33.23 16.14 -17.43
CA PRO B 213 32.24 15.09 -17.17
C PRO B 213 32.55 13.86 -18.03
N GLU B 214 32.14 12.69 -17.56
CA GLU B 214 32.38 11.45 -18.30
C GLU B 214 31.06 10.79 -18.60
N TYR B 215 30.83 10.47 -19.86
CA TYR B 215 29.60 9.79 -20.25
C TYR B 215 29.83 8.30 -20.11
N VAL B 216 28.82 7.58 -19.63
CA VAL B 216 28.91 6.14 -19.45
C VAL B 216 27.58 5.50 -19.85
N GLU B 217 27.66 4.37 -20.54
CA GLU B 217 26.45 3.67 -20.93
C GLU B 217 26.39 2.32 -20.25
N VAL B 218 25.20 1.98 -19.77
CA VAL B 218 25.00 0.71 -19.09
C VAL B 218 23.87 -0.02 -19.78
N GLU B 219 24.15 -1.23 -20.25
CA GLU B 219 23.14 -2.04 -20.93
C GLU B 219 22.45 -2.96 -19.94
N PHE B 220 21.12 -3.00 -19.99
CA PHE B 220 20.35 -3.87 -19.12
C PHE B 220 19.67 -4.96 -19.95
N PHE B 221 19.65 -6.18 -19.43
CA PHE B 221 18.97 -7.28 -20.11
C PHE B 221 18.10 -7.98 -19.10
N GLU B 222 16.79 -7.90 -19.31
CA GLU B 222 15.83 -8.54 -18.43
C GLU B 222 16.01 -8.22 -16.96
N GLY B 223 16.25 -6.93 -16.66
CA GLY B 223 16.39 -6.52 -15.28
C GLY B 223 17.77 -6.38 -14.68
N ASP B 224 18.78 -7.02 -15.27
CA ASP B 224 20.15 -6.94 -14.76
C ASP B 224 21.13 -6.27 -15.71
N PRO B 225 22.06 -5.48 -15.16
CA PRO B 225 23.06 -4.79 -15.98
C PRO B 225 24.04 -5.83 -16.52
N VAL B 226 24.18 -5.88 -17.84
CA VAL B 226 25.06 -6.85 -18.47
C VAL B 226 26.29 -6.27 -19.18
N ALA B 227 26.31 -4.97 -19.42
CA ALA B 227 27.44 -4.35 -20.09
C ALA B 227 27.64 -2.88 -19.75
N VAL B 228 28.89 -2.43 -19.84
CA VAL B 228 29.26 -1.05 -19.58
C VAL B 228 30.05 -0.54 -20.78
N ASN B 229 29.55 0.52 -21.41
CA ASN B 229 30.18 1.10 -22.59
C ASN B 229 30.45 0.04 -23.66
N GLY B 230 29.49 -0.85 -23.86
CA GLY B 230 29.63 -1.89 -24.87
C GLY B 230 30.41 -3.13 -24.48
N GLU B 231 31.08 -3.09 -23.33
CA GLU B 231 31.85 -4.25 -22.89
C GLU B 231 31.04 -5.10 -21.93
N ARG B 232 30.87 -6.37 -22.31
CA ARG B 232 30.11 -7.33 -21.49
C ARG B 232 30.94 -7.62 -20.26
N LEU B 233 30.32 -7.56 -19.09
CA LEU B 233 31.03 -7.84 -17.84
C LEU B 233 30.17 -8.72 -16.94
N SER B 234 30.81 -9.65 -16.23
CA SER B 234 30.07 -10.51 -15.34
C SER B 234 29.57 -9.60 -14.20
N PRO B 235 28.58 -10.05 -13.42
CA PRO B 235 28.05 -9.23 -12.32
C PRO B 235 29.10 -8.51 -11.44
N ALA B 236 29.98 -9.27 -10.80
CA ALA B 236 31.00 -8.66 -9.95
C ALA B 236 31.96 -7.74 -10.72
N ALA B 237 32.39 -8.16 -11.92
CA ALA B 237 33.30 -7.33 -12.70
C ALA B 237 32.59 -6.05 -13.15
N LEU B 238 31.29 -6.14 -13.39
CA LEU B 238 30.53 -4.97 -13.82
C LEU B 238 30.37 -3.95 -12.68
N LEU B 239 30.10 -4.43 -11.46
CA LEU B 239 29.94 -3.56 -10.31
C LEU B 239 31.28 -2.87 -10.07
N GLN B 240 32.35 -3.66 -10.14
CA GLN B 240 33.71 -3.15 -9.95
C GLN B 240 33.97 -2.01 -10.93
N ARG B 241 33.72 -2.27 -12.21
CA ARG B 241 33.92 -1.26 -13.25
C ARG B 241 33.19 0.04 -12.94
N LEU B 242 31.92 -0.06 -12.56
CA LEU B 242 31.14 1.13 -12.25
C LEU B 242 31.61 1.83 -10.97
N ASN B 243 32.19 1.08 -10.03
CA ASN B 243 32.71 1.69 -8.81
C ASN B 243 33.94 2.53 -9.18
N GLU B 244 34.72 2.03 -10.15
CA GLU B 244 35.92 2.73 -10.60
C GLU B 244 35.56 4.02 -11.31
N ILE B 245 34.68 3.95 -12.30
CA ILE B 245 34.26 5.12 -13.05
C ILE B 245 33.54 6.11 -12.14
N GLY B 246 32.56 5.62 -11.39
CA GLY B 246 31.83 6.49 -10.51
C GLY B 246 32.67 7.00 -9.35
N GLY B 247 33.57 6.16 -8.86
CA GLY B 247 34.41 6.57 -7.76
C GLY B 247 35.28 7.77 -8.11
N ARG B 248 35.88 7.75 -9.30
CA ARG B 248 36.73 8.86 -9.71
C ARG B 248 35.98 10.18 -9.70
N HIS B 249 34.69 10.14 -10.03
CA HIS B 249 33.90 11.37 -10.05
C HIS B 249 33.24 11.67 -8.70
N GLY B 250 33.49 10.82 -7.72
CA GLY B 250 32.93 11.01 -6.40
C GLY B 250 31.42 10.89 -6.25
N VAL B 251 30.79 10.03 -7.06
CA VAL B 251 29.34 9.84 -7.00
C VAL B 251 28.91 8.85 -5.92
N GLY B 252 27.67 8.97 -5.47
CA GLY B 252 27.13 8.03 -4.49
C GLY B 252 27.35 8.23 -2.99
N ARG B 253 27.49 9.46 -2.54
CA ARG B 253 27.69 9.73 -1.12
C ARG B 253 26.36 10.16 -0.48
N VAL B 254 26.02 9.55 0.66
CA VAL B 254 24.81 9.90 1.38
C VAL B 254 25.12 10.02 2.88
N ASP B 255 24.44 10.94 3.55
CA ASP B 255 24.63 11.20 4.98
C ASP B 255 23.23 11.19 5.61
N ILE B 256 22.93 10.14 6.37
CA ILE B 256 21.59 10.02 6.98
C ILE B 256 21.59 9.55 8.43
N VAL B 257 20.50 9.87 9.12
CA VAL B 257 20.28 9.38 10.47
C VAL B 257 19.14 8.40 10.20
N GLU B 258 19.47 7.12 10.28
CA GLU B 258 18.54 6.03 10.00
C GLU B 258 17.96 5.40 11.24
N ASN B 259 16.89 4.63 11.06
CA ASN B 259 16.25 3.93 12.17
C ASN B 259 16.66 2.45 12.13
N ARG B 260 17.34 1.99 13.16
CA ARG B 260 17.75 0.59 13.22
C ARG B 260 16.54 -0.24 13.59
N PHE B 261 16.59 -1.52 13.27
CA PHE B 261 15.50 -2.45 13.56
C PHE B 261 15.35 -2.65 15.06
N VAL B 262 16.46 -2.61 15.80
CA VAL B 262 16.37 -2.78 17.25
C VAL B 262 15.77 -1.55 17.95
N GLY B 263 15.41 -0.53 17.19
CA GLY B 263 14.76 0.62 17.79
C GLY B 263 15.37 2.01 17.91
N MET B 264 16.68 2.15 17.74
CA MET B 264 17.27 3.48 17.89
C MET B 264 17.77 4.09 16.58
N LYS B 265 17.89 5.41 16.58
CA LYS B 265 18.39 6.14 15.41
C LYS B 265 19.92 6.10 15.41
N SER B 266 20.49 6.09 14.22
CA SER B 266 21.94 6.04 14.06
C SER B 266 22.37 6.85 12.85
N ARG B 267 23.44 7.63 13.02
CA ARG B 267 23.95 8.47 11.94
C ARG B 267 24.91 7.64 11.10
N GLY B 268 24.53 7.41 9.85
CA GLY B 268 25.36 6.63 8.96
C GLY B 268 25.77 7.38 7.70
N VAL B 269 27.00 7.17 7.27
CA VAL B 269 27.52 7.80 6.05
C VAL B 269 27.87 6.68 5.08
N TYR B 270 27.40 6.81 3.84
CA TYR B 270 27.65 5.79 2.83
C TYR B 270 28.10 6.30 1.46
N GLU B 271 28.97 5.53 0.83
CA GLU B 271 29.43 5.84 -0.52
C GLU B 271 29.16 4.57 -1.33
N THR B 272 28.36 4.72 -2.39
CA THR B 272 27.96 3.62 -3.25
C THR B 272 28.07 4.09 -4.71
N PRO B 273 29.30 4.34 -5.19
CA PRO B 273 29.53 4.80 -6.57
C PRO B 273 28.86 3.98 -7.67
N GLY B 274 29.23 2.71 -7.77
CA GLY B 274 28.64 1.86 -8.80
C GLY B 274 27.15 1.63 -8.61
N GLY B 275 26.74 1.37 -7.38
CA GLY B 275 25.33 1.14 -7.12
C GLY B 275 24.46 2.33 -7.45
N THR B 276 24.96 3.52 -7.18
CA THR B 276 24.21 4.74 -7.46
C THR B 276 24.05 4.93 -8.97
N ILE B 277 25.08 4.63 -9.74
CA ILE B 277 24.99 4.73 -11.19
C ILE B 277 23.93 3.73 -11.66
N LEU B 278 24.01 2.51 -11.16
CA LEU B 278 23.06 1.46 -11.54
C LEU B 278 21.62 1.82 -11.18
N TYR B 279 21.44 2.50 -10.05
CA TYR B 279 20.11 2.90 -9.61
C TYR B 279 19.42 3.78 -10.65
N HIS B 280 20.11 4.82 -11.10
CA HIS B 280 19.55 5.74 -12.08
C HIS B 280 19.51 5.16 -13.49
N ALA B 281 20.48 4.32 -13.82
CA ALA B 281 20.54 3.68 -15.13
C ALA B 281 19.31 2.78 -15.29
N ARG B 282 19.04 2.00 -14.26
CA ARG B 282 17.88 1.11 -14.27
C ARG B 282 16.59 1.92 -14.45
N ARG B 283 16.41 2.97 -13.67
CA ARG B 283 15.19 3.75 -13.83
C ARG B 283 15.09 4.38 -15.21
N ALA B 284 16.23 4.71 -15.81
CA ALA B 284 16.24 5.30 -17.14
C ALA B 284 15.71 4.30 -18.16
N VAL B 285 16.17 3.05 -18.06
CA VAL B 285 15.71 2.00 -18.97
C VAL B 285 14.24 1.67 -18.69
N GLU B 286 13.85 1.68 -17.42
CA GLU B 286 12.46 1.38 -17.05
C GLU B 286 11.51 2.44 -17.59
N SER B 287 11.98 3.68 -17.72
CA SER B 287 11.12 4.76 -18.21
C SER B 287 10.64 4.53 -19.64
N LEU B 288 11.29 3.60 -20.35
CA LEU B 288 10.90 3.29 -21.72
C LEU B 288 10.27 1.90 -21.79
N THR B 289 10.69 1.00 -20.90
CA THR B 289 10.22 -0.37 -20.92
C THR B 289 9.11 -0.77 -19.94
N LEU B 290 8.78 0.08 -18.97
CA LEU B 290 7.73 -0.27 -18.03
C LEU B 290 6.46 0.53 -18.23
N ASP B 291 5.33 -0.16 -18.07
CA ASP B 291 4.04 0.49 -18.20
C ASP B 291 3.82 1.41 -16.99
N ARG B 292 3.07 2.49 -17.21
CA ARG B 292 2.80 3.47 -16.17
C ARG B 292 2.25 2.86 -14.88
N GLU B 293 1.14 2.15 -14.99
CA GLU B 293 0.51 1.54 -13.84
C GLU B 293 1.42 0.52 -13.13
N VAL B 294 2.18 -0.26 -13.89
CA VAL B 294 3.09 -1.23 -13.29
C VAL B 294 4.16 -0.49 -12.48
N LEU B 295 4.70 0.58 -13.06
CA LEU B 295 5.72 1.40 -12.41
C LEU B 295 5.23 1.96 -11.08
N HIS B 296 4.07 2.60 -11.11
CA HIS B 296 3.52 3.20 -9.90
C HIS B 296 3.29 2.18 -8.79
N GLN B 297 2.83 0.98 -9.15
CA GLN B 297 2.60 -0.06 -8.14
C GLN B 297 3.94 -0.52 -7.60
N ARG B 298 4.87 -0.80 -8.51
CA ARG B 298 6.20 -1.27 -8.15
C ARG B 298 6.86 -0.30 -7.17
N ASP B 299 6.80 1.00 -7.48
CA ASP B 299 7.40 2.02 -6.63
C ASP B 299 6.77 2.10 -5.23
N MET B 300 5.50 1.74 -5.10
CA MET B 300 4.86 1.78 -3.80
C MET B 300 5.21 0.56 -2.94
N LEU B 301 5.78 -0.47 -3.57
CA LEU B 301 6.17 -1.67 -2.84
C LEU B 301 7.68 -1.71 -2.52
N SER B 302 8.47 -0.94 -3.26
CA SER B 302 9.91 -0.89 -3.05
C SER B 302 10.35 -0.62 -1.60
N PRO B 303 9.76 0.40 -0.95
CA PRO B 303 10.14 0.72 0.43
C PRO B 303 9.94 -0.45 1.39
N LYS B 304 8.87 -1.21 1.19
CA LYS B 304 8.58 -2.35 2.05
C LYS B 304 9.69 -3.38 1.88
N TYR B 305 10.01 -3.69 0.63
CA TYR B 305 11.06 -4.65 0.33
C TYR B 305 12.37 -4.16 0.95
N ALA B 306 12.59 -2.85 0.90
CA ALA B 306 13.80 -2.26 1.45
C ALA B 306 13.92 -2.50 2.96
N GLU B 307 12.83 -2.29 3.69
CA GLU B 307 12.88 -2.51 5.13
C GLU B 307 13.11 -3.99 5.43
N LEU B 308 12.54 -4.87 4.62
CA LEU B 308 12.76 -6.30 4.83
C LEU B 308 14.26 -6.62 4.73
N VAL B 309 14.91 -6.10 3.69
CA VAL B 309 16.35 -6.33 3.51
C VAL B 309 17.12 -5.75 4.70
N TYR B 310 16.78 -4.51 5.07
CA TYR B 310 17.44 -3.82 6.17
C TYR B 310 17.30 -4.57 7.50
N TYR B 311 16.11 -5.06 7.79
CA TYR B 311 15.84 -5.78 9.02
C TYR B 311 16.49 -7.16 9.05
N GLY B 312 16.73 -7.73 7.88
CA GLY B 312 17.35 -9.04 7.81
C GLY B 312 16.47 -10.16 7.33
N PHE B 313 15.27 -9.83 6.84
CA PHE B 313 14.37 -10.86 6.36
C PHE B 313 14.64 -11.14 4.88
N TRP B 314 15.82 -11.68 4.59
CA TRP B 314 16.18 -11.99 3.22
C TRP B 314 15.61 -13.36 2.86
N TYR B 315 16.04 -14.38 3.58
CA TYR B 315 15.54 -15.72 3.36
C TYR B 315 14.26 -15.83 4.18
N ALA B 316 13.23 -15.10 3.75
CA ALA B 316 11.94 -15.07 4.41
C ALA B 316 10.86 -15.04 3.33
N PRO B 317 9.71 -15.67 3.60
CA PRO B 317 8.62 -15.70 2.62
C PRO B 317 8.11 -14.36 2.09
N GLU B 318 7.99 -13.36 2.95
CA GLU B 318 7.51 -12.03 2.50
C GLU B 318 8.40 -11.49 1.40
N ARG B 319 9.71 -11.59 1.64
CA ARG B 319 10.70 -11.08 0.71
C ARG B 319 10.68 -11.85 -0.61
N GLU B 320 10.63 -13.17 -0.54
CA GLU B 320 10.62 -13.97 -1.75
C GLU B 320 9.32 -13.78 -2.56
N ALA B 321 8.22 -13.52 -1.86
CA ALA B 321 6.93 -13.29 -2.51
C ALA B 321 7.01 -11.99 -3.31
N LEU B 322 7.51 -10.94 -2.66
CA LEU B 322 7.66 -9.66 -3.32
C LEU B 322 8.66 -9.78 -4.47
N GLN B 323 9.69 -10.61 -4.28
CA GLN B 323 10.71 -10.83 -5.32
C GLN B 323 10.07 -11.40 -6.59
N ALA B 324 9.03 -12.21 -6.41
CA ALA B 324 8.33 -12.78 -7.56
C ALA B 324 7.72 -11.63 -8.37
N TYR B 325 7.15 -10.65 -7.67
CA TYR B 325 6.55 -9.49 -8.32
C TYR B 325 7.63 -8.66 -9.04
N PHE B 326 8.66 -8.27 -8.30
CA PHE B 326 9.75 -7.46 -8.86
C PHE B 326 10.45 -8.14 -10.03
N ASP B 327 10.66 -9.45 -9.94
CA ASP B 327 11.31 -10.18 -11.01
C ASP B 327 10.42 -10.22 -12.25
N HIS B 328 9.12 -10.33 -12.06
CA HIS B 328 8.20 -10.34 -13.18
C HIS B 328 8.35 -9.00 -13.91
N VAL B 329 8.22 -7.92 -13.16
CA VAL B 329 8.33 -6.58 -13.70
C VAL B 329 9.68 -6.30 -14.35
N ALA B 330 10.74 -6.64 -13.63
CA ALA B 330 12.12 -6.42 -14.10
C ALA B 330 12.47 -7.10 -15.42
N ARG B 331 11.84 -8.24 -15.69
CA ARG B 331 12.12 -8.97 -16.92
C ARG B 331 11.98 -8.13 -18.19
N SER B 332 11.15 -7.09 -18.13
CA SER B 332 10.92 -6.20 -19.26
C SER B 332 11.99 -5.12 -19.40
N VAL B 333 12.80 -4.95 -18.36
CA VAL B 333 13.82 -3.91 -18.36
C VAL B 333 15.03 -4.28 -19.21
N THR B 334 14.91 -3.98 -20.49
CA THR B 334 15.97 -4.27 -21.45
C THR B 334 16.23 -3.03 -22.31
N GLY B 335 17.46 -2.55 -22.25
CA GLY B 335 17.81 -1.36 -23.01
C GLY B 335 19.11 -0.79 -22.53
N VAL B 336 19.40 0.43 -22.97
CA VAL B 336 20.63 1.09 -22.58
C VAL B 336 20.38 2.48 -21.99
N ALA B 337 21.05 2.76 -20.89
CA ALA B 337 20.94 4.06 -20.23
C ALA B 337 22.25 4.84 -20.50
N ARG B 338 22.12 6.13 -20.75
CA ARG B 338 23.30 6.96 -20.97
C ARG B 338 23.35 8.01 -19.86
N LEU B 339 24.40 7.95 -19.06
CA LEU B 339 24.55 8.88 -17.95
C LEU B 339 25.78 9.78 -18.07
N LYS B 340 25.67 10.96 -17.49
CA LYS B 340 26.73 11.95 -17.49
C LYS B 340 27.19 12.09 -16.04
N LEU B 341 28.43 11.73 -15.77
CA LEU B 341 28.98 11.81 -14.42
C LEU B 341 29.83 13.07 -14.29
N TYR B 342 29.58 13.84 -13.24
CA TYR B 342 30.34 15.07 -13.01
C TYR B 342 30.32 15.55 -11.57
N LYS B 343 31.51 15.64 -10.99
CA LYS B 343 31.69 16.09 -9.61
C LYS B 343 30.54 15.76 -8.64
N GLY B 344 30.43 14.48 -8.32
CA GLY B 344 29.41 14.03 -7.38
C GLY B 344 28.05 13.67 -7.94
N ASN B 345 27.69 14.21 -9.09
CA ASN B 345 26.39 13.94 -9.70
C ASN B 345 26.38 12.80 -10.69
N VAL B 346 25.20 12.22 -10.88
CA VAL B 346 24.98 11.19 -11.86
C VAL B 346 23.78 11.71 -12.64
N TYR B 347 24.00 12.22 -13.85
CA TYR B 347 22.89 12.73 -14.64
C TYR B 347 22.47 11.79 -15.76
N VAL B 348 21.17 11.52 -15.85
CA VAL B 348 20.66 10.70 -16.94
C VAL B 348 20.52 11.68 -18.11
N VAL B 349 21.13 11.36 -19.25
CA VAL B 349 21.03 12.24 -20.41
C VAL B 349 20.40 11.52 -21.60
N GLY B 350 20.21 10.21 -21.49
CA GLY B 350 19.61 9.47 -22.58
C GLY B 350 19.29 8.03 -22.26
N ARG B 351 18.35 7.47 -23.02
CA ARG B 351 17.94 6.09 -22.85
C ARG B 351 17.30 5.58 -24.13
N LYS B 352 17.51 4.30 -24.42
CA LYS B 352 16.95 3.68 -25.61
C LYS B 352 16.61 2.24 -25.26
N ALA B 353 15.74 1.61 -26.03
CA ALA B 353 15.35 0.22 -25.78
C ALA B 353 14.76 -0.42 -27.02
N PRO B 354 15.00 -1.72 -27.21
CA PRO B 354 14.49 -2.46 -28.37
C PRO B 354 12.96 -2.42 -28.41
N LYS B 355 12.34 -2.59 -27.25
CA LYS B 355 10.88 -2.59 -27.17
C LYS B 355 10.38 -1.40 -26.35
N SER B 356 10.93 -0.22 -26.63
CA SER B 356 10.51 1.00 -25.94
C SER B 356 9.04 1.29 -26.16
N LEU B 357 8.35 1.72 -25.11
CA LEU B 357 6.94 2.06 -25.22
C LEU B 357 6.74 3.52 -25.57
N TYR B 358 7.84 4.24 -25.76
CA TYR B 358 7.76 5.66 -26.13
C TYR B 358 7.45 5.82 -27.63
N ARG B 359 6.49 6.69 -27.94
CA ARG B 359 6.09 6.95 -29.33
C ARG B 359 6.10 8.45 -29.57
N GLN B 360 7.07 8.93 -30.36
CA GLN B 360 7.11 10.36 -30.59
C GLN B 360 5.86 10.83 -31.33
N ASP B 361 5.25 9.95 -32.11
CA ASP B 361 4.06 10.34 -32.86
C ASP B 361 2.89 10.70 -31.93
N LEU B 362 2.98 10.28 -30.66
CA LEU B 362 1.92 10.56 -29.68
C LEU B 362 2.08 11.91 -28.95
N VAL B 363 3.28 12.48 -29.01
CA VAL B 363 3.52 13.76 -28.36
C VAL B 363 3.72 14.87 -29.39
N SER B 364 4.27 14.51 -30.54
CA SER B 364 4.53 15.45 -31.63
C SER B 364 3.26 16.11 -32.12
N PHE B 365 3.38 17.34 -32.58
CA PHE B 365 2.22 18.06 -33.10
C PHE B 365 2.27 18.20 -34.61
N GLY B 370 -1.69 6.83 -33.39
CA GLY B 370 -2.81 7.81 -33.60
C GLY B 370 -3.38 8.29 -32.28
N TYR B 371 -3.96 9.49 -32.29
CA TYR B 371 -4.53 10.06 -31.07
C TYR B 371 -5.48 11.18 -31.44
N ASP B 372 -6.62 11.23 -30.76
CA ASP B 372 -7.62 12.25 -31.05
C ASP B 372 -7.94 13.20 -29.89
N GLN B 373 -7.44 14.43 -29.96
CA GLN B 373 -7.68 15.45 -28.93
C GLN B 373 -9.08 15.33 -28.30
N LYS B 374 -10.12 15.24 -29.13
CA LYS B 374 -11.49 15.16 -28.64
C LYS B 374 -11.73 14.00 -27.65
N ASP B 375 -10.97 12.92 -27.79
CA ASP B 375 -11.11 11.79 -26.88
C ASP B 375 -10.87 12.32 -25.47
N ALA B 376 -9.90 13.23 -25.36
CA ALA B 376 -9.54 13.81 -24.08
C ALA B 376 -10.71 14.45 -23.36
N GLU B 377 -11.62 15.09 -24.11
CA GLU B 377 -12.77 15.71 -23.46
C GLU B 377 -13.65 14.68 -22.75
N GLY B 378 -13.87 13.54 -23.40
CA GLY B 378 -14.69 12.50 -22.78
C GLY B 378 -14.01 11.97 -21.53
N PHE B 379 -12.71 11.73 -21.64
CA PHE B 379 -11.88 11.24 -20.53
C PHE B 379 -12.10 12.15 -19.32
N ILE B 380 -11.81 13.44 -19.50
CA ILE B 380 -11.96 14.42 -18.44
C ILE B 380 -13.36 14.46 -17.84
N LYS B 381 -14.38 14.49 -18.70
CA LYS B 381 -15.77 14.53 -18.23
C LYS B 381 -16.11 13.36 -17.31
N ILE B 382 -15.74 12.16 -17.72
CA ILE B 382 -16.00 10.96 -16.92
C ILE B 382 -15.17 11.05 -15.62
N GLN B 383 -13.90 11.40 -15.75
CA GLN B 383 -13.02 11.51 -14.59
C GLN B 383 -13.58 12.53 -13.61
N ALA B 384 -14.23 13.56 -14.13
CA ALA B 384 -14.77 14.62 -13.29
C ALA B 384 -16.16 14.38 -12.70
N LEU B 385 -16.89 13.39 -13.22
CA LEU B 385 -18.23 13.14 -12.71
C LEU B 385 -18.37 13.09 -11.19
N ARG B 386 -17.65 12.18 -10.52
CA ARG B 386 -17.77 12.08 -9.08
C ARG B 386 -17.44 13.38 -8.35
N LEU B 387 -16.50 14.16 -8.90
CA LEU B 387 -16.14 15.43 -8.27
C LEU B 387 -17.31 16.42 -8.43
N ARG B 388 -17.95 16.40 -9.59
CA ARG B 388 -19.07 17.28 -9.85
C ARG B 388 -20.27 16.93 -8.93
N VAL B 389 -20.51 15.64 -8.77
CA VAL B 389 -21.59 15.17 -7.90
C VAL B 389 -21.34 15.67 -6.47
N ARG B 390 -20.10 15.47 -6.00
CA ARG B 390 -19.68 15.90 -4.67
C ARG B 390 -19.98 17.38 -4.47
N ALA B 391 -19.55 18.19 -5.43
CA ALA B 391 -19.76 19.64 -5.39
C ALA B 391 -21.24 20.00 -5.35
N LEU B 392 -22.05 19.32 -6.14
CA LEU B 392 -23.48 19.59 -6.15
C LEU B 392 -24.08 19.23 -4.79
N VAL B 393 -23.70 18.08 -4.24
CA VAL B 393 -24.23 17.67 -2.94
C VAL B 393 -23.83 18.67 -1.87
N GLU B 394 -22.57 19.10 -1.86
CA GLU B 394 -22.17 20.10 -0.87
C GLU B 394 -22.98 21.36 -1.16
N ARG B 395 -23.76 21.28 -2.25
CA ARG B 395 -24.64 22.36 -2.71
C ARG B 395 -23.89 23.62 -3.04
N MET C 1 7.15 -2.77 48.73
CA MET C 1 6.98 -1.84 47.56
C MET C 1 5.54 -1.98 47.08
N LYS C 2 5.01 -0.94 46.44
CA LYS C 2 3.64 -0.98 45.94
C LYS C 2 3.61 -1.52 44.51
N ILE C 3 2.66 -2.41 44.24
CA ILE C 3 2.48 -2.99 42.91
C ILE C 3 1.01 -2.91 42.56
N VAL C 4 0.71 -2.30 41.42
CA VAL C 4 -0.67 -2.18 40.97
C VAL C 4 -0.94 -3.35 40.05
N LEU C 5 -1.91 -4.19 40.40
CA LEU C 5 -2.21 -5.36 39.61
C LEU C 5 -3.53 -5.27 38.83
N ALA C 6 -3.47 -5.61 37.55
CA ALA C 6 -4.67 -5.61 36.74
C ALA C 6 -5.26 -6.93 37.22
N TYR C 7 -6.26 -6.84 38.09
CA TYR C 7 -6.88 -8.03 38.68
C TYR C 7 -8.26 -8.31 38.09
N SER C 8 -8.38 -9.44 37.42
CA SER C 8 -9.64 -9.83 36.81
C SER C 8 -10.61 -10.41 37.84
N GLY C 9 -10.12 -11.31 38.69
CA GLY C 9 -10.97 -11.91 39.69
C GLY C 9 -11.00 -13.41 39.59
N GLY C 10 -10.44 -13.94 38.50
CA GLY C 10 -10.43 -15.39 38.30
C GLY C 10 -9.37 -16.10 39.13
N LEU C 11 -9.25 -17.41 38.93
CA LEU C 11 -8.27 -18.22 39.67
C LEU C 11 -6.84 -17.73 39.44
N ASP C 12 -6.39 -17.83 38.19
CA ASP C 12 -5.03 -17.41 37.81
C ASP C 12 -4.59 -16.08 38.38
N THR C 13 -5.42 -15.06 38.25
CA THR C 13 -5.06 -13.73 38.75
C THR C 13 -5.10 -13.59 40.27
N SER C 14 -5.84 -14.46 40.95
CA SER C 14 -5.89 -14.38 42.42
C SER C 14 -4.57 -14.96 42.90
N ILE C 15 -4.15 -16.04 42.26
CA ILE C 15 -2.89 -16.68 42.58
C ILE C 15 -1.78 -15.65 42.40
N ILE C 16 -1.78 -14.96 41.27
CA ILE C 16 -0.77 -13.95 41.00
C ILE C 16 -0.74 -12.94 42.13
N LEU C 17 -1.90 -12.57 42.64
CA LEU C 17 -1.96 -11.60 43.72
C LEU C 17 -1.18 -12.13 44.95
N LYS C 18 -1.38 -13.39 45.29
CA LYS C 18 -0.67 -14.01 46.42
C LYS C 18 0.83 -14.04 46.10
N TRP C 19 1.14 -14.61 44.93
CA TRP C 19 2.52 -14.72 44.47
C TRP C 19 3.27 -13.40 44.62
N LEU C 20 2.59 -12.28 44.29
CA LEU C 20 3.21 -10.95 44.40
C LEU C 20 3.42 -10.49 45.84
N LYS C 21 2.48 -10.83 46.71
CA LYS C 21 2.61 -10.44 48.12
C LYS C 21 3.75 -11.26 48.68
N GLU C 22 3.73 -12.56 48.40
CA GLU C 22 4.74 -13.49 48.88
C GLU C 22 6.13 -13.27 48.27
N THR C 23 6.25 -13.48 46.95
CA THR C 23 7.53 -13.31 46.28
C THR C 23 8.18 -11.96 46.57
N TYR C 24 7.48 -10.88 46.24
CA TYR C 24 8.00 -9.53 46.45
C TYR C 24 7.75 -8.92 47.82
N ARG C 25 6.86 -9.53 48.61
CA ARG C 25 6.52 -9.00 49.93
C ARG C 25 6.09 -7.55 49.76
N ALA C 26 5.32 -7.29 48.69
CA ALA C 26 4.85 -5.93 48.40
C ALA C 26 3.39 -5.70 48.74
N GLU C 27 3.04 -4.42 48.85
CA GLU C 27 1.66 -3.99 49.12
C GLU C 27 0.96 -3.97 47.78
N VAL C 28 0.08 -4.94 47.54
CA VAL C 28 -0.63 -5.05 46.27
C VAL C 28 -1.94 -4.26 46.13
N ILE C 29 -1.99 -3.41 45.11
CA ILE C 29 -3.19 -2.63 44.82
C ILE C 29 -3.89 -3.34 43.65
N ALA C 30 -5.06 -3.91 43.91
CA ALA C 30 -5.81 -4.61 42.89
C ALA C 30 -6.64 -3.62 42.08
N PHE C 31 -6.76 -3.90 40.78
CA PHE C 31 -7.54 -3.04 39.90
C PHE C 31 -8.39 -3.87 38.98
N THR C 32 -9.70 -3.73 39.10
CA THR C 32 -10.61 -4.47 38.25
C THR C 32 -11.37 -3.45 37.44
N ALA C 33 -11.46 -3.68 36.14
CA ALA C 33 -12.18 -2.75 35.28
C ALA C 33 -13.42 -3.40 34.75
N ASP C 34 -14.52 -2.67 34.77
CA ASP C 34 -15.74 -3.21 34.21
C ASP C 34 -15.79 -2.68 32.78
N ILE C 35 -15.65 -3.58 31.83
CA ILE C 35 -15.71 -3.23 30.42
C ILE C 35 -16.74 -4.12 29.74
N GLY C 36 -17.74 -4.53 30.52
CA GLY C 36 -18.79 -5.37 29.98
C GLY C 36 -18.53 -6.86 29.99
N GLN C 37 -17.70 -7.34 30.92
CA GLN C 37 -17.42 -8.77 31.00
C GLN C 37 -18.65 -9.53 31.50
N GLY C 38 -19.65 -8.78 31.95
CA GLY C 38 -20.86 -9.41 32.45
C GLY C 38 -20.57 -10.02 33.80
N GLU C 39 -20.05 -9.22 34.73
CA GLU C 39 -19.72 -9.70 36.06
C GLU C 39 -19.70 -8.53 37.02
N GLU C 40 -20.01 -8.82 38.28
CA GLU C 40 -20.04 -7.78 39.31
C GLU C 40 -18.60 -7.55 39.73
N VAL C 41 -17.96 -6.55 39.13
CA VAL C 41 -16.58 -6.26 39.46
C VAL C 41 -16.44 -5.97 40.95
N GLU C 42 -17.56 -5.70 41.61
CA GLU C 42 -17.49 -5.43 43.03
C GLU C 42 -17.16 -6.71 43.78
N GLU C 43 -17.56 -7.85 43.22
CA GLU C 43 -17.28 -9.13 43.85
C GLU C 43 -15.79 -9.39 43.67
N ALA C 44 -15.33 -9.34 42.42
CA ALA C 44 -13.91 -9.55 42.13
C ALA C 44 -13.13 -8.68 43.10
N ARG C 45 -13.61 -7.45 43.26
CA ARG C 45 -12.98 -6.49 44.13
C ARG C 45 -12.89 -7.01 45.57
N GLU C 46 -13.98 -7.61 46.05
CA GLU C 46 -14.00 -8.11 47.41
C GLU C 46 -13.14 -9.37 47.51
N LYS C 47 -13.15 -10.17 46.44
CA LYS C 47 -12.34 -11.39 46.44
C LYS C 47 -10.87 -11.04 46.44
N ALA C 48 -10.56 -9.79 46.07
CA ALA C 48 -9.18 -9.32 46.03
C ALA C 48 -8.72 -8.96 47.42
N LEU C 49 -9.44 -8.03 48.05
CA LEU C 49 -9.11 -7.60 49.40
C LEU C 49 -9.02 -8.85 50.26
N ARG C 50 -9.93 -9.78 50.01
CA ARG C 50 -9.95 -11.05 50.72
C ARG C 50 -8.62 -11.72 50.47
N THR C 51 -8.41 -12.15 49.24
CA THR C 51 -7.18 -12.83 48.82
C THR C 51 -5.90 -12.18 49.35
N GLY C 52 -5.96 -10.92 49.78
CA GLY C 52 -4.76 -10.30 50.32
C GLY C 52 -4.36 -8.93 49.85
N ALA C 53 -5.22 -8.28 49.08
CA ALA C 53 -4.93 -6.96 48.55
C ALA C 53 -4.96 -5.86 49.62
N SER C 54 -3.96 -4.99 49.62
CA SER C 54 -3.92 -3.91 50.59
C SER C 54 -4.93 -2.86 50.16
N LYS C 55 -5.47 -3.06 48.95
CA LYS C 55 -6.47 -2.15 48.40
C LYS C 55 -7.01 -2.74 47.11
N ALA C 56 -8.25 -2.40 46.79
CA ALA C 56 -8.89 -2.90 45.58
C ALA C 56 -9.73 -1.79 44.95
N ILE C 57 -9.53 -1.58 43.65
CA ILE C 57 -10.24 -0.54 42.91
C ILE C 57 -11.02 -1.17 41.76
N ALA C 58 -12.28 -0.76 41.63
CA ALA C 58 -13.13 -1.26 40.56
C ALA C 58 -13.67 -0.01 39.90
N LEU C 59 -13.64 0.03 38.57
CA LEU C 59 -14.11 1.20 37.87
C LEU C 59 -14.99 0.78 36.72
N ASP C 60 -16.07 1.52 36.50
CA ASP C 60 -16.97 1.25 35.39
C ASP C 60 -16.38 2.00 34.21
N LEU C 61 -15.75 1.28 33.29
CA LEU C 61 -15.12 1.91 32.14
C LEU C 61 -15.83 1.63 30.83
N LYS C 62 -17.04 1.10 30.89
CA LYS C 62 -17.76 0.76 29.66
C LYS C 62 -17.88 1.90 28.65
N GLU C 63 -18.24 3.10 29.10
CA GLU C 63 -18.37 4.23 28.18
C GLU C 63 -17.02 4.67 27.60
N GLU C 64 -15.99 4.74 28.43
CA GLU C 64 -14.69 5.14 27.92
C GLU C 64 -14.22 4.13 26.86
N PHE C 65 -14.41 2.85 27.17
CA PHE C 65 -14.04 1.76 26.27
C PHE C 65 -14.63 1.92 24.86
N VAL C 66 -15.95 2.08 24.78
CA VAL C 66 -16.61 2.21 23.48
C VAL C 66 -16.32 3.56 22.82
N ARG C 67 -16.43 4.64 23.57
CA ARG C 67 -16.19 5.98 23.03
C ARG C 67 -14.74 6.28 22.63
N ASP C 68 -13.80 5.92 23.50
CA ASP C 68 -12.40 6.21 23.21
C ASP C 68 -11.58 5.09 22.58
N PHE C 69 -12.12 3.88 22.51
CA PHE C 69 -11.37 2.79 21.91
C PHE C 69 -12.09 2.03 20.78
N VAL C 70 -13.27 1.50 21.07
CA VAL C 70 -14.02 0.75 20.07
C VAL C 70 -14.43 1.61 18.87
N PHE C 71 -15.01 2.78 19.13
CA PHE C 71 -15.46 3.65 18.04
C PHE C 71 -14.34 4.11 17.10
N PRO C 72 -13.23 4.64 17.64
CA PRO C 72 -12.13 5.08 16.76
C PRO C 72 -11.65 3.92 15.88
N MET C 73 -11.55 2.74 16.47
CA MET C 73 -11.11 1.57 15.72
C MET C 73 -12.11 1.19 14.61
N MET C 74 -13.40 1.21 14.94
CA MET C 74 -14.44 0.86 13.99
C MET C 74 -14.46 1.89 12.88
N ARG C 75 -14.13 3.12 13.23
CA ARG C 75 -14.12 4.21 12.28
C ARG C 75 -13.12 3.88 11.16
N ALA C 76 -12.09 3.12 11.49
CA ALA C 76 -11.06 2.74 10.53
C ALA C 76 -11.40 1.47 9.74
N GLY C 77 -12.49 0.81 10.10
CA GLY C 77 -12.86 -0.41 9.39
C GLY C 77 -11.87 -1.52 9.69
N ALA C 78 -11.26 -1.46 10.87
CA ALA C 78 -10.25 -2.43 11.28
C ALA C 78 -10.69 -3.89 11.36
N VAL C 79 -10.04 -4.74 10.57
CA VAL C 79 -10.33 -6.18 10.57
C VAL C 79 -9.02 -6.92 10.42
N TYR C 80 -8.70 -7.79 11.39
CA TYR C 80 -7.46 -8.56 11.35
C TYR C 80 -7.60 -9.90 10.64
N GLU C 81 -6.77 -10.09 9.62
CA GLU C 81 -6.72 -11.30 8.82
C GLU C 81 -8.10 -11.76 8.32
N GLY C 82 -8.84 -10.80 7.79
CA GLY C 82 -10.14 -11.07 7.21
C GLY C 82 -11.36 -11.26 8.09
N TYR C 83 -11.21 -11.61 9.36
CA TYR C 83 -12.38 -11.84 10.20
C TYR C 83 -12.40 -11.29 11.62
N TYR C 84 -11.26 -11.30 12.29
CA TYR C 84 -11.19 -10.82 13.67
C TYR C 84 -11.50 -9.34 13.84
N LEU C 85 -12.56 -9.05 14.58
CA LEU C 85 -12.97 -7.68 14.83
C LEU C 85 -12.25 -7.02 16.02
N LEU C 86 -11.20 -7.67 16.50
CA LEU C 86 -10.36 -7.13 17.56
C LEU C 86 -10.99 -6.88 18.94
N GLY C 87 -11.95 -7.72 19.32
CA GLY C 87 -12.61 -7.56 20.61
C GLY C 87 -11.68 -7.42 21.80
N THR C 88 -10.74 -8.35 21.96
CA THR C 88 -9.81 -8.28 23.08
C THR C 88 -8.75 -7.21 22.86
N SER C 89 -8.24 -7.15 21.63
CA SER C 89 -7.19 -6.21 21.25
C SER C 89 -7.39 -4.76 21.70
N ILE C 90 -8.51 -4.12 21.35
CA ILE C 90 -8.73 -2.72 21.75
C ILE C 90 -9.07 -2.53 23.20
N ALA C 91 -9.28 -3.61 23.93
CA ALA C 91 -9.62 -3.48 25.34
C ALA C 91 -8.37 -3.34 26.21
N ARG C 92 -7.37 -4.16 25.95
CA ARG C 92 -6.14 -4.14 26.73
C ARG C 92 -5.51 -2.76 26.93
N PRO C 93 -5.46 -1.93 25.87
CA PRO C 93 -4.86 -0.60 26.00
C PRO C 93 -5.55 0.22 27.10
N LEU C 94 -6.87 0.11 27.16
CA LEU C 94 -7.67 0.84 28.15
C LEU C 94 -7.24 0.47 29.56
N ILE C 95 -7.17 -0.84 29.81
CA ILE C 95 -6.79 -1.36 31.11
C ILE C 95 -5.37 -0.93 31.54
N ALA C 96 -4.41 -1.07 30.63
CA ALA C 96 -3.03 -0.70 30.97
C ALA C 96 -2.93 0.79 31.25
N LYS C 97 -3.78 1.57 30.58
CA LYS C 97 -3.82 3.02 30.77
C LYS C 97 -4.14 3.36 32.23
N HIS C 98 -5.20 2.77 32.75
CA HIS C 98 -5.61 3.02 34.13
C HIS C 98 -4.62 2.40 35.11
N LEU C 99 -4.07 1.25 34.73
CA LEU C 99 -3.08 0.55 35.55
C LEU C 99 -1.96 1.55 35.83
N VAL C 100 -1.50 2.22 34.78
CA VAL C 100 -0.42 3.19 34.89
C VAL C 100 -0.82 4.46 35.65
N ARG C 101 -2.05 4.91 35.46
CA ARG C 101 -2.53 6.10 36.16
C ARG C 101 -2.63 5.80 37.66
N ILE C 102 -3.22 4.65 38.00
CA ILE C 102 -3.38 4.24 39.40
C ILE C 102 -2.02 4.12 40.09
N ALA C 103 -1.06 3.52 39.42
CA ALA C 103 0.28 3.36 39.98
C ALA C 103 0.90 4.73 40.24
N GLU C 104 0.63 5.71 39.36
CA GLU C 104 1.17 7.04 39.56
C GLU C 104 0.49 7.66 40.77
N GLU C 105 -0.82 7.48 40.87
CA GLU C 105 -1.58 8.03 41.98
C GLU C 105 -1.23 7.36 43.31
N GLU C 106 -1.15 6.03 43.31
CA GLU C 106 -0.83 5.29 44.52
C GLU C 106 0.68 5.25 44.79
N GLY C 107 1.43 6.03 44.03
CA GLY C 107 2.88 6.06 44.23
C GLY C 107 3.54 4.71 44.18
N ALA C 108 2.99 3.79 43.39
CA ALA C 108 3.57 2.44 43.26
C ALA C 108 4.75 2.49 42.29
N GLU C 109 5.62 1.49 42.33
CA GLU C 109 6.79 1.50 41.44
C GLU C 109 6.58 0.58 40.25
N ALA C 110 5.85 -0.52 40.48
CA ALA C 110 5.59 -1.46 39.43
C ALA C 110 4.10 -1.72 39.20
N ILE C 111 3.82 -2.39 38.08
CA ILE C 111 2.48 -2.78 37.73
C ILE C 111 2.61 -4.22 37.28
N ALA C 112 1.53 -4.99 37.38
CA ALA C 112 1.57 -6.36 36.95
C ALA C 112 0.30 -6.75 36.22
N HIS C 113 0.42 -7.74 35.35
CA HIS C 113 -0.72 -8.24 34.60
C HIS C 113 -0.53 -9.75 34.55
N GLY C 114 -1.60 -10.49 34.24
CA GLY C 114 -1.49 -11.92 34.20
C GLY C 114 -1.53 -12.53 32.81
N ALA C 115 -1.09 -11.78 31.81
CA ALA C 115 -1.06 -12.32 30.45
C ALA C 115 0.10 -13.30 30.43
N THR C 116 -0.03 -14.41 29.70
CA THR C 116 1.06 -15.38 29.65
C THR C 116 2.16 -14.93 28.68
N GLY C 117 3.27 -15.66 28.67
CA GLY C 117 4.36 -15.32 27.79
C GLY C 117 4.19 -15.89 26.40
N LYS C 118 3.07 -16.57 26.18
CA LYS C 118 2.80 -17.19 24.88
C LYS C 118 1.88 -16.36 23.98
N GLY C 119 1.21 -15.36 24.55
CA GLY C 119 0.26 -14.60 23.76
C GLY C 119 0.55 -13.16 23.38
N ASN C 120 -0.50 -12.51 22.87
CA ASN C 120 -0.44 -11.13 22.44
C ASN C 120 -0.72 -10.16 23.58
N ASP C 121 -1.53 -10.57 24.54
CA ASP C 121 -1.89 -9.67 25.64
C ASP C 121 -0.72 -9.10 26.41
N GLN C 122 0.30 -9.90 26.64
CA GLN C 122 1.47 -9.39 27.35
C GLN C 122 2.03 -8.17 26.59
N VAL C 123 2.10 -8.29 25.27
CA VAL C 123 2.63 -7.20 24.45
C VAL C 123 1.76 -5.95 24.55
N ARG C 124 0.44 -6.14 24.48
CA ARG C 124 -0.49 -5.03 24.55
C ARG C 124 -0.34 -4.29 25.89
N PHE C 125 -0.34 -5.03 26.99
CA PHE C 125 -0.20 -4.39 28.30
C PHE C 125 1.12 -3.63 28.42
N GLU C 126 2.22 -4.31 28.10
CA GLU C 126 3.53 -3.70 28.23
C GLU C 126 3.88 -2.56 27.27
N LEU C 127 3.52 -2.67 26.00
CA LEU C 127 3.80 -1.58 25.05
C LEU C 127 3.02 -0.35 25.49
N THR C 128 1.77 -0.56 25.92
CA THR C 128 0.93 0.54 26.38
C THR C 128 1.58 1.22 27.57
N ALA C 129 1.97 0.43 28.57
CA ALA C 129 2.62 0.94 29.77
C ALA C 129 3.89 1.74 29.47
N TYR C 130 4.82 1.12 28.75
CA TYR C 130 6.08 1.78 28.40
C TYR C 130 5.86 3.07 27.61
N ALA C 131 4.89 3.03 26.70
CA ALA C 131 4.58 4.20 25.89
C ALA C 131 4.05 5.34 26.76
N LEU C 132 3.25 5.01 27.77
CA LEU C 132 2.67 6.01 28.65
C LEU C 132 3.64 6.47 29.74
N LYS C 133 4.39 5.53 30.30
CA LYS C 133 5.37 5.86 31.33
C LYS C 133 6.62 5.02 31.04
N PRO C 134 7.57 5.59 30.27
CA PRO C 134 8.80 4.87 29.93
C PRO C 134 9.59 4.28 31.10
N ASP C 135 9.51 4.90 32.27
CA ASP C 135 10.23 4.44 33.46
C ASP C 135 9.49 3.36 34.25
N ILE C 136 8.24 3.09 33.90
CA ILE C 136 7.49 2.10 34.63
C ILE C 136 8.17 0.75 34.70
N LYS C 137 8.00 0.11 35.86
CA LYS C 137 8.55 -1.21 36.09
C LYS C 137 7.38 -2.16 35.87
N VAL C 138 7.60 -3.21 35.09
CA VAL C 138 6.56 -4.18 34.79
C VAL C 138 6.90 -5.58 35.26
N ILE C 139 5.91 -6.24 35.85
CA ILE C 139 6.09 -7.60 36.32
C ILE C 139 5.06 -8.50 35.68
N ALA C 140 5.53 -9.56 35.02
CA ALA C 140 4.65 -10.52 34.36
C ALA C 140 4.88 -11.89 35.01
N PRO C 141 4.14 -12.18 36.10
CA PRO C 141 4.28 -13.45 36.82
C PRO C 141 4.33 -14.71 35.96
N TRP C 142 3.54 -14.80 34.90
CA TRP C 142 3.59 -16.01 34.09
C TRP C 142 4.97 -16.22 33.52
N ARG C 143 5.72 -15.13 33.38
CA ARG C 143 7.07 -15.21 32.86
C ARG C 143 8.11 -15.35 33.96
N GLU C 144 7.76 -14.92 35.18
CA GLU C 144 8.68 -14.93 36.31
C GLU C 144 8.54 -16.04 37.34
N TRP C 145 7.37 -16.65 37.46
CA TRP C 145 7.22 -17.71 38.44
C TRP C 145 7.72 -19.06 37.98
N SER C 146 7.71 -20.05 38.88
CA SER C 146 8.23 -21.37 38.57
C SER C 146 7.24 -22.52 38.50
N PHE C 147 5.95 -22.22 38.60
CA PHE C 147 4.95 -23.29 38.51
C PHE C 147 5.07 -24.00 37.18
N GLN C 148 4.98 -25.32 37.19
CA GLN C 148 5.03 -26.14 35.98
C GLN C 148 3.75 -26.97 36.03
N GLY C 149 2.77 -26.65 35.19
CA GLY C 149 1.54 -27.41 35.17
C GLY C 149 0.39 -26.75 35.93
N ARG C 150 -0.83 -27.15 35.59
CA ARG C 150 -2.03 -26.60 36.21
C ARG C 150 -2.11 -27.13 37.64
N LYS C 151 -1.80 -28.40 37.78
CA LYS C 151 -1.78 -29.09 39.07
C LYS C 151 -1.07 -28.26 40.13
N GLU C 152 0.17 -27.85 39.84
CA GLU C 152 0.95 -27.07 40.78
C GLU C 152 0.30 -25.78 41.22
N MET C 153 -0.23 -25.03 40.26
CA MET C 153 -0.88 -23.77 40.59
C MET C 153 -2.06 -24.03 41.49
N ILE C 154 -2.77 -25.13 41.26
CA ILE C 154 -3.92 -25.49 42.09
C ILE C 154 -3.42 -25.73 43.51
N ALA C 155 -2.40 -26.57 43.63
CA ALA C 155 -1.80 -26.89 44.92
C ALA C 155 -1.49 -25.61 45.65
N TYR C 156 -0.66 -24.76 45.03
CA TYR C 156 -0.25 -23.50 45.62
C TYR C 156 -1.48 -22.65 45.96
N ALA C 157 -2.57 -22.89 45.24
CA ALA C 157 -3.82 -22.16 45.45
C ALA C 157 -4.52 -22.71 46.70
N GLU C 158 -4.84 -24.00 46.66
CA GLU C 158 -5.48 -24.67 47.78
C GLU C 158 -4.65 -24.51 49.04
N ALA C 159 -3.35 -24.25 48.86
CA ALA C 159 -2.45 -24.07 49.99
C ALA C 159 -2.74 -22.77 50.71
N HIS C 160 -3.03 -21.71 49.96
CA HIS C 160 -3.32 -20.42 50.57
C HIS C 160 -4.82 -20.21 50.75
N GLY C 161 -5.59 -21.26 50.53
CA GLY C 161 -7.03 -21.16 50.67
C GLY C 161 -7.72 -20.33 49.61
N ILE C 162 -7.54 -20.73 48.34
CA ILE C 162 -8.16 -20.02 47.23
C ILE C 162 -9.04 -20.97 46.42
N PRO C 163 -10.31 -20.59 46.21
CA PRO C 163 -11.30 -21.37 45.46
C PRO C 163 -10.76 -21.98 44.16
N VAL C 164 -11.08 -23.24 43.92
CA VAL C 164 -10.60 -23.90 42.72
C VAL C 164 -11.74 -24.71 42.10
N PRO C 165 -11.84 -24.69 40.75
CA PRO C 165 -12.86 -25.38 39.95
C PRO C 165 -13.35 -26.72 40.50
N PRO C 171 -11.88 -26.33 29.66
CA PRO C 171 -12.08 -26.84 28.28
C PRO C 171 -11.53 -25.85 27.26
N TYR C 172 -11.44 -24.58 27.67
CA TYR C 172 -10.93 -23.51 26.82
C TYR C 172 -10.86 -22.22 27.63
N SER C 173 -10.17 -21.23 27.09
CA SER C 173 -10.02 -19.93 27.74
C SER C 173 -11.05 -18.98 27.16
N MET C 174 -11.42 -17.95 27.93
CA MET C 174 -12.40 -16.98 27.47
C MET C 174 -12.02 -15.57 27.88
N ASP C 175 -12.38 -14.60 27.05
CA ASP C 175 -12.16 -13.20 27.37
C ASP C 175 -13.39 -12.47 26.86
N ALA C 176 -14.07 -11.77 27.76
CA ALA C 176 -15.29 -11.07 27.39
C ALA C 176 -15.34 -9.61 27.80
N ASN C 177 -16.02 -8.82 26.98
CA ASN C 177 -16.22 -7.40 27.22
C ASN C 177 -17.41 -6.99 26.34
N LEU C 178 -17.77 -5.71 26.35
CA LEU C 178 -18.90 -5.24 25.56
C LEU C 178 -18.82 -5.53 24.07
N LEU C 179 -17.61 -5.66 23.53
CA LEU C 179 -17.46 -5.90 22.09
C LEU C 179 -17.60 -7.35 21.67
N HIS C 180 -17.04 -8.27 22.44
CA HIS C 180 -17.14 -9.66 22.05
C HIS C 180 -16.81 -10.63 23.17
N ILE C 181 -16.72 -11.89 22.79
CA ILE C 181 -16.30 -12.93 23.70
C ILE C 181 -15.40 -13.81 22.85
N SER C 182 -14.19 -14.01 23.35
CA SER C 182 -13.18 -14.82 22.69
C SER C 182 -13.04 -16.18 23.35
N TYR C 183 -12.85 -17.21 22.52
CA TYR C 183 -12.66 -18.57 23.01
C TYR C 183 -11.47 -19.19 22.28
N GLU C 184 -10.51 -19.72 23.02
CA GLU C 184 -9.35 -20.38 22.44
C GLU C 184 -8.63 -21.24 23.48
N GLY C 185 -7.86 -22.21 23.01
CA GLY C 185 -7.14 -23.11 23.90
C GLY C 185 -7.96 -24.37 24.14
N GLY C 186 -7.39 -25.31 24.89
CA GLY C 186 -8.10 -26.54 25.18
C GLY C 186 -8.57 -27.27 23.93
N VAL C 187 -9.82 -27.73 23.96
CA VAL C 187 -10.41 -28.46 22.85
C VAL C 187 -10.39 -27.70 21.53
N LEU C 188 -10.29 -26.38 21.62
CA LEU C 188 -10.26 -25.51 20.44
C LEU C 188 -8.92 -25.55 19.68
N GLU C 189 -7.87 -26.03 20.35
CA GLU C 189 -6.53 -26.09 19.74
C GLU C 189 -6.40 -26.96 18.49
N ASP C 190 -7.38 -27.82 18.25
CA ASP C 190 -7.33 -28.66 17.05
C ASP C 190 -8.12 -27.96 15.94
N PRO C 191 -7.41 -27.35 14.97
CA PRO C 191 -8.00 -26.64 13.83
C PRO C 191 -9.06 -27.39 13.05
N TRP C 192 -9.03 -28.71 13.09
CA TRP C 192 -9.98 -29.52 12.36
C TRP C 192 -11.22 -29.85 13.20
N ALA C 193 -11.17 -29.48 14.48
CA ALA C 193 -12.25 -29.74 15.41
C ALA C 193 -13.25 -28.60 15.57
N GLU C 194 -14.48 -28.83 15.12
CA GLU C 194 -15.54 -27.82 15.24
C GLU C 194 -15.68 -27.45 16.71
N PRO C 195 -16.05 -26.20 17.01
CA PRO C 195 -16.20 -25.82 18.42
C PRO C 195 -17.31 -26.66 19.08
N PRO C 196 -17.20 -26.90 20.40
CA PRO C 196 -18.21 -27.68 21.13
C PRO C 196 -19.58 -27.00 21.19
N LYS C 197 -20.61 -27.78 20.87
CA LYS C 197 -21.99 -27.27 20.91
C LYS C 197 -22.25 -26.61 22.25
N GLY C 198 -22.92 -25.46 22.24
CA GLY C 198 -23.25 -24.79 23.49
C GLY C 198 -22.16 -23.97 24.15
N MET C 199 -21.05 -23.75 23.45
CA MET C 199 -19.95 -22.96 24.00
C MET C 199 -20.30 -21.47 24.04
N PHE C 200 -20.87 -21.00 22.94
CA PHE C 200 -21.23 -19.59 22.82
C PHE C 200 -22.16 -19.11 23.91
N ARG C 201 -21.85 -17.92 24.41
CA ARG C 201 -22.60 -17.31 25.50
C ARG C 201 -23.33 -16.03 25.12
N MET C 202 -22.65 -15.15 24.40
CA MET C 202 -23.24 -13.87 24.02
C MET C 202 -24.25 -14.02 22.89
N THR C 203 -24.06 -15.02 22.04
CA THR C 203 -24.97 -15.19 20.92
C THR C 203 -25.82 -16.45 20.96
N GLN C 204 -27.10 -16.26 20.69
CA GLN C 204 -28.05 -17.35 20.62
C GLN C 204 -27.60 -18.18 19.44
N ASP C 205 -27.80 -19.48 19.51
CA ASP C 205 -27.41 -20.36 18.42
C ASP C 205 -28.31 -20.12 17.20
N PRO C 206 -27.71 -19.99 16.01
CA PRO C 206 -28.47 -19.76 14.78
C PRO C 206 -29.68 -20.68 14.64
N GLU C 207 -29.45 -21.97 14.85
CA GLU C 207 -30.50 -22.98 14.74
C GLU C 207 -31.64 -22.80 15.74
N GLU C 208 -31.42 -21.96 16.74
CA GLU C 208 -32.45 -21.69 17.74
C GLU C 208 -32.83 -20.22 17.67
N ALA C 209 -32.49 -19.57 16.56
CA ALA C 209 -32.79 -18.14 16.37
C ALA C 209 -34.22 -17.96 15.86
N PRO C 210 -34.84 -16.80 16.16
CA PRO C 210 -36.22 -16.49 15.73
C PRO C 210 -36.57 -16.95 14.32
N ASP C 211 -37.78 -17.46 14.14
CA ASP C 211 -38.24 -17.93 12.84
C ASP C 211 -38.52 -16.76 11.90
N ALA C 212 -38.80 -15.60 12.47
CA ALA C 212 -39.07 -14.43 11.66
C ALA C 212 -37.87 -13.50 11.65
N PRO C 213 -37.52 -12.96 10.47
CA PRO C 213 -36.37 -12.06 10.42
C PRO C 213 -36.74 -10.78 11.16
N GLU C 214 -35.73 -10.07 11.64
CA GLU C 214 -35.96 -8.82 12.35
C GLU C 214 -35.17 -7.71 11.66
N TYR C 215 -35.82 -6.58 11.44
CA TYR C 215 -35.15 -5.45 10.80
C TYR C 215 -34.68 -4.49 11.89
N VAL C 216 -33.54 -3.85 11.62
CA VAL C 216 -32.97 -2.90 12.58
C VAL C 216 -32.30 -1.78 11.83
N GLU C 217 -32.41 -0.57 12.37
CA GLU C 217 -31.78 0.59 11.76
C GLU C 217 -30.78 1.20 12.72
N VAL C 218 -29.65 1.65 12.19
CA VAL C 218 -28.60 2.26 12.98
C VAL C 218 -28.25 3.58 12.33
N GLU C 219 -28.26 4.66 13.11
CA GLU C 219 -27.93 5.97 12.61
C GLU C 219 -26.49 6.33 12.93
N PHE C 220 -25.78 6.84 11.94
CA PHE C 220 -24.39 7.26 12.12
C PHE C 220 -24.32 8.77 11.96
N PHE C 221 -23.49 9.40 12.77
CA PHE C 221 -23.30 10.83 12.70
C PHE C 221 -21.80 11.08 12.73
N GLU C 222 -21.27 11.52 11.60
CA GLU C 222 -19.84 11.80 11.49
C GLU C 222 -18.94 10.65 11.90
N GLY C 223 -19.24 9.46 11.41
CA GLY C 223 -18.41 8.30 11.73
C GLY C 223 -18.79 7.38 12.86
N ASP C 224 -19.60 7.85 13.82
CA ASP C 224 -20.00 7.00 14.93
C ASP C 224 -21.49 6.75 14.98
N PRO C 225 -21.89 5.53 15.41
CA PRO C 225 -23.32 5.20 15.52
C PRO C 225 -23.87 5.97 16.72
N VAL C 226 -24.99 6.68 16.52
CA VAL C 226 -25.57 7.45 17.61
C VAL C 226 -26.97 7.02 18.02
N ALA C 227 -27.56 6.08 17.28
CA ALA C 227 -28.92 5.64 17.60
C ALA C 227 -29.27 4.30 16.96
N VAL C 228 -30.24 3.63 17.57
CA VAL C 228 -30.74 2.34 17.09
C VAL C 228 -32.26 2.42 17.02
N ASN C 229 -32.82 2.08 15.85
CA ASN C 229 -34.26 2.15 15.65
C ASN C 229 -34.83 3.46 16.14
N GLY C 230 -34.16 4.56 15.77
CA GLY C 230 -34.63 5.87 16.15
C GLY C 230 -34.37 6.30 17.57
N GLU C 231 -33.81 5.43 18.39
CA GLU C 231 -33.53 5.79 19.78
C GLU C 231 -32.07 6.14 19.98
N ARG C 232 -31.81 7.38 20.42
CA ARG C 232 -30.45 7.83 20.68
C ARG C 232 -29.89 7.08 21.89
N LEU C 233 -28.69 6.53 21.74
CA LEU C 233 -28.05 5.78 22.82
C LEU C 233 -26.57 6.10 22.93
N SER C 234 -26.07 6.20 24.16
CA SER C 234 -24.66 6.48 24.41
C SER C 234 -23.83 5.35 23.82
N PRO C 235 -22.54 5.60 23.53
CA PRO C 235 -21.67 4.58 22.96
C PRO C 235 -21.84 3.20 23.58
N ALA C 236 -21.69 3.08 24.89
CA ALA C 236 -21.83 1.79 25.56
C ALA C 236 -23.27 1.24 25.52
N ALA C 237 -24.23 2.12 25.77
CA ALA C 237 -25.63 1.70 25.73
C ALA C 237 -25.98 1.23 24.33
N LEU C 238 -25.44 1.91 23.32
CA LEU C 238 -25.71 1.53 21.93
C LEU C 238 -25.12 0.16 21.59
N LEU C 239 -23.87 -0.08 21.97
CA LEU C 239 -23.22 -1.37 21.70
C LEU C 239 -24.01 -2.46 22.43
N GLN C 240 -24.43 -2.14 23.65
CA GLN C 240 -25.21 -3.07 24.48
C GLN C 240 -26.47 -3.47 23.71
N ARG C 241 -27.26 -2.47 23.31
CA ARG C 241 -28.49 -2.73 22.58
C ARG C 241 -28.28 -3.61 21.35
N LEU C 242 -27.28 -3.28 20.54
CA LEU C 242 -27.02 -4.07 19.34
C LEU C 242 -26.56 -5.48 19.69
N ASN C 243 -25.91 -5.65 20.83
CA ASN C 243 -25.48 -6.98 21.26
C ASN C 243 -26.73 -7.80 21.53
N GLU C 244 -27.70 -7.18 22.20
CA GLU C 244 -28.97 -7.84 22.51
C GLU C 244 -29.70 -8.25 21.24
N ILE C 245 -29.92 -7.28 20.34
CA ILE C 245 -30.62 -7.57 19.11
C ILE C 245 -29.85 -8.59 18.26
N GLY C 246 -28.58 -8.33 18.01
CA GLY C 246 -27.80 -9.25 17.21
C GLY C 246 -27.66 -10.60 17.92
N GLY C 247 -27.49 -10.56 19.24
CA GLY C 247 -27.33 -11.79 20.00
C GLY C 247 -28.48 -12.78 19.86
N ARG C 248 -29.71 -12.30 19.91
CA ARG C 248 -30.86 -13.18 19.81
C ARG C 248 -30.91 -13.91 18.48
N HIS C 249 -30.27 -13.35 17.45
CA HIS C 249 -30.27 -13.97 16.12
C HIS C 249 -29.03 -14.80 15.76
N GLY C 250 -28.07 -14.90 16.67
CA GLY C 250 -26.87 -15.70 16.40
C GLY C 250 -25.84 -15.07 15.48
N VAL C 251 -25.92 -13.74 15.35
CA VAL C 251 -25.03 -12.95 14.50
C VAL C 251 -23.62 -12.71 15.07
N GLY C 252 -22.62 -12.64 14.17
CA GLY C 252 -21.26 -12.35 14.58
C GLY C 252 -20.32 -13.45 15.03
N ARG C 253 -20.48 -14.66 14.50
CA ARG C 253 -19.61 -15.77 14.86
C ARG C 253 -18.50 -15.96 13.83
N VAL C 254 -17.28 -16.02 14.34
CA VAL C 254 -16.10 -16.20 13.51
C VAL C 254 -15.24 -17.29 14.12
N ASP C 255 -14.63 -18.11 13.25
CA ASP C 255 -13.77 -19.21 13.65
C ASP C 255 -12.53 -19.17 12.77
N ILE C 256 -11.40 -18.72 13.31
CA ILE C 256 -10.18 -18.63 12.51
C ILE C 256 -8.90 -19.09 13.18
N VAL C 257 -7.91 -19.38 12.35
CA VAL C 257 -6.57 -19.74 12.82
C VAL C 257 -5.80 -18.48 12.47
N GLU C 258 -5.49 -17.69 13.50
CA GLU C 258 -4.80 -16.42 13.34
C GLU C 258 -3.31 -16.49 13.66
N ASN C 259 -2.59 -15.47 13.22
CA ASN C 259 -1.15 -15.38 13.45
C ASN C 259 -0.89 -14.43 14.62
N ARG C 260 -0.34 -14.96 15.70
CA ARG C 260 -0.03 -14.11 16.85
C ARG C 260 1.23 -13.30 16.55
N PHE C 261 1.34 -12.16 17.22
CA PHE C 261 2.47 -11.27 17.06
C PHE C 261 3.76 -11.97 17.48
N VAL C 262 3.66 -12.82 18.50
CA VAL C 262 4.85 -13.54 18.97
C VAL C 262 5.30 -14.71 18.10
N GLY C 263 4.70 -14.86 16.93
CA GLY C 263 5.16 -15.91 16.02
C GLY C 263 4.40 -17.18 15.70
N MET C 264 3.54 -17.66 16.59
CA MET C 264 2.84 -18.91 16.27
C MET C 264 1.38 -18.72 15.88
N LYS C 265 0.85 -19.70 15.15
CA LYS C 265 -0.55 -19.67 14.75
C LYS C 265 -1.39 -20.13 15.94
N SER C 266 -2.60 -19.60 16.05
CA SER C 266 -3.53 -19.92 17.14
C SER C 266 -4.97 -19.98 16.61
N ARG C 267 -5.72 -20.99 17.04
CA ARG C 267 -7.11 -21.18 16.63
C ARG C 267 -8.04 -20.44 17.59
N GLY C 268 -8.68 -19.39 17.10
CA GLY C 268 -9.58 -18.61 17.93
C GLY C 268 -11.01 -18.53 17.40
N VAL C 269 -11.96 -18.49 18.32
CA VAL C 269 -13.38 -18.42 17.99
C VAL C 269 -13.90 -17.16 18.65
N TYR C 270 -14.64 -16.35 17.92
CA TYR C 270 -15.16 -15.09 18.45
C TYR C 270 -16.61 -14.83 18.11
N GLU C 271 -17.31 -14.17 19.02
CA GLU C 271 -18.69 -13.78 18.78
C GLU C 271 -18.77 -12.28 19.06
N THR C 272 -19.12 -11.53 18.02
CA THR C 272 -19.19 -10.08 18.08
C THR C 272 -20.50 -9.59 17.46
N PRO C 273 -21.65 -9.95 18.08
CA PRO C 273 -22.97 -9.58 17.59
C PRO C 273 -23.19 -8.09 17.28
N GLY C 274 -23.10 -7.25 18.29
CA GLY C 274 -23.30 -5.83 18.09
C GLY C 274 -22.28 -5.25 17.10
N GLY C 275 -21.01 -5.59 17.29
CA GLY C 275 -19.95 -5.11 16.43
C GLY C 275 -20.09 -5.54 14.98
N THR C 276 -20.59 -6.74 14.73
CA THR C 276 -20.77 -7.19 13.37
C THR C 276 -21.88 -6.40 12.68
N ILE C 277 -22.92 -6.07 13.43
CA ILE C 277 -24.00 -5.28 12.85
C ILE C 277 -23.44 -3.91 12.52
N LEU C 278 -22.61 -3.39 13.42
CA LEU C 278 -22.02 -2.08 13.22
C LEU C 278 -21.07 -2.03 12.03
N TYR C 279 -20.36 -3.13 11.78
CA TYR C 279 -19.42 -3.20 10.66
C TYR C 279 -20.16 -3.06 9.32
N HIS C 280 -21.24 -3.81 9.15
CA HIS C 280 -22.01 -3.78 7.92
C HIS C 280 -22.86 -2.52 7.79
N ALA C 281 -23.28 -1.96 8.91
CA ALA C 281 -24.10 -0.75 8.90
C ALA C 281 -23.22 0.41 8.45
N ARG C 282 -22.02 0.48 9.00
CA ARG C 282 -21.08 1.55 8.65
C ARG C 282 -20.79 1.54 7.16
N ARG C 283 -20.42 0.38 6.63
CA ARG C 283 -20.09 0.27 5.22
C ARG C 283 -21.31 0.63 4.35
N ALA C 284 -22.50 0.34 4.84
CA ALA C 284 -23.74 0.65 4.12
C ALA C 284 -23.92 2.17 4.04
N VAL C 285 -23.63 2.86 5.13
CA VAL C 285 -23.75 4.31 5.13
C VAL C 285 -22.57 4.90 4.31
N GLU C 286 -21.42 4.25 4.38
CA GLU C 286 -20.25 4.71 3.62
C GLU C 286 -20.52 4.59 2.12
N SER C 287 -21.29 3.58 1.73
CA SER C 287 -21.60 3.36 0.32
C SER C 287 -22.29 4.55 -0.32
N LEU C 288 -22.89 5.40 0.49
CA LEU C 288 -23.58 6.57 -0.04
C LEU C 288 -22.81 7.86 0.27
N THR C 289 -22.07 7.84 1.37
CA THR C 289 -21.37 9.04 1.80
C THR C 289 -19.87 9.18 1.51
N LEU C 290 -19.21 8.10 1.12
CA LEU C 290 -17.78 8.20 0.83
C LEU C 290 -17.47 8.19 -0.65
N ASP C 291 -16.48 8.98 -1.05
CA ASP C 291 -16.09 9.03 -2.45
C ASP C 291 -15.36 7.75 -2.84
N ARG C 292 -15.52 7.35 -4.10
CA ARG C 292 -14.90 6.14 -4.60
C ARG C 292 -13.41 5.99 -4.29
N GLU C 293 -12.60 6.93 -4.76
CA GLU C 293 -11.17 6.86 -4.55
C GLU C 293 -10.76 6.93 -3.07
N VAL C 294 -11.52 7.69 -2.27
CA VAL C 294 -11.26 7.79 -0.85
C VAL C 294 -11.50 6.41 -0.22
N LEU C 295 -12.60 5.76 -0.62
CA LEU C 295 -12.92 4.43 -0.09
C LEU C 295 -11.88 3.38 -0.42
N HIS C 296 -11.49 3.33 -1.69
CA HIS C 296 -10.51 2.36 -2.12
C HIS C 296 -9.18 2.53 -1.37
N GLN C 297 -8.79 3.77 -1.12
CA GLN C 297 -7.55 4.04 -0.39
C GLN C 297 -7.69 3.59 1.07
N ARG C 298 -8.79 3.98 1.69
CA ARG C 298 -9.07 3.62 3.08
C ARG C 298 -9.00 2.11 3.30
N ASP C 299 -9.63 1.35 2.43
CA ASP C 299 -9.64 -0.10 2.56
C ASP C 299 -8.28 -0.75 2.44
N MET C 300 -7.38 -0.13 1.69
CA MET C 300 -6.04 -0.69 1.55
C MET C 300 -5.19 -0.39 2.77
N LEU C 301 -5.65 0.53 3.61
CA LEU C 301 -4.94 0.91 4.83
C LEU C 301 -5.51 0.23 6.07
N SER C 302 -6.79 -0.11 6.01
CA SER C 302 -7.46 -0.77 7.12
C SER C 302 -6.68 -1.95 7.71
N PRO C 303 -6.23 -2.89 6.88
CA PRO C 303 -5.48 -4.05 7.38
C PRO C 303 -4.22 -3.69 8.17
N LYS C 304 -3.55 -2.62 7.79
CA LYS C 304 -2.35 -2.21 8.49
C LYS C 304 -2.73 -1.71 9.87
N TYR C 305 -3.76 -0.88 9.93
CA TYR C 305 -4.26 -0.35 11.20
C TYR C 305 -4.72 -1.55 12.04
N ALA C 306 -5.30 -2.56 11.40
CA ALA C 306 -5.75 -3.74 12.13
C ALA C 306 -4.60 -4.47 12.85
N GLU C 307 -3.50 -4.72 12.15
CA GLU C 307 -2.38 -5.41 12.79
C GLU C 307 -1.76 -4.54 13.87
N LEU C 308 -1.85 -3.23 13.70
CA LEU C 308 -1.31 -2.32 14.70
C LEU C 308 -2.06 -2.55 16.01
N VAL C 309 -3.38 -2.58 15.92
CA VAL C 309 -4.22 -2.80 17.09
C VAL C 309 -3.93 -4.18 17.67
N TYR C 310 -3.93 -5.18 16.81
CA TYR C 310 -3.68 -6.57 17.19
C TYR C 310 -2.34 -6.74 17.92
N TYR C 311 -1.28 -6.17 17.35
CA TYR C 311 0.06 -6.27 17.94
C TYR C 311 0.21 -5.52 19.27
N GLY C 312 -0.61 -4.50 19.50
CA GLY C 312 -0.53 -3.77 20.74
C GLY C 312 -0.05 -2.33 20.61
N PHE C 313 0.02 -1.84 19.37
CA PHE C 313 0.49 -0.48 19.15
C PHE C 313 -0.67 0.52 19.11
N TRP C 314 -1.39 0.65 20.23
CA TRP C 314 -2.50 1.58 20.29
C TRP C 314 -1.96 2.97 20.52
N TYR C 315 -1.22 3.15 21.62
CA TYR C 315 -0.62 4.43 21.94
C TYR C 315 0.75 4.49 21.27
N ALA C 316 0.74 4.44 19.95
CA ALA C 316 1.95 4.47 19.14
C ALA C 316 1.73 5.49 18.03
N PRO C 317 2.79 6.20 17.63
CA PRO C 317 2.67 7.22 16.58
C PRO C 317 2.11 6.74 15.23
N GLU C 318 2.43 5.51 14.80
CA GLU C 318 1.92 4.98 13.54
C GLU C 318 0.39 4.94 13.56
N ARG C 319 -0.14 4.38 14.64
CA ARG C 319 -1.57 4.24 14.80
C ARG C 319 -2.26 5.59 14.86
N GLU C 320 -1.71 6.51 15.64
CA GLU C 320 -2.31 7.83 15.76
C GLU C 320 -2.28 8.59 14.43
N ALA C 321 -1.24 8.36 13.62
CA ALA C 321 -1.14 9.02 12.33
C ALA C 321 -2.21 8.50 11.39
N LEU C 322 -2.38 7.18 11.37
CA LEU C 322 -3.39 6.58 10.52
C LEU C 322 -4.77 6.99 11.02
N GLN C 323 -4.90 7.17 12.33
CA GLN C 323 -6.18 7.56 12.93
C GLN C 323 -6.62 8.91 12.37
N ALA C 324 -5.65 9.80 12.13
CA ALA C 324 -5.95 11.13 11.59
C ALA C 324 -6.59 10.99 10.20
N TYR C 325 -6.07 10.05 9.41
CA TYR C 325 -6.60 9.79 8.08
C TYR C 325 -8.01 9.20 8.23
N PHE C 326 -8.11 8.11 8.97
CA PHE C 326 -9.39 7.45 9.17
C PHE C 326 -10.46 8.36 9.77
N ASP C 327 -10.10 9.23 10.71
CA ASP C 327 -11.06 10.15 11.31
C ASP C 327 -11.52 11.19 10.30
N HIS C 328 -10.60 11.64 9.46
CA HIS C 328 -10.92 12.61 8.43
C HIS C 328 -11.97 12.01 7.49
N VAL C 329 -11.73 10.79 7.03
CA VAL C 329 -12.65 10.10 6.14
C VAL C 329 -14.01 9.83 6.80
N ALA C 330 -13.99 9.32 8.03
CA ALA C 330 -15.22 8.98 8.73
C ALA C 330 -16.15 10.15 9.04
N ARG C 331 -15.62 11.36 9.06
CA ARG C 331 -16.44 12.52 9.38
C ARG C 331 -17.61 12.70 8.40
N SER C 332 -17.47 12.14 7.21
CA SER C 332 -18.50 12.22 6.17
C SER C 332 -19.58 11.16 6.35
N VAL C 333 -19.29 10.15 7.17
CA VAL C 333 -20.24 9.06 7.37
C VAL C 333 -21.42 9.41 8.29
N THR C 334 -22.45 9.97 7.67
CA THR C 334 -23.66 10.36 8.38
C THR C 334 -24.85 9.86 7.59
N GLY C 335 -25.70 9.08 8.25
CA GLY C 335 -26.87 8.53 7.58
C GLY C 335 -27.44 7.36 8.36
N VAL C 336 -28.25 6.55 7.70
CA VAL C 336 -28.88 5.42 8.35
C VAL C 336 -28.78 4.15 7.53
N ALA C 337 -28.46 3.05 8.20
CA ALA C 337 -28.38 1.76 7.54
C ALA C 337 -29.56 0.93 8.06
N ARG C 338 -30.16 0.16 7.17
CA ARG C 338 -31.28 -0.69 7.56
C ARG C 338 -30.84 -2.10 7.23
N LEU C 339 -30.76 -2.93 8.27
CA LEU C 339 -30.32 -4.30 8.10
C LEU C 339 -31.39 -5.32 8.50
N LYS C 340 -31.28 -6.50 7.93
CA LYS C 340 -32.21 -7.58 8.20
C LYS C 340 -31.43 -8.70 8.87
N LEU C 341 -31.83 -9.05 10.09
CA LEU C 341 -31.15 -10.11 10.83
C LEU C 341 -31.96 -11.40 10.71
N TYR C 342 -31.28 -12.52 10.50
CA TYR C 342 -31.98 -13.78 10.38
C TYR C 342 -31.06 -14.99 10.41
N LYS C 343 -31.31 -15.87 11.37
CA LYS C 343 -30.54 -17.10 11.50
C LYS C 343 -29.02 -16.92 11.37
N GLY C 344 -28.44 -16.07 12.20
CA GLY C 344 -26.99 -15.86 12.17
C GLY C 344 -26.40 -15.00 11.08
N ASN C 345 -27.22 -14.48 10.17
CA ASN C 345 -26.68 -13.63 9.11
C ASN C 345 -27.15 -12.19 9.27
N VAL C 346 -26.44 -11.26 8.65
CA VAL C 346 -26.79 -9.85 8.70
C VAL C 346 -26.88 -9.38 7.26
N TYR C 347 -28.07 -9.01 6.84
CA TYR C 347 -28.26 -8.54 5.47
C TYR C 347 -28.57 -7.06 5.41
N VAL C 348 -27.77 -6.33 4.64
CA VAL C 348 -28.04 -4.91 4.46
C VAL C 348 -29.20 -4.92 3.45
N VAL C 349 -30.28 -4.22 3.76
CA VAL C 349 -31.43 -4.16 2.86
C VAL C 349 -31.74 -2.72 2.45
N GLY C 350 -31.17 -1.77 3.17
CA GLY C 350 -31.40 -0.38 2.86
C GLY C 350 -30.40 0.58 3.50
N ARG C 351 -30.32 1.78 2.97
CA ARG C 351 -29.41 2.79 3.50
C ARG C 351 -29.78 4.14 2.91
N LYS C 352 -29.61 5.19 3.70
CA LYS C 352 -29.92 6.54 3.26
C LYS C 352 -28.99 7.52 3.96
N ALA C 353 -28.84 8.71 3.39
CA ALA C 353 -27.97 9.72 3.99
C ALA C 353 -28.42 11.10 3.57
N PRO C 354 -28.40 12.06 4.49
CA PRO C 354 -28.83 13.42 4.17
C PRO C 354 -27.94 14.06 3.09
N LYS C 355 -26.72 13.55 2.94
CA LYS C 355 -25.82 14.06 1.93
C LYS C 355 -25.29 12.92 1.06
N SER C 356 -26.20 12.05 0.64
CA SER C 356 -25.84 10.91 -0.20
C SER C 356 -25.22 11.39 -1.52
N LEU C 357 -24.29 10.61 -2.06
CA LEU C 357 -23.64 10.96 -3.32
C LEU C 357 -24.29 10.22 -4.47
N TYR C 358 -25.27 9.38 -4.13
CA TYR C 358 -25.98 8.60 -5.13
C TYR C 358 -26.99 9.52 -5.82
N ARG C 359 -27.09 9.39 -7.14
CA ARG C 359 -28.04 10.17 -7.92
C ARG C 359 -28.72 9.20 -8.87
N GLN C 360 -29.99 8.92 -8.63
CA GLN C 360 -30.69 7.98 -9.49
C GLN C 360 -30.67 8.42 -10.94
N ASP C 361 -30.70 9.73 -11.18
CA ASP C 361 -30.71 10.22 -12.55
C ASP C 361 -29.42 9.90 -13.30
N LEU C 362 -28.40 9.47 -12.57
CA LEU C 362 -27.14 9.11 -13.21
C LEU C 362 -27.17 7.65 -13.68
N VAL C 363 -28.12 6.87 -13.19
CA VAL C 363 -28.18 5.47 -13.59
C VAL C 363 -29.43 5.07 -14.37
N SER C 364 -30.54 5.76 -14.15
CA SER C 364 -31.78 5.40 -14.84
C SER C 364 -31.80 5.75 -16.32
N PHE C 365 -32.59 5.00 -17.08
CA PHE C 365 -32.72 5.25 -18.51
C PHE C 365 -34.00 6.05 -18.79
N GLY C 370 -24.89 15.92 -16.87
CA GLY C 370 -23.44 15.78 -16.54
C GLY C 370 -22.87 14.51 -17.13
N TYR C 371 -23.75 13.69 -17.72
CA TYR C 371 -23.35 12.43 -18.33
C TYR C 371 -23.80 12.29 -19.79
N ASP C 372 -22.84 12.36 -20.72
CA ASP C 372 -23.18 12.24 -22.13
C ASP C 372 -22.56 10.99 -22.78
N GLN C 373 -23.24 10.47 -23.79
CA GLN C 373 -22.81 9.24 -24.48
C GLN C 373 -21.42 9.24 -25.07
N LYS C 374 -21.16 10.17 -25.98
CA LYS C 374 -19.85 10.25 -26.61
C LYS C 374 -18.70 10.31 -25.59
N ASP C 375 -18.99 10.75 -24.37
CA ASP C 375 -17.95 10.87 -23.34
C ASP C 375 -17.33 9.54 -22.98
N ALA C 376 -18.18 8.51 -22.83
CA ALA C 376 -17.69 7.19 -22.47
C ALA C 376 -16.65 6.70 -23.47
N GLU C 377 -16.91 6.94 -24.76
CA GLU C 377 -15.96 6.52 -25.80
C GLU C 377 -14.59 7.18 -25.63
N GLY C 378 -14.59 8.49 -25.39
CA GLY C 378 -13.34 9.20 -25.20
C GLY C 378 -12.58 8.66 -24.00
N PHE C 379 -13.32 8.39 -22.92
CA PHE C 379 -12.76 7.85 -21.69
C PHE C 379 -12.05 6.54 -22.02
N ILE C 380 -12.79 5.63 -22.63
CA ILE C 380 -12.28 4.32 -23.02
C ILE C 380 -11.03 4.40 -23.91
N LYS C 381 -11.08 5.23 -24.94
CA LYS C 381 -9.94 5.35 -25.86
C LYS C 381 -8.69 5.78 -25.10
N ILE C 382 -8.79 6.85 -24.33
CA ILE C 382 -7.66 7.34 -23.57
C ILE C 382 -7.15 6.29 -22.57
N GLN C 383 -8.07 5.62 -21.89
CA GLN C 383 -7.69 4.59 -20.94
C GLN C 383 -6.97 3.47 -21.67
N ALA C 384 -7.40 3.21 -22.91
CA ALA C 384 -6.82 2.13 -23.69
C ALA C 384 -5.49 2.41 -24.37
N LEU C 385 -5.16 3.69 -24.54
CA LEU C 385 -3.94 4.07 -25.22
C LEU C 385 -2.70 3.27 -24.82
N ARG C 386 -2.32 3.32 -23.54
CA ARG C 386 -1.13 2.59 -23.13
C ARG C 386 -1.19 1.10 -23.42
N LEU C 387 -2.39 0.51 -23.39
CA LEU C 387 -2.54 -0.91 -23.69
C LEU C 387 -2.36 -1.14 -25.19
N ARG C 388 -2.88 -0.21 -26.00
CA ARG C 388 -2.74 -0.31 -27.44
C ARG C 388 -1.26 -0.22 -27.83
N VAL C 389 -0.56 0.76 -27.27
CA VAL C 389 0.86 0.94 -27.56
C VAL C 389 1.62 -0.34 -27.20
N ARG C 390 1.31 -0.91 -26.05
CA ARG C 390 1.95 -2.14 -25.60
C ARG C 390 1.79 -3.27 -26.63
N ALA C 391 0.55 -3.53 -27.04
CA ALA C 391 0.28 -4.57 -28.02
C ALA C 391 1.07 -4.30 -29.30
N LEU C 392 1.00 -3.07 -29.77
CA LEU C 392 1.70 -2.69 -30.99
C LEU C 392 3.20 -2.99 -30.86
N VAL C 393 3.80 -2.61 -29.75
CA VAL C 393 5.22 -2.88 -29.56
C VAL C 393 5.45 -4.38 -29.61
N GLU C 394 4.52 -5.15 -29.05
CA GLU C 394 4.68 -6.61 -29.11
C GLU C 394 4.43 -7.02 -30.56
N ARG C 395 4.28 -6.03 -31.43
CA ARG C 395 4.03 -6.25 -32.86
C ARG C 395 2.87 -7.21 -33.04
N MET D 1 -18.12 -5.79 -45.56
CA MET D 1 -17.69 -5.55 -44.15
C MET D 1 -18.29 -6.59 -43.22
N LYS D 2 -17.49 -7.12 -42.31
CA LYS D 2 -17.99 -8.10 -41.36
C LYS D 2 -17.93 -7.54 -39.95
N ILE D 3 -18.92 -7.90 -39.13
CA ILE D 3 -18.97 -7.44 -37.75
C ILE D 3 -19.33 -8.62 -36.87
N VAL D 4 -18.45 -8.94 -35.92
CA VAL D 4 -18.71 -10.04 -35.00
C VAL D 4 -19.38 -9.43 -33.77
N LEU D 5 -20.60 -9.90 -33.49
CA LEU D 5 -21.38 -9.40 -32.37
C LEU D 5 -21.48 -10.36 -31.19
N ALA D 6 -21.21 -9.84 -29.99
CA ALA D 6 -21.34 -10.66 -28.81
C ALA D 6 -22.86 -10.71 -28.66
N TYR D 7 -23.45 -11.83 -29.07
CA TYR D 7 -24.91 -12.01 -29.04
C TYR D 7 -25.33 -12.92 -27.89
N SER D 8 -26.15 -12.39 -26.99
CA SER D 8 -26.59 -13.18 -25.86
C SER D 8 -27.93 -13.84 -26.15
N GLY D 9 -28.53 -13.49 -27.28
CA GLY D 9 -29.81 -14.07 -27.64
C GLY D 9 -31.03 -13.33 -27.13
N GLY D 10 -30.84 -12.28 -26.33
CA GLY D 10 -31.97 -11.54 -25.80
C GLY D 10 -32.59 -10.51 -26.74
N LEU D 11 -33.58 -9.79 -26.23
CA LEU D 11 -34.27 -8.77 -27.02
C LEU D 11 -33.37 -7.66 -27.56
N ASP D 12 -32.50 -7.12 -26.71
CA ASP D 12 -31.63 -6.05 -27.16
C ASP D 12 -30.50 -6.43 -28.11
N THR D 13 -29.82 -7.55 -27.87
CA THR D 13 -28.74 -7.93 -28.78
C THR D 13 -29.32 -8.42 -30.10
N SER D 14 -30.62 -8.71 -30.10
CA SER D 14 -31.31 -9.15 -31.31
C SER D 14 -31.62 -7.87 -32.07
N ILE D 15 -32.17 -6.89 -31.35
CA ILE D 15 -32.47 -5.58 -31.92
C ILE D 15 -31.16 -5.04 -32.47
N ILE D 16 -30.10 -5.21 -31.69
CA ILE D 16 -28.78 -4.73 -32.08
C ILE D 16 -28.29 -5.45 -33.33
N LEU D 17 -28.60 -6.74 -33.44
CA LEU D 17 -28.19 -7.51 -34.61
C LEU D 17 -28.83 -6.91 -35.88
N LYS D 18 -30.11 -6.56 -35.80
CA LYS D 18 -30.82 -5.94 -36.94
C LYS D 18 -30.24 -4.56 -37.24
N TRP D 19 -30.08 -3.78 -36.17
CA TRP D 19 -29.55 -2.42 -36.25
C TRP D 19 -28.22 -2.35 -36.98
N LEU D 20 -27.30 -3.27 -36.64
CA LEU D 20 -25.99 -3.30 -37.27
C LEU D 20 -26.07 -3.56 -38.77
N LYS D 21 -26.97 -4.46 -39.16
CA LYS D 21 -27.13 -4.81 -40.57
C LYS D 21 -27.63 -3.60 -41.36
N GLU D 22 -28.59 -2.88 -40.80
CA GLU D 22 -29.14 -1.69 -41.46
C GLU D 22 -28.16 -0.54 -41.45
N THR D 23 -27.57 -0.28 -40.28
CA THR D 23 -26.64 0.83 -40.12
C THR D 23 -25.38 0.68 -40.94
N TYR D 24 -24.75 -0.48 -40.89
CA TYR D 24 -23.51 -0.71 -41.62
C TYR D 24 -23.66 -1.54 -42.89
N ARG D 25 -24.80 -2.21 -43.06
CA ARG D 25 -24.98 -3.03 -44.25
C ARG D 25 -23.82 -4.01 -44.35
N ALA D 26 -23.42 -4.58 -43.21
CA ALA D 26 -22.34 -5.54 -43.18
C ALA D 26 -22.86 -6.89 -42.73
N GLU D 27 -22.11 -7.95 -43.00
CA GLU D 27 -22.52 -9.29 -42.57
C GLU D 27 -22.24 -9.32 -41.07
N VAL D 28 -23.17 -9.85 -40.29
CA VAL D 28 -23.00 -9.90 -38.86
C VAL D 28 -22.86 -11.34 -38.37
N ILE D 29 -21.70 -11.66 -37.79
CA ILE D 29 -21.44 -12.98 -37.25
C ILE D 29 -21.79 -12.92 -35.77
N ALA D 30 -22.85 -13.63 -35.38
CA ALA D 30 -23.26 -13.63 -34.01
C ALA D 30 -22.43 -14.64 -33.21
N PHE D 31 -21.98 -14.24 -32.03
CA PHE D 31 -21.21 -15.12 -31.17
C PHE D 31 -21.94 -15.18 -29.85
N THR D 32 -22.24 -16.40 -29.40
CA THR D 32 -22.92 -16.60 -28.14
C THR D 32 -22.07 -17.55 -27.32
N ALA D 33 -21.74 -17.11 -26.12
CA ALA D 33 -20.90 -17.92 -25.23
C ALA D 33 -21.70 -18.54 -24.11
N ASP D 34 -21.46 -19.82 -23.87
CA ASP D 34 -22.11 -20.50 -22.78
C ASP D 34 -21.13 -20.40 -21.61
N ILE D 35 -21.46 -19.55 -20.65
CA ILE D 35 -20.63 -19.37 -19.47
C ILE D 35 -21.46 -19.67 -18.23
N GLY D 36 -22.53 -20.44 -18.42
CA GLY D 36 -23.37 -20.83 -17.31
C GLY D 36 -24.61 -20.00 -17.06
N GLN D 37 -25.07 -19.26 -18.06
CA GLN D 37 -26.26 -18.43 -17.88
C GLN D 37 -27.48 -19.32 -17.65
N GLY D 38 -27.33 -20.61 -17.92
CA GLY D 38 -28.44 -21.53 -17.75
C GLY D 38 -29.43 -21.35 -18.90
N GLU D 39 -28.88 -21.22 -20.10
CA GLU D 39 -29.66 -21.03 -21.33
C GLU D 39 -29.10 -21.95 -22.40
N GLU D 40 -29.94 -22.34 -23.35
CA GLU D 40 -29.44 -23.20 -24.41
C GLU D 40 -28.89 -22.26 -25.47
N VAL D 41 -27.56 -22.17 -25.53
CA VAL D 41 -26.93 -21.28 -26.48
C VAL D 41 -27.22 -21.65 -27.93
N GLU D 42 -27.73 -22.85 -28.14
CA GLU D 42 -28.07 -23.29 -29.49
C GLU D 42 -29.36 -22.64 -29.91
N GLU D 43 -30.17 -22.27 -28.94
CA GLU D 43 -31.41 -21.60 -29.24
C GLU D 43 -31.02 -20.19 -29.69
N ALA D 44 -30.12 -19.57 -28.94
CA ALA D 44 -29.66 -18.23 -29.29
C ALA D 44 -29.00 -18.24 -30.68
N ARG D 45 -28.17 -19.25 -30.93
CA ARG D 45 -27.47 -19.34 -32.22
C ARG D 45 -28.45 -19.46 -33.41
N GLU D 46 -29.61 -20.06 -33.16
CA GLU D 46 -30.60 -20.23 -34.22
C GLU D 46 -31.41 -18.95 -34.36
N LYS D 47 -31.74 -18.33 -33.23
CA LYS D 47 -32.47 -17.08 -33.28
C LYS D 47 -31.63 -16.03 -33.99
N ALA D 48 -30.31 -16.19 -33.91
CA ALA D 48 -29.38 -15.26 -34.54
C ALA D 48 -29.46 -15.40 -36.06
N LEU D 49 -29.42 -16.63 -36.56
CA LEU D 49 -29.50 -16.85 -38.00
C LEU D 49 -30.88 -16.37 -38.43
N ARG D 50 -31.85 -16.60 -37.56
CA ARG D 50 -33.22 -16.20 -37.81
C ARG D 50 -33.27 -14.68 -37.92
N THR D 51 -32.68 -14.01 -36.94
CA THR D 51 -32.68 -12.55 -36.90
C THR D 51 -31.92 -11.91 -38.05
N GLY D 52 -31.04 -12.65 -38.71
CA GLY D 52 -30.31 -12.08 -39.83
C GLY D 52 -28.81 -12.29 -39.90
N ALA D 53 -28.24 -13.00 -38.92
CA ALA D 53 -26.80 -13.25 -38.91
C ALA D 53 -26.34 -14.04 -40.12
N SER D 54 -25.19 -13.69 -40.68
CA SER D 54 -24.67 -14.42 -41.84
C SER D 54 -24.01 -15.68 -41.33
N LYS D 55 -23.74 -15.68 -40.02
CA LYS D 55 -23.11 -16.83 -39.35
C LYS D 55 -23.28 -16.69 -37.85
N ALA D 56 -23.68 -17.79 -37.21
CA ALA D 56 -23.88 -17.77 -35.77
C ALA D 56 -23.01 -18.86 -35.16
N ILE D 57 -22.19 -18.45 -34.18
CA ILE D 57 -21.27 -19.35 -33.50
C ILE D 57 -21.65 -19.43 -32.03
N ALA D 58 -21.62 -20.64 -31.47
CA ALA D 58 -21.93 -20.85 -30.06
C ALA D 58 -20.87 -21.79 -29.51
N LEU D 59 -20.23 -21.37 -28.42
CA LEU D 59 -19.18 -22.16 -27.81
C LEU D 59 -19.43 -22.38 -26.32
N ASP D 60 -19.09 -23.57 -25.85
CA ASP D 60 -19.23 -23.92 -24.44
C ASP D 60 -17.92 -23.43 -23.81
N LEU D 61 -17.98 -22.35 -23.04
CA LEU D 61 -16.78 -21.81 -22.43
C LEU D 61 -16.73 -21.93 -20.92
N LYS D 62 -17.59 -22.78 -20.36
CA LYS D 62 -17.62 -22.96 -18.90
C LYS D 62 -16.27 -23.28 -18.28
N GLU D 63 -15.62 -24.31 -18.78
CA GLU D 63 -14.32 -24.71 -18.25
C GLU D 63 -13.26 -23.61 -18.38
N GLU D 64 -13.17 -22.98 -19.55
CA GLU D 64 -12.18 -21.92 -19.73
C GLU D 64 -12.51 -20.77 -18.79
N PHE D 65 -13.79 -20.44 -18.67
CA PHE D 65 -14.22 -19.37 -17.77
C PHE D 65 -13.69 -19.55 -16.34
N VAL D 66 -13.97 -20.71 -15.76
CA VAL D 66 -13.55 -20.98 -14.39
C VAL D 66 -12.05 -21.19 -14.26
N ARG D 67 -11.47 -21.96 -15.17
CA ARG D 67 -10.05 -22.26 -15.13
C ARG D 67 -9.10 -21.08 -15.38
N ASP D 68 -9.35 -20.32 -16.44
CA ASP D 68 -8.48 -19.21 -16.79
C ASP D 68 -8.89 -17.81 -16.35
N PHE D 69 -10.05 -17.69 -15.72
CA PHE D 69 -10.50 -16.38 -15.27
C PHE D 69 -10.96 -16.34 -13.82
N VAL D 70 -11.94 -17.18 -13.48
CA VAL D 70 -12.44 -17.20 -12.11
C VAL D 70 -11.35 -17.66 -11.12
N PHE D 71 -10.68 -18.78 -11.39
CA PHE D 71 -9.66 -19.29 -10.47
C PHE D 71 -8.47 -18.34 -10.25
N PRO D 72 -7.89 -17.81 -11.34
CA PRO D 72 -6.76 -16.90 -11.15
C PRO D 72 -7.18 -15.70 -10.28
N MET D 73 -8.38 -15.18 -10.53
CA MET D 73 -8.92 -14.06 -9.77
C MET D 73 -9.11 -14.40 -8.30
N MET D 74 -9.62 -15.61 -8.03
CA MET D 74 -9.86 -16.07 -6.67
C MET D 74 -8.57 -16.27 -5.89
N ARG D 75 -7.51 -16.69 -6.57
CA ARG D 75 -6.22 -16.89 -5.88
C ARG D 75 -5.78 -15.59 -5.24
N ALA D 76 -6.22 -14.48 -5.83
CA ALA D 76 -5.86 -13.15 -5.32
C ALA D 76 -6.75 -12.68 -4.18
N GLY D 77 -7.81 -13.43 -3.88
CA GLY D 77 -8.72 -13.03 -2.82
C GLY D 77 -9.41 -11.73 -3.21
N ALA D 78 -9.70 -11.58 -4.49
CA ALA D 78 -10.32 -10.37 -5.02
C ALA D 78 -11.72 -10.09 -4.52
N VAL D 79 -11.92 -8.90 -3.94
CA VAL D 79 -13.21 -8.47 -3.43
C VAL D 79 -13.32 -6.96 -3.63
N TYR D 80 -14.28 -6.54 -4.46
CA TYR D 80 -14.47 -5.12 -4.74
C TYR D 80 -15.33 -4.45 -3.69
N GLU D 81 -14.82 -3.34 -3.14
CA GLU D 81 -15.50 -2.55 -2.13
C GLU D 81 -16.20 -3.34 -1.03
N GLY D 82 -15.45 -4.23 -0.38
CA GLY D 82 -16.01 -4.99 0.72
C GLY D 82 -16.88 -6.20 0.46
N TYR D 83 -17.67 -6.20 -0.61
CA TYR D 83 -18.54 -7.36 -0.83
C TYR D 83 -18.64 -8.00 -2.21
N TYR D 84 -18.45 -7.23 -3.29
CA TYR D 84 -18.60 -7.79 -4.63
C TYR D 84 -17.55 -8.80 -5.07
N LEU D 85 -17.98 -10.02 -5.34
CA LEU D 85 -17.06 -11.06 -5.76
C LEU D 85 -16.76 -11.02 -7.26
N LEU D 86 -17.11 -9.91 -7.90
CA LEU D 86 -16.80 -9.72 -9.32
C LEU D 86 -17.34 -10.75 -10.32
N GLY D 87 -18.51 -11.32 -10.06
CA GLY D 87 -19.07 -12.31 -10.97
C GLY D 87 -19.17 -11.89 -12.43
N THR D 88 -19.68 -10.69 -12.69
CA THR D 88 -19.80 -10.23 -14.07
C THR D 88 -18.45 -9.76 -14.62
N SER D 89 -17.70 -9.07 -13.76
CA SER D 89 -16.39 -8.53 -14.11
C SER D 89 -15.40 -9.48 -14.81
N ILE D 90 -15.15 -10.66 -14.24
CA ILE D 90 -14.20 -11.59 -14.85
C ILE D 90 -14.74 -12.33 -16.05
N ALA D 91 -16.03 -12.18 -16.33
CA ALA D 91 -16.64 -12.88 -17.46
C ALA D 91 -16.44 -12.15 -18.80
N ARG D 92 -16.64 -10.84 -18.79
CA ARG D 92 -16.49 -10.02 -19.98
C ARG D 92 -15.18 -10.20 -20.75
N PRO D 93 -14.04 -10.21 -20.05
CA PRO D 93 -12.75 -10.37 -20.74
C PRO D 93 -12.72 -11.63 -21.61
N LEU D 94 -13.24 -12.73 -21.05
CA LEU D 94 -13.32 -14.01 -21.73
C LEU D 94 -14.09 -13.83 -23.05
N ILE D 95 -15.29 -13.26 -22.93
CA ILE D 95 -16.13 -13.02 -24.10
C ILE D 95 -15.39 -12.19 -25.14
N ALA D 96 -14.91 -11.02 -24.74
CA ALA D 96 -14.19 -10.14 -25.64
C ALA D 96 -13.04 -10.86 -26.33
N LYS D 97 -12.34 -11.70 -25.57
CA LYS D 97 -11.22 -12.47 -26.11
C LYS D 97 -11.67 -13.31 -27.31
N HIS D 98 -12.85 -13.91 -27.22
CA HIS D 98 -13.34 -14.73 -28.31
C HIS D 98 -13.85 -13.88 -29.48
N LEU D 99 -14.48 -12.75 -29.18
CA LEU D 99 -14.96 -11.84 -30.22
C LEU D 99 -13.83 -11.44 -31.14
N VAL D 100 -12.69 -11.09 -30.54
CA VAL D 100 -11.53 -10.67 -31.30
C VAL D 100 -10.94 -11.83 -32.07
N ARG D 101 -10.90 -12.99 -31.43
CA ARG D 101 -10.36 -14.21 -32.04
C ARG D 101 -11.17 -14.55 -33.29
N ILE D 102 -12.49 -14.53 -33.15
CA ILE D 102 -13.39 -14.83 -34.26
C ILE D 102 -13.18 -13.80 -35.37
N ALA D 103 -13.32 -12.52 -35.04
CA ALA D 103 -13.13 -11.47 -36.02
C ALA D 103 -11.86 -11.70 -36.84
N GLU D 104 -10.82 -12.22 -36.20
CA GLU D 104 -9.57 -12.44 -36.91
C GLU D 104 -9.67 -13.67 -37.79
N GLU D 105 -10.48 -14.63 -37.36
CA GLU D 105 -10.67 -15.85 -38.12
C GLU D 105 -11.62 -15.62 -39.29
N GLU D 106 -12.64 -14.80 -39.07
CA GLU D 106 -13.62 -14.50 -40.10
C GLU D 106 -13.21 -13.32 -40.99
N GLY D 107 -12.09 -12.70 -40.68
CA GLY D 107 -11.66 -11.56 -41.46
C GLY D 107 -12.61 -10.39 -41.29
N ALA D 108 -13.11 -10.21 -40.06
CA ALA D 108 -14.03 -9.13 -39.75
C ALA D 108 -13.21 -7.99 -39.14
N GLU D 109 -13.38 -6.80 -39.68
CA GLU D 109 -12.62 -5.64 -39.18
C GLU D 109 -13.18 -5.08 -37.88
N ALA D 110 -14.45 -5.36 -37.59
CA ALA D 110 -15.07 -4.85 -36.38
C ALA D 110 -15.82 -5.84 -35.50
N ILE D 111 -15.96 -5.49 -34.23
CA ILE D 111 -16.70 -6.30 -33.25
C ILE D 111 -17.72 -5.37 -32.62
N ALA D 112 -18.75 -5.94 -32.03
CA ALA D 112 -19.78 -5.13 -31.38
C ALA D 112 -20.32 -5.80 -30.13
N HIS D 113 -20.85 -4.98 -29.23
CA HIS D 113 -21.42 -5.48 -27.98
C HIS D 113 -22.58 -4.57 -27.59
N GLY D 114 -23.49 -5.09 -26.77
CA GLY D 114 -24.64 -4.31 -26.37
C GLY D 114 -24.59 -3.75 -24.96
N ALA D 115 -23.39 -3.47 -24.46
CA ALA D 115 -23.29 -2.90 -23.12
C ALA D 115 -23.66 -1.44 -23.31
N THR D 116 -24.33 -0.83 -22.33
CA THR D 116 -24.74 0.56 -22.46
C THR D 116 -23.62 1.56 -22.18
N GLY D 117 -23.88 2.83 -22.46
CA GLY D 117 -22.88 3.85 -22.23
C GLY D 117 -22.77 4.30 -20.79
N LYS D 118 -23.68 3.82 -19.94
CA LYS D 118 -23.66 4.21 -18.54
C LYS D 118 -22.96 3.21 -17.62
N GLY D 119 -22.55 2.05 -18.15
CA GLY D 119 -21.94 1.05 -17.29
C GLY D 119 -20.47 0.71 -17.39
N ASN D 120 -20.09 -0.36 -16.69
CA ASN D 120 -18.72 -0.85 -16.66
C ASN D 120 -18.44 -1.85 -17.78
N ASP D 121 -19.44 -2.63 -18.15
CA ASP D 121 -19.25 -3.64 -19.19
C ASP D 121 -18.67 -3.12 -20.49
N GLN D 122 -19.07 -1.92 -20.89
CA GLN D 122 -18.55 -1.32 -22.12
C GLN D 122 -17.03 -1.18 -22.03
N VAL D 123 -16.55 -0.75 -20.87
CA VAL D 123 -15.12 -0.57 -20.66
C VAL D 123 -14.37 -1.91 -20.70
N ARG D 124 -14.97 -2.94 -20.10
CA ARG D 124 -14.36 -4.26 -20.05
C ARG D 124 -14.21 -4.87 -21.44
N PHE D 125 -15.27 -4.83 -22.23
CA PHE D 125 -15.21 -5.37 -23.59
C PHE D 125 -14.18 -4.62 -24.43
N GLU D 126 -14.23 -3.30 -24.38
CA GLU D 126 -13.34 -2.49 -25.19
C GLU D 126 -11.87 -2.48 -24.78
N LEU D 127 -11.59 -2.37 -23.48
CA LEU D 127 -10.21 -2.39 -23.04
C LEU D 127 -9.62 -3.74 -23.41
N THR D 128 -10.43 -4.80 -23.32
CA THR D 128 -9.97 -6.14 -23.67
C THR D 128 -9.70 -6.21 -25.17
N ALA D 129 -10.67 -5.74 -25.96
CA ALA D 129 -10.56 -5.74 -27.42
C ALA D 129 -9.30 -5.00 -27.89
N TYR D 130 -9.14 -3.75 -27.48
CA TYR D 130 -7.98 -2.93 -27.87
C TYR D 130 -6.66 -3.50 -27.36
N ALA D 131 -6.67 -4.08 -26.17
CA ALA D 131 -5.46 -4.66 -25.61
C ALA D 131 -4.97 -5.86 -26.41
N LEU D 132 -5.92 -6.64 -26.93
CA LEU D 132 -5.58 -7.82 -27.70
C LEU D 132 -5.28 -7.55 -29.18
N LYS D 133 -6.03 -6.62 -29.77
CA LYS D 133 -5.86 -6.24 -31.18
C LYS D 133 -6.06 -4.73 -31.21
N PRO D 134 -4.96 -3.96 -31.11
CA PRO D 134 -4.97 -2.50 -31.10
C PRO D 134 -5.73 -1.73 -32.18
N ASP D 135 -5.77 -2.23 -33.41
CA ASP D 135 -6.47 -1.47 -34.44
C ASP D 135 -7.82 -2.03 -34.82
N ILE D 136 -8.37 -2.87 -33.93
CA ILE D 136 -9.69 -3.43 -34.19
C ILE D 136 -10.68 -2.30 -33.99
N LYS D 137 -11.78 -2.32 -34.73
CA LYS D 137 -12.80 -1.29 -34.61
C LYS D 137 -13.90 -1.83 -33.71
N VAL D 138 -14.39 -0.99 -32.80
CA VAL D 138 -15.43 -1.41 -31.88
C VAL D 138 -16.67 -0.57 -32.11
N ILE D 139 -17.82 -1.22 -32.09
CA ILE D 139 -19.10 -0.56 -32.28
C ILE D 139 -19.97 -0.87 -31.08
N ALA D 140 -20.50 0.17 -30.45
CA ALA D 140 -21.36 0.01 -29.29
C ALA D 140 -22.68 0.73 -29.59
N PRO D 141 -23.62 0.01 -30.21
CA PRO D 141 -24.92 0.57 -30.57
C PRO D 141 -25.58 1.47 -29.53
N TRP D 142 -25.53 1.09 -28.25
CA TRP D 142 -26.15 1.92 -27.22
C TRP D 142 -25.61 3.34 -27.20
N ARG D 143 -24.37 3.51 -27.66
CA ARG D 143 -23.75 4.83 -27.70
C ARG D 143 -23.97 5.51 -29.05
N GLU D 144 -24.37 4.73 -30.06
CA GLU D 144 -24.57 5.28 -31.40
C GLU D 144 -26.01 5.48 -31.88
N TRP D 145 -26.95 4.64 -31.41
CA TRP D 145 -28.31 4.75 -31.90
C TRP D 145 -29.17 5.90 -31.39
N SER D 146 -30.40 5.96 -31.91
CA SER D 146 -31.36 7.02 -31.60
C SER D 146 -32.60 6.65 -30.77
N PHE D 147 -32.79 5.38 -30.45
CA PHE D 147 -33.96 5.02 -29.65
C PHE D 147 -33.97 5.92 -28.43
N GLN D 148 -35.12 6.48 -28.10
CA GLN D 148 -35.22 7.37 -26.95
C GLN D 148 -36.05 6.73 -25.84
N GLY D 149 -36.41 5.48 -26.02
CA GLY D 149 -37.20 4.81 -25.01
C GLY D 149 -37.31 3.33 -25.25
N ARG D 150 -37.97 2.64 -24.31
CA ARG D 150 -38.19 1.21 -24.38
C ARG D 150 -39.21 0.98 -25.48
N LYS D 151 -40.29 1.75 -25.40
CA LYS D 151 -41.40 1.67 -26.35
C LYS D 151 -40.88 1.73 -27.80
N GLU D 152 -39.91 2.61 -28.06
CA GLU D 152 -39.37 2.73 -29.40
C GLU D 152 -38.57 1.51 -29.81
N MET D 153 -37.91 0.90 -28.83
CA MET D 153 -37.12 -0.28 -29.12
C MET D 153 -38.03 -1.47 -29.40
N ILE D 154 -39.06 -1.63 -28.58
CA ILE D 154 -40.01 -2.72 -28.78
C ILE D 154 -40.66 -2.50 -30.14
N ALA D 155 -41.20 -1.30 -30.36
CA ALA D 155 -41.85 -1.02 -31.65
C ALA D 155 -40.91 -1.42 -32.78
N TYR D 156 -39.67 -0.98 -32.69
CA TYR D 156 -38.66 -1.29 -33.71
C TYR D 156 -38.48 -2.79 -33.84
N ALA D 157 -38.62 -3.51 -32.72
CA ALA D 157 -38.47 -4.96 -32.71
C ALA D 157 -39.58 -5.63 -33.52
N GLU D 158 -40.82 -5.25 -33.24
CA GLU D 158 -41.96 -5.81 -33.95
C GLU D 158 -41.88 -5.43 -35.42
N ALA D 159 -41.67 -4.14 -35.67
CA ALA D 159 -41.54 -3.67 -37.04
C ALA D 159 -40.61 -4.57 -37.84
N HIS D 160 -39.56 -5.08 -37.19
CA HIS D 160 -38.58 -5.96 -37.86
C HIS D 160 -38.86 -7.43 -37.65
N GLY D 161 -39.93 -7.73 -36.93
CA GLY D 161 -40.31 -9.12 -36.70
C GLY D 161 -39.44 -9.88 -35.72
N ILE D 162 -39.15 -9.29 -34.56
CA ILE D 162 -38.34 -9.95 -33.54
C ILE D 162 -39.20 -10.23 -32.30
N PRO D 163 -39.15 -11.46 -31.78
CA PRO D 163 -39.93 -11.84 -30.60
C PRO D 163 -39.78 -10.82 -29.47
N VAL D 164 -40.90 -10.30 -28.97
CA VAL D 164 -40.84 -9.34 -27.88
C VAL D 164 -41.59 -9.88 -26.67
N PRO D 165 -41.16 -9.48 -25.46
CA PRO D 165 -41.86 -9.97 -24.28
C PRO D 165 -43.36 -9.71 -24.37
N PRO D 171 -38.70 -5.53 -14.01
CA PRO D 171 -38.54 -4.47 -12.98
C PRO D 171 -37.07 -4.31 -12.57
N TYR D 172 -36.18 -5.02 -13.26
CA TYR D 172 -34.76 -4.97 -12.98
C TYR D 172 -33.99 -5.77 -14.03
N SER D 173 -32.71 -5.44 -14.19
CA SER D 173 -31.82 -6.10 -15.14
C SER D 173 -31.07 -7.24 -14.45
N MET D 174 -30.67 -8.25 -15.21
CA MET D 174 -29.93 -9.38 -14.64
C MET D 174 -28.81 -9.81 -15.56
N ASP D 175 -27.78 -10.42 -14.97
CA ASP D 175 -26.66 -10.98 -15.71
C ASP D 175 -26.28 -12.23 -14.94
N ALA D 176 -26.31 -13.36 -15.63
CA ALA D 176 -26.01 -14.61 -14.97
C ALA D 176 -24.96 -15.44 -15.70
N ASN D 177 -24.14 -16.14 -14.92
CA ASN D 177 -23.10 -17.01 -15.43
C ASN D 177 -22.78 -18.01 -14.31
N LEU D 178 -21.82 -18.89 -14.53
CA LEU D 178 -21.48 -19.91 -13.53
C LEU D 178 -21.05 -19.37 -12.17
N LEU D 179 -20.59 -18.12 -12.12
CA LEU D 179 -20.13 -17.53 -10.85
C LEU D 179 -21.23 -16.88 -10.04
N HIS D 180 -22.18 -16.21 -10.70
CA HIS D 180 -23.24 -15.53 -9.97
C HIS D 180 -24.37 -15.02 -10.87
N ILE D 181 -25.29 -14.31 -10.23
CA ILE D 181 -26.36 -13.66 -10.95
C ILE D 181 -26.43 -12.28 -10.32
N SER D 182 -26.34 -11.27 -11.18
CA SER D 182 -26.38 -9.88 -10.79
C SER D 182 -27.76 -9.30 -11.06
N TYR D 183 -28.25 -8.48 -10.14
CA TYR D 183 -29.54 -7.83 -10.28
C TYR D 183 -29.36 -6.34 -9.97
N GLU D 184 -29.72 -5.50 -10.93
CA GLU D 184 -29.62 -4.05 -10.74
C GLU D 184 -30.52 -3.33 -11.74
N GLY D 185 -30.89 -2.09 -11.40
CA GLY D 185 -31.75 -1.32 -12.28
C GLY D 185 -33.20 -1.37 -11.82
N GLY D 186 -34.04 -0.56 -12.45
CA GLY D 186 -35.45 -0.54 -12.09
C GLY D 186 -35.71 -0.29 -10.62
N VAL D 187 -36.46 -1.21 -10.02
CA VAL D 187 -36.84 -1.13 -8.61
C VAL D 187 -35.67 -1.04 -7.65
N LEU D 188 -34.55 -1.64 -8.04
CA LEU D 188 -33.35 -1.66 -7.20
C LEU D 188 -32.65 -0.30 -7.10
N GLU D 189 -32.99 0.63 -7.99
CA GLU D 189 -32.37 1.96 -8.02
C GLU D 189 -32.60 2.77 -6.74
N ASP D 190 -33.53 2.32 -5.91
CA ASP D 190 -33.79 3.02 -4.66
C ASP D 190 -33.05 2.24 -3.57
N PRO D 191 -31.84 2.71 -3.22
CA PRO D 191 -30.98 2.08 -2.20
C PRO D 191 -31.61 1.88 -0.83
N TRP D 192 -32.76 2.49 -0.59
CA TRP D 192 -33.44 2.33 0.69
C TRP D 192 -34.51 1.25 0.59
N ALA D 193 -34.73 0.76 -0.63
CA ALA D 193 -35.74 -0.27 -0.88
C ALA D 193 -35.15 -1.66 -0.99
N GLU D 194 -35.59 -2.55 -0.11
CA GLU D 194 -35.11 -3.92 -0.13
C GLU D 194 -35.51 -4.56 -1.46
N PRO D 195 -34.68 -5.47 -1.99
CA PRO D 195 -35.02 -6.12 -3.26
C PRO D 195 -36.35 -6.88 -3.11
N PRO D 196 -37.13 -7.00 -4.19
CA PRO D 196 -38.42 -7.70 -4.15
C PRO D 196 -38.36 -9.19 -3.77
N LYS D 197 -39.42 -9.67 -3.14
CA LYS D 197 -39.48 -11.08 -2.75
C LYS D 197 -39.46 -11.93 -4.00
N GLY D 198 -38.83 -13.09 -3.93
CA GLY D 198 -38.79 -13.98 -5.08
C GLY D 198 -37.87 -13.58 -6.22
N MET D 199 -37.07 -12.53 -6.03
CA MET D 199 -36.15 -12.08 -7.08
C MET D 199 -35.02 -13.06 -7.39
N PHE D 200 -34.39 -13.59 -6.33
CA PHE D 200 -33.26 -14.50 -6.50
C PHE D 200 -33.63 -15.81 -7.20
N ARG D 201 -32.75 -16.22 -8.10
CA ARG D 201 -32.94 -17.42 -8.90
C ARG D 201 -31.96 -18.55 -8.55
N MET D 202 -30.69 -18.19 -8.43
CA MET D 202 -29.63 -19.15 -8.16
C MET D 202 -29.62 -19.70 -6.73
N THR D 203 -30.11 -18.91 -5.77
CA THR D 203 -30.13 -19.38 -4.40
C THR D 203 -31.55 -19.49 -3.85
N GLN D 204 -31.77 -20.46 -2.98
CA GLN D 204 -33.07 -20.65 -2.39
C GLN D 204 -33.22 -19.73 -1.19
N ASP D 205 -34.34 -19.03 -1.13
CA ASP D 205 -34.61 -18.14 -0.02
C ASP D 205 -34.27 -18.84 1.29
N PRO D 206 -33.36 -18.25 2.08
CA PRO D 206 -32.91 -18.80 3.36
C PRO D 206 -34.03 -19.25 4.30
N GLU D 207 -35.17 -18.58 4.22
CA GLU D 207 -36.29 -18.92 5.09
C GLU D 207 -36.99 -20.20 4.62
N GLU D 208 -36.56 -20.71 3.48
CA GLU D 208 -37.12 -21.94 2.91
C GLU D 208 -36.02 -22.99 2.77
N ALA D 209 -34.85 -22.69 3.32
CA ALA D 209 -33.71 -23.59 3.23
C ALA D 209 -33.80 -24.65 4.34
N PRO D 210 -33.13 -25.81 4.14
CA PRO D 210 -33.12 -26.93 5.10
C PRO D 210 -32.92 -26.51 6.56
N ASP D 211 -33.58 -27.22 7.47
CA ASP D 211 -33.48 -26.93 8.91
C ASP D 211 -32.21 -27.50 9.51
N ALA D 212 -31.64 -28.49 8.82
CA ALA D 212 -30.42 -29.10 9.31
C ALA D 212 -29.24 -28.51 8.55
N PRO D 213 -28.22 -28.05 9.29
CA PRO D 213 -27.05 -27.49 8.61
C PRO D 213 -26.45 -28.61 7.77
N GLU D 214 -25.67 -28.24 6.77
CA GLU D 214 -25.02 -29.21 5.91
C GLU D 214 -23.53 -28.90 5.90
N TYR D 215 -22.70 -29.93 6.04
CA TYR D 215 -21.26 -29.73 6.03
C TYR D 215 -20.73 -30.07 4.66
N VAL D 216 -19.71 -29.32 4.23
CA VAL D 216 -19.08 -29.57 2.94
C VAL D 216 -17.58 -29.35 3.08
N GLU D 217 -16.80 -30.18 2.39
CA GLU D 217 -15.36 -30.07 2.44
C GLU D 217 -14.80 -29.77 1.07
N VAL D 218 -13.93 -28.77 0.98
CA VAL D 218 -13.33 -28.39 -0.29
C VAL D 218 -11.83 -28.58 -0.21
N GLU D 219 -11.29 -29.33 -1.16
CA GLU D 219 -9.86 -29.59 -1.20
C GLU D 219 -9.18 -28.60 -2.12
N PHE D 220 -8.10 -28.00 -1.65
CA PHE D 220 -7.35 -27.07 -2.48
C PHE D 220 -5.99 -27.66 -2.79
N PHE D 221 -5.53 -27.45 -4.02
CA PHE D 221 -4.21 -27.92 -4.40
C PHE D 221 -3.49 -26.77 -5.09
N GLU D 222 -2.37 -26.36 -4.51
CA GLU D 222 -1.56 -25.27 -5.05
C GLU D 222 -2.36 -24.03 -5.46
N GLY D 223 -3.35 -23.66 -4.64
CA GLY D 223 -4.11 -22.46 -4.93
C GLY D 223 -5.50 -22.61 -5.55
N ASP D 224 -5.78 -23.75 -6.17
CA ASP D 224 -7.09 -23.94 -6.77
C ASP D 224 -7.86 -25.10 -6.16
N PRO D 225 -9.20 -24.98 -6.09
CA PRO D 225 -10.05 -26.03 -5.53
C PRO D 225 -10.10 -27.21 -6.51
N VAL D 226 -9.81 -28.41 -6.01
CA VAL D 226 -9.79 -29.59 -6.86
C VAL D 226 -10.81 -30.68 -6.54
N ALA D 227 -11.45 -30.59 -5.37
CA ALA D 227 -12.43 -31.60 -5.00
C ALA D 227 -13.45 -31.09 -4.00
N VAL D 228 -14.62 -31.74 -3.97
CA VAL D 228 -15.70 -31.41 -3.06
C VAL D 228 -16.16 -32.70 -2.41
N ASN D 229 -16.09 -32.74 -1.07
CA ASN D 229 -16.47 -33.93 -0.32
C ASN D 229 -15.78 -35.18 -0.86
N GLY D 230 -14.50 -35.05 -1.17
CA GLY D 230 -13.73 -36.16 -1.67
C GLY D 230 -13.84 -36.46 -3.15
N GLU D 231 -14.74 -35.77 -3.84
CA GLU D 231 -14.89 -36.00 -5.28
C GLU D 231 -14.10 -35.01 -6.11
N ARG D 232 -13.14 -35.51 -6.89
CA ARG D 232 -12.34 -34.64 -7.74
C ARG D 232 -13.26 -34.13 -8.84
N LEU D 233 -13.33 -32.81 -8.99
CA LEU D 233 -14.17 -32.23 -10.05
C LEU D 233 -13.38 -31.21 -10.84
N SER D 234 -13.65 -31.13 -12.14
CA SER D 234 -12.98 -30.17 -13.00
C SER D 234 -13.44 -28.80 -12.51
N PRO D 235 -12.74 -27.72 -12.93
CA PRO D 235 -13.10 -26.37 -12.50
C PRO D 235 -14.59 -25.99 -12.61
N ALA D 236 -15.16 -26.13 -13.81
CA ALA D 236 -16.58 -25.77 -14.01
C ALA D 236 -17.53 -26.69 -13.22
N ALA D 237 -17.25 -27.99 -13.25
CA ALA D 237 -18.05 -28.97 -12.53
C ALA D 237 -17.96 -28.71 -11.03
N LEU D 238 -16.79 -28.25 -10.59
CA LEU D 238 -16.61 -27.97 -9.17
C LEU D 238 -17.40 -26.72 -8.75
N LEU D 239 -17.35 -25.67 -9.58
CA LEU D 239 -18.10 -24.45 -9.25
C LEU D 239 -19.58 -24.78 -9.29
N GLN D 240 -19.97 -25.60 -10.25
CA GLN D 240 -21.37 -26.00 -10.42
C GLN D 240 -21.84 -26.74 -9.16
N ARG D 241 -21.08 -27.75 -8.75
CA ARG D 241 -21.43 -28.53 -7.58
C ARG D 241 -21.63 -27.63 -6.36
N LEU D 242 -20.71 -26.70 -6.13
CA LEU D 242 -20.81 -25.80 -4.99
C LEU D 242 -21.94 -24.78 -5.14
N ASN D 243 -22.39 -24.53 -6.36
CA ASN D 243 -23.50 -23.61 -6.53
C ASN D 243 -24.75 -24.35 -6.05
N GLU D 244 -24.83 -25.64 -6.35
CA GLU D 244 -25.96 -26.48 -5.95
C GLU D 244 -26.04 -26.58 -4.43
N ILE D 245 -24.94 -27.00 -3.82
CA ILE D 245 -24.89 -27.14 -2.37
C ILE D 245 -25.19 -25.80 -1.69
N GLY D 246 -24.54 -24.74 -2.13
CA GLY D 246 -24.75 -23.44 -1.52
C GLY D 246 -26.10 -22.81 -1.83
N GLY D 247 -26.55 -22.93 -3.07
CA GLY D 247 -27.83 -22.34 -3.45
C GLY D 247 -28.94 -22.92 -2.59
N ARG D 248 -28.91 -24.25 -2.46
CA ARG D 248 -29.88 -24.98 -1.65
C ARG D 248 -30.03 -24.31 -0.30
N HIS D 249 -28.93 -23.80 0.24
CA HIS D 249 -28.98 -23.17 1.55
C HIS D 249 -29.13 -21.66 1.54
N GLY D 250 -29.24 -21.08 0.35
CA GLY D 250 -29.42 -19.65 0.21
C GLY D 250 -28.18 -18.81 0.51
N VAL D 251 -27.01 -19.42 0.36
CA VAL D 251 -25.76 -18.74 0.65
C VAL D 251 -25.25 -17.75 -0.40
N GLY D 252 -24.54 -16.73 0.07
CA GLY D 252 -23.92 -15.77 -0.82
C GLY D 252 -24.70 -14.61 -1.41
N ARG D 253 -25.60 -14.02 -0.62
CA ARG D 253 -26.40 -12.90 -1.08
C ARG D 253 -25.80 -11.58 -0.58
N VAL D 254 -25.56 -10.66 -1.52
CA VAL D 254 -24.97 -9.35 -1.23
C VAL D 254 -25.80 -8.21 -1.83
N ASP D 255 -25.91 -7.12 -1.09
CA ASP D 255 -26.66 -5.93 -1.50
C ASP D 255 -25.81 -4.68 -1.21
N ILE D 256 -25.31 -4.04 -2.26
CA ILE D 256 -24.46 -2.87 -2.06
C ILE D 256 -24.65 -1.72 -3.05
N VAL D 257 -24.26 -0.53 -2.65
CA VAL D 257 -24.28 0.63 -3.54
C VAL D 257 -22.80 0.76 -3.89
N GLU D 258 -22.44 0.40 -5.12
CA GLU D 258 -21.06 0.43 -5.60
C GLU D 258 -20.71 1.63 -6.48
N ASN D 259 -19.41 1.86 -6.65
CA ASN D 259 -18.91 2.95 -7.47
C ASN D 259 -18.48 2.40 -8.84
N ARG D 260 -19.19 2.78 -9.90
CA ARG D 260 -18.81 2.31 -11.23
C ARG D 260 -17.55 3.05 -11.65
N PHE D 261 -16.81 2.45 -12.56
CA PHE D 261 -15.59 3.05 -13.06
C PHE D 261 -15.90 4.36 -13.79
N VAL D 262 -17.13 4.47 -14.30
CA VAL D 262 -17.50 5.65 -15.04
C VAL D 262 -17.96 6.84 -14.19
N GLY D 263 -17.88 6.73 -12.87
CA GLY D 263 -18.25 7.87 -12.04
C GLY D 263 -19.40 7.86 -11.06
N MET D 264 -20.51 7.19 -11.37
CA MET D 264 -21.64 7.19 -10.44
C MET D 264 -21.83 5.93 -9.61
N LYS D 265 -22.57 6.08 -8.52
CA LYS D 265 -22.89 4.98 -7.63
C LYS D 265 -24.09 4.24 -8.21
N SER D 266 -24.10 2.92 -8.04
CA SER D 266 -25.17 2.09 -8.55
C SER D 266 -25.55 1.06 -7.49
N ARG D 267 -26.84 0.81 -7.33
CA ARG D 267 -27.30 -0.17 -6.33
C ARG D 267 -27.33 -1.55 -6.97
N GLY D 268 -26.47 -2.44 -6.47
CA GLY D 268 -26.40 -3.79 -7.00
C GLY D 268 -26.67 -4.88 -5.98
N VAL D 269 -27.29 -5.96 -6.45
CA VAL D 269 -27.61 -7.10 -5.61
C VAL D 269 -27.03 -8.33 -6.30
N TYR D 270 -26.30 -9.15 -5.54
CA TYR D 270 -25.66 -10.33 -6.13
C TYR D 270 -25.80 -11.63 -5.33
N GLU D 271 -25.87 -12.74 -6.04
CA GLU D 271 -25.95 -14.03 -5.39
C GLU D 271 -24.80 -14.85 -5.95
N THR D 272 -23.90 -15.26 -5.06
CA THR D 272 -22.71 -16.01 -5.46
C THR D 272 -22.51 -17.22 -4.55
N PRO D 273 -23.45 -18.17 -4.55
CA PRO D 273 -23.35 -19.37 -3.71
C PRO D 273 -22.00 -20.09 -3.70
N GLY D 274 -21.65 -20.75 -4.81
CA GLY D 274 -20.40 -21.47 -4.88
C GLY D 274 -19.15 -20.63 -4.63
N GLY D 275 -19.17 -19.40 -5.13
CA GLY D 275 -18.04 -18.52 -4.96
C GLY D 275 -17.84 -18.06 -3.53
N THR D 276 -18.93 -17.89 -2.79
CA THR D 276 -18.84 -17.46 -1.40
C THR D 276 -18.28 -18.59 -0.55
N ILE D 277 -18.63 -19.82 -0.92
CA ILE D 277 -18.12 -20.97 -0.18
C ILE D 277 -16.62 -21.03 -0.47
N LEU D 278 -16.25 -20.84 -1.73
CA LEU D 278 -14.85 -20.86 -2.12
C LEU D 278 -14.06 -19.76 -1.45
N TYR D 279 -14.63 -18.57 -1.37
CA TYR D 279 -13.93 -17.47 -0.73
C TYR D 279 -13.47 -17.86 0.67
N HIS D 280 -14.41 -18.35 1.48
CA HIS D 280 -14.14 -18.75 2.85
C HIS D 280 -13.32 -20.03 3.00
N ALA D 281 -13.50 -20.98 2.07
CA ALA D 281 -12.76 -22.23 2.12
C ALA D 281 -11.27 -21.93 1.86
N ARG D 282 -11.03 -21.04 0.89
CA ARG D 282 -9.66 -20.65 0.56
C ARG D 282 -8.96 -20.04 1.76
N ARG D 283 -9.59 -19.07 2.38
CA ARG D 283 -8.97 -18.42 3.52
C ARG D 283 -8.73 -19.40 4.64
N ALA D 284 -9.63 -20.37 4.80
CA ALA D 284 -9.47 -21.37 5.85
C ALA D 284 -8.18 -22.15 5.62
N VAL D 285 -7.96 -22.60 4.39
CA VAL D 285 -6.76 -23.34 4.07
C VAL D 285 -5.54 -22.42 4.14
N GLU D 286 -5.70 -21.16 3.73
CA GLU D 286 -4.60 -20.20 3.78
C GLU D 286 -4.17 -19.95 5.23
N SER D 287 -5.11 -20.06 6.17
CA SER D 287 -4.81 -19.82 7.58
C SER D 287 -3.79 -20.81 8.15
N LEU D 288 -3.61 -21.95 7.50
CA LEU D 288 -2.64 -22.93 7.95
C LEU D 288 -1.43 -22.98 7.04
N THR D 289 -1.61 -22.60 5.78
CA THR D 289 -0.53 -22.68 4.81
C THR D 289 0.22 -21.40 4.42
N LEU D 290 -0.28 -20.25 4.83
CA LEU D 290 0.40 -19.01 4.48
C LEU D 290 1.05 -18.32 5.67
N ASP D 291 2.27 -17.85 5.44
CA ASP D 291 3.01 -17.15 6.47
C ASP D 291 2.33 -15.82 6.79
N ARG D 292 2.42 -15.43 8.06
CA ARG D 292 1.81 -14.21 8.55
C ARG D 292 2.06 -12.94 7.72
N GLU D 293 3.33 -12.64 7.49
CA GLU D 293 3.68 -11.45 6.74
C GLU D 293 3.24 -11.53 5.28
N VAL D 294 3.31 -12.73 4.70
CA VAL D 294 2.89 -12.93 3.33
C VAL D 294 1.41 -12.58 3.26
N LEU D 295 0.62 -13.17 4.16
CA LEU D 295 -0.81 -12.92 4.21
C LEU D 295 -1.13 -11.43 4.35
N HIS D 296 -0.53 -10.78 5.34
CA HIS D 296 -0.78 -9.36 5.57
C HIS D 296 -0.50 -8.50 4.33
N GLN D 297 0.57 -8.81 3.60
CA GLN D 297 0.93 -8.06 2.42
C GLN D 297 -0.07 -8.38 1.30
N ARG D 298 -0.37 -9.66 1.14
CA ARG D 298 -1.30 -10.12 0.12
C ARG D 298 -2.66 -9.45 0.30
N ASP D 299 -3.15 -9.40 1.54
CA ASP D 299 -4.45 -8.79 1.82
C ASP D 299 -4.52 -7.31 1.52
N MET D 300 -3.39 -6.60 1.60
CA MET D 300 -3.39 -5.17 1.32
C MET D 300 -3.32 -4.88 -0.18
N LEU D 301 -3.00 -5.91 -0.97
CA LEU D 301 -2.94 -5.78 -2.41
C LEU D 301 -4.23 -6.26 -3.08
N SER D 302 -4.92 -7.19 -2.41
CA SER D 302 -6.17 -7.72 -2.94
C SER D 302 -7.13 -6.67 -3.46
N PRO D 303 -7.41 -5.62 -2.67
CA PRO D 303 -8.33 -4.56 -3.09
C PRO D 303 -7.98 -3.89 -4.42
N LYS D 304 -6.69 -3.72 -4.67
CA LYS D 304 -6.20 -3.10 -5.90
C LYS D 304 -6.48 -4.00 -7.10
N TYR D 305 -6.13 -5.27 -6.96
CA TYR D 305 -6.35 -6.25 -8.01
C TYR D 305 -7.85 -6.26 -8.33
N ALA D 306 -8.67 -6.17 -7.28
CA ALA D 306 -10.12 -6.18 -7.44
C ALA D 306 -10.61 -5.03 -8.30
N GLU D 307 -10.16 -3.81 -8.00
CA GLU D 307 -10.61 -2.68 -8.79
C GLU D 307 -10.13 -2.81 -10.23
N LEU D 308 -8.96 -3.42 -10.43
CA LEU D 308 -8.46 -3.62 -11.79
C LEU D 308 -9.43 -4.52 -12.54
N VAL D 309 -9.83 -5.63 -11.90
CA VAL D 309 -10.78 -6.55 -12.52
C VAL D 309 -12.11 -5.85 -12.77
N TYR D 310 -12.56 -5.08 -11.78
CA TYR D 310 -13.83 -4.36 -11.89
C TYR D 310 -13.83 -3.32 -13.01
N TYR D 311 -12.74 -2.58 -13.13
CA TYR D 311 -12.63 -1.54 -14.15
C TYR D 311 -12.49 -2.10 -15.55
N GLY D 312 -11.97 -3.32 -15.65
CA GLY D 312 -11.81 -3.94 -16.94
C GLY D 312 -10.37 -4.14 -17.36
N PHE D 313 -9.42 -3.91 -16.46
CA PHE D 313 -8.02 -4.10 -16.82
C PHE D 313 -7.57 -5.53 -16.56
N TRP D 314 -8.13 -6.48 -17.31
CA TRP D 314 -7.76 -7.88 -17.15
C TRP D 314 -6.52 -8.18 -17.99
N TYR D 315 -6.58 -7.85 -19.28
CA TYR D 315 -5.41 -8.04 -20.14
C TYR D 315 -4.63 -6.74 -20.11
N ALA D 316 -4.12 -6.42 -18.93
CA ALA D 316 -3.34 -5.22 -18.67
C ALA D 316 -2.11 -5.63 -17.86
N PRO D 317 -0.96 -5.00 -18.12
CA PRO D 317 0.30 -5.31 -17.44
C PRO D 317 0.31 -5.25 -15.91
N GLU D 318 -0.46 -4.34 -15.31
CA GLU D 318 -0.51 -4.22 -13.86
C GLU D 318 -1.18 -5.43 -13.22
N ARG D 319 -2.27 -5.88 -13.84
CA ARG D 319 -3.00 -7.02 -13.32
C ARG D 319 -2.16 -8.28 -13.44
N GLU D 320 -1.52 -8.44 -14.60
CA GLU D 320 -0.68 -9.61 -14.82
C GLU D 320 0.54 -9.62 -13.90
N ALA D 321 1.03 -8.43 -13.54
CA ALA D 321 2.17 -8.29 -12.63
C ALA D 321 1.72 -8.70 -11.23
N LEU D 322 0.56 -8.19 -10.82
CA LEU D 322 0.03 -8.55 -9.52
C LEU D 322 -0.26 -10.05 -9.51
N GLN D 323 -0.74 -10.57 -10.62
CA GLN D 323 -1.07 -11.99 -10.72
C GLN D 323 0.14 -12.86 -10.40
N ALA D 324 1.32 -12.41 -10.79
CA ALA D 324 2.54 -13.17 -10.53
C ALA D 324 2.78 -13.28 -9.02
N TYR D 325 2.48 -12.21 -8.29
CA TYR D 325 2.64 -12.20 -6.83
C TYR D 325 1.61 -13.14 -6.21
N PHE D 326 0.35 -12.96 -6.61
CA PHE D 326 -0.74 -13.78 -6.08
C PHE D 326 -0.56 -15.26 -6.39
N ASP D 327 -0.17 -15.59 -7.62
CA ASP D 327 0.03 -16.98 -7.98
C ASP D 327 1.18 -17.59 -7.15
N HIS D 328 2.21 -16.80 -6.91
CA HIS D 328 3.37 -17.26 -6.14
C HIS D 328 2.92 -17.65 -4.72
N VAL D 329 2.14 -16.78 -4.10
CA VAL D 329 1.63 -17.02 -2.75
C VAL D 329 0.63 -18.19 -2.72
N ALA D 330 -0.26 -18.23 -3.71
CA ALA D 330 -1.31 -19.25 -3.83
C ALA D 330 -0.78 -20.68 -3.95
N ARG D 331 0.42 -20.80 -4.49
CA ARG D 331 1.06 -22.09 -4.70
C ARG D 331 1.17 -22.91 -3.40
N SER D 332 1.19 -22.23 -2.26
CA SER D 332 1.29 -22.92 -0.97
C SER D 332 -0.08 -23.37 -0.44
N VAL D 333 -1.15 -22.81 -0.99
CA VAL D 333 -2.50 -23.13 -0.53
C VAL D 333 -2.96 -24.54 -0.93
N THR D 334 -2.55 -25.52 -0.15
CA THR D 334 -2.89 -26.92 -0.38
C THR D 334 -3.43 -27.51 0.92
N GLY D 335 -4.65 -28.01 0.87
CA GLY D 335 -5.26 -28.58 2.06
C GLY D 335 -6.76 -28.70 1.93
N VAL D 336 -7.45 -28.83 3.06
CA VAL D 336 -8.89 -28.99 3.07
C VAL D 336 -9.62 -28.08 4.06
N ALA D 337 -10.70 -27.47 3.58
CA ALA D 337 -11.52 -26.60 4.39
C ALA D 337 -12.85 -27.34 4.64
N ARG D 338 -13.36 -27.26 5.86
CA ARG D 338 -14.64 -27.87 6.21
C ARG D 338 -15.55 -26.73 6.64
N LEU D 339 -16.65 -26.57 5.93
CA LEU D 339 -17.58 -25.48 6.21
C LEU D 339 -18.96 -25.98 6.53
N LYS D 340 -19.69 -25.21 7.32
CA LYS D 340 -21.05 -25.54 7.72
C LYS D 340 -21.99 -24.52 7.08
N LEU D 341 -22.95 -25.02 6.32
CA LEU D 341 -23.92 -24.16 5.65
C LEU D 341 -25.28 -24.23 6.36
N TYR D 342 -25.82 -23.07 6.69
CA TYR D 342 -27.12 -23.02 7.37
C TYR D 342 -27.87 -21.72 7.09
N LYS D 343 -29.04 -21.85 6.45
CA LYS D 343 -29.90 -20.71 6.12
C LYS D 343 -29.17 -19.42 5.75
N GLY D 344 -28.66 -19.37 4.52
CA GLY D 344 -27.96 -18.19 4.03
C GLY D 344 -26.52 -17.95 4.45
N ASN D 345 -26.10 -18.55 5.56
CA ASN D 345 -24.75 -18.35 6.06
C ASN D 345 -23.76 -19.49 5.85
N VAL D 346 -22.47 -19.14 5.76
CA VAL D 346 -21.39 -20.11 5.57
C VAL D 346 -20.48 -20.03 6.79
N TYR D 347 -20.27 -21.15 7.48
CA TYR D 347 -19.41 -21.13 8.66
C TYR D 347 -18.23 -22.07 8.52
N VAL D 348 -17.03 -21.53 8.71
CA VAL D 348 -15.83 -22.35 8.68
C VAL D 348 -15.83 -23.04 10.04
N VAL D 349 -15.66 -24.37 10.06
CA VAL D 349 -15.62 -25.09 11.32
C VAL D 349 -14.38 -25.94 11.47
N GLY D 350 -13.58 -26.01 10.41
CA GLY D 350 -12.36 -26.79 10.47
C GLY D 350 -11.50 -26.70 9.22
N ARG D 351 -10.20 -26.96 9.36
CA ARG D 351 -9.27 -26.91 8.25
C ARG D 351 -8.02 -27.73 8.54
N LYS D 352 -7.47 -28.34 7.51
CA LYS D 352 -6.26 -29.13 7.65
C LYS D 352 -5.41 -28.97 6.41
N ALA D 353 -4.12 -29.29 6.53
CA ALA D 353 -3.20 -29.16 5.41
C ALA D 353 -1.98 -30.04 5.60
N PRO D 354 -1.51 -30.66 4.51
CA PRO D 354 -0.33 -31.53 4.56
C PRO D 354 0.86 -30.77 5.16
N LYS D 355 1.00 -29.51 4.75
CA LYS D 355 2.11 -28.68 5.23
C LYS D 355 1.66 -27.55 6.14
N SER D 356 0.70 -27.84 7.01
CA SER D 356 0.19 -26.85 7.95
C SER D 356 1.30 -26.25 8.78
N LEU D 357 1.27 -24.93 8.95
CA LEU D 357 2.29 -24.24 9.74
C LEU D 357 1.84 -24.15 11.20
N TYR D 358 0.64 -24.65 11.48
CA TYR D 358 0.10 -24.63 12.82
C TYR D 358 0.82 -25.68 13.68
N ARG D 359 1.16 -25.30 14.90
CA ARG D 359 1.86 -26.21 15.82
C ARG D 359 1.23 -26.10 17.20
N GLN D 360 0.53 -27.14 17.62
CA GLN D 360 -0.10 -27.10 18.92
C GLN D 360 0.91 -26.97 20.04
N ASP D 361 2.10 -27.55 19.88
CA ASP D 361 3.07 -27.44 20.96
C ASP D 361 3.51 -26.00 21.20
N LEU D 362 3.16 -25.10 20.28
CA LEU D 362 3.52 -23.69 20.43
C LEU D 362 2.47 -22.92 21.23
N VAL D 363 1.28 -23.50 21.36
CA VAL D 363 0.20 -22.85 22.09
C VAL D 363 -0.21 -23.63 23.34
N SER D 364 0.08 -24.93 23.37
CA SER D 364 -0.28 -25.75 24.51
C SER D 364 0.41 -25.32 25.78
N PHE D 365 -0.22 -25.62 26.91
CA PHE D 365 0.36 -25.30 28.20
C PHE D 365 0.71 -26.61 28.88
N GLY D 370 8.16 -22.86 22.14
CA GLY D 370 8.96 -22.56 20.91
C GLY D 370 10.04 -21.59 21.26
N TYR D 371 9.96 -21.06 22.48
CA TYR D 371 10.93 -20.12 23.00
C TYR D 371 10.83 -20.06 24.52
N ASP D 372 11.85 -19.49 25.15
CA ASP D 372 11.88 -19.36 26.60
C ASP D 372 11.05 -18.15 26.99
N GLN D 373 10.72 -18.06 28.28
CA GLN D 373 9.92 -16.95 28.77
C GLN D 373 10.64 -15.62 28.66
N LYS D 374 11.94 -15.61 28.94
CA LYS D 374 12.69 -14.38 28.84
C LYS D 374 12.72 -13.87 27.39
N ASP D 375 12.54 -14.79 26.43
CA ASP D 375 12.57 -14.38 25.02
C ASP D 375 11.51 -13.34 24.74
N ALA D 376 10.30 -13.57 25.25
CA ALA D 376 9.22 -12.63 25.03
C ALA D 376 9.51 -11.28 25.68
N GLU D 377 10.18 -11.29 26.83
CA GLU D 377 10.52 -10.05 27.52
C GLU D 377 11.47 -9.20 26.66
N GLY D 378 12.45 -9.86 26.05
CA GLY D 378 13.40 -9.14 25.21
C GLY D 378 12.71 -8.59 23.96
N PHE D 379 11.79 -9.37 23.40
CA PHE D 379 11.05 -8.98 22.21
C PHE D 379 10.29 -7.71 22.54
N ILE D 380 9.61 -7.72 23.67
CA ILE D 380 8.83 -6.58 24.13
C ILE D 380 9.69 -5.36 24.40
N LYS D 381 10.80 -5.55 25.12
CA LYS D 381 11.69 -4.44 25.44
C LYS D 381 12.16 -3.74 24.16
N ILE D 382 12.63 -4.52 23.20
CA ILE D 382 13.11 -3.98 21.93
C ILE D 382 11.99 -3.28 21.14
N GLN D 383 10.81 -3.89 21.10
CA GLN D 383 9.68 -3.31 20.37
C GLN D 383 9.27 -1.98 21.01
N ALA D 384 9.46 -1.87 22.33
CA ALA D 384 9.06 -0.68 23.07
C ALA D 384 10.08 0.46 23.07
N LEU D 385 11.33 0.15 22.74
CA LEU D 385 12.38 1.16 22.76
C LEU D 385 12.00 2.51 22.14
N ARG D 386 11.56 2.52 20.88
CA ARG D 386 11.23 3.79 20.23
C ARG D 386 10.05 4.51 20.87
N LEU D 387 9.13 3.76 21.46
CA LEU D 387 7.98 4.38 22.12
C LEU D 387 8.46 5.06 23.40
N ARG D 388 9.36 4.40 24.13
CA ARG D 388 9.89 4.96 25.37
C ARG D 388 10.72 6.22 25.09
N VAL D 389 11.54 6.19 24.04
CA VAL D 389 12.35 7.37 23.70
C VAL D 389 11.39 8.50 23.35
N ARG D 390 10.34 8.17 22.59
CA ARG D 390 9.35 9.16 22.19
C ARG D 390 8.76 9.82 23.45
N ALA D 391 8.34 8.98 24.40
CA ALA D 391 7.76 9.47 25.65
C ALA D 391 8.74 10.35 26.42
N LEU D 392 9.97 9.87 26.55
CA LEU D 392 11.00 10.62 27.26
C LEU D 392 11.25 11.99 26.63
N VAL D 393 11.30 12.05 25.31
CA VAL D 393 11.54 13.33 24.63
C VAL D 393 10.38 14.27 24.91
N GLU D 394 9.16 13.73 24.90
CA GLU D 394 8.01 14.55 25.20
C GLU D 394 8.23 14.99 26.65
N ARG D 395 9.10 14.25 27.36
CA ARG D 395 9.38 14.51 28.78
C ARG D 395 8.36 15.43 29.38
#